data_2BIS
#
_entry.id   2BIS
#
_cell.length_a   202.985
_cell.length_b   73.973
_cell.length_c   148.221
_cell.angle_alpha   90.00
_cell.angle_beta   131.19
_cell.angle_gamma   90.00
#
_symmetry.space_group_name_H-M   'C 1 2 1'
#
loop_
_entity.id
_entity.type
_entity.pdbx_description
1 polymer 'GLGA GLYCOGEN SYNTHASE'
2 non-polymer alpha-D-glucopyranose
3 non-polymer '1,4-DIETHYLENE DIOXIDE'
4 non-polymer GLYCEROL
5 non-polymer "URIDINE-5'-DIPHOSPHATE"
#
_entity_poly.entity_id   1
_entity_poly.type   'polypeptide(L)'
_entity_poly.pdbx_seq_one_letter_code
;GSHMKVLLLGFEFLPVKVGGLAEALTAISEALASLGHEVLVFTPSHGRFQGEEIGKIRVFGEEVQVKVSYEERGNLRIYR
IGGGLLDSEDVYGPGWDGLIRKAVTFGRASVLLLNDLLREEPLPDVVHFHDWHTVFAGALIKKYFKIPAVFTIHRLNKSK
LPAFYFHEAGLSELAPYPDIDPEHTGGYIADIVTTVSRGYLIDEWGFFRNFEGKITYVFNGIDCSFWNESYLTGSRDERK
KSLLSKFGMDEGVTFMFIGRFDRGQKGVDVLLKAIEILSSKKEFQEMRFIIIGKGDPELEGWARSLEEKHGNVKVITEML
SREFVRELYGSVDFVIIPSYFEPFGLVALEAMCLGAIPIASAVGGLRDIITNETGILVKAGDPGELANAILKALELSRSD
LSKFRENCKKRAMSFSWEKSAERYVKAYTGSIDRAFDFIL
;
_entity_poly.pdbx_strand_id   A,B,C
#
# COMPACT_ATOMS: atom_id res chain seq x y z
N GLY A 1 14.10 -8.37 -2.05
CA GLY A 1 13.84 -7.02 -1.43
C GLY A 1 14.26 -6.74 0.03
N SER A 2 15.54 -6.95 0.35
CA SER A 2 16.16 -6.36 1.56
C SER A 2 16.68 -4.98 1.15
N HIS A 3 17.18 -4.91 -0.08
CA HIS A 3 17.61 -3.70 -0.77
C HIS A 3 16.43 -2.76 -0.96
N MET A 4 16.67 -1.48 -0.71
CA MET A 4 15.67 -0.46 -1.02
C MET A 4 16.28 0.88 -1.49
N LYS A 5 15.41 1.74 -2.00
CA LYS A 5 15.75 3.02 -2.58
C LYS A 5 15.18 4.14 -1.69
N VAL A 6 16.07 4.87 -1.05
CA VAL A 6 15.73 5.95 -0.13
C VAL A 6 15.98 7.30 -0.81
N LEU A 7 14.96 8.13 -0.89
CA LEU A 7 15.13 9.55 -1.19
C LEU A 7 15.26 10.40 0.10
N LEU A 8 16.44 10.99 0.27
CA LEU A 8 16.74 11.78 1.45
C LEU A 8 16.78 13.29 1.13
N LEU A 9 15.98 14.04 1.88
CA LEU A 9 15.86 15.50 1.78
C LEU A 9 16.49 16.15 3.01
N GLY A 10 17.59 16.84 2.79
CA GLY A 10 18.22 17.63 3.83
C GLY A 10 18.55 19.02 3.32
N PHE A 11 18.36 20.01 4.18
CA PHE A 11 18.53 21.40 3.78
C PHE A 11 19.97 21.85 3.86
N GLU A 12 20.83 21.04 4.48
CA GLU A 12 22.29 21.24 4.41
C GLU A 12 23.01 19.90 4.46
N PHE A 13 24.05 19.79 3.66
CA PHE A 13 24.70 18.53 3.40
C PHE A 13 26.13 18.90 3.11
N LEU A 14 27.09 18.04 3.44
CA LEU A 14 28.51 18.37 3.24
C LEU A 14 28.74 18.53 1.74
N PRO A 15 29.58 19.52 1.34
CA PRO A 15 30.51 20.32 2.12
C PRO A 15 29.93 21.58 2.76
N VAL A 16 28.61 21.78 2.67
CA VAL A 16 27.96 22.99 3.20
C VAL A 16 27.57 22.89 4.71
N LYS A 17 28.62 22.92 5.55
CA LYS A 17 28.50 23.01 7.02
C LYS A 17 27.77 24.27 7.46
N VAL A 18 27.00 24.15 8.55
CA VAL A 18 26.56 25.33 9.33
C VAL A 18 26.55 24.96 10.81
N GLY A 19 25.81 23.91 11.13
CA GLY A 19 25.96 23.23 12.40
C GLY A 19 26.52 21.88 12.06
N GLY A 20 26.11 20.87 12.82
CA GLY A 20 26.53 19.50 12.57
C GLY A 20 25.56 18.77 11.66
N LEU A 21 24.40 19.37 11.39
CA LEU A 21 23.37 18.75 10.57
C LEU A 21 23.95 18.30 9.24
N ALA A 22 24.74 19.16 8.63
CA ALA A 22 25.48 18.81 7.41
C ALA A 22 26.24 17.48 7.57
N GLU A 23 27.14 17.43 8.54
CA GLU A 23 27.94 16.22 8.84
C GLU A 23 27.06 15.00 9.20
N ALA A 24 25.98 15.27 9.94
CA ALA A 24 25.04 14.24 10.40
C ALA A 24 24.30 13.59 9.23
N LEU A 25 23.74 14.40 8.33
CA LEU A 25 23.06 13.86 7.15
C LEU A 25 23.99 13.17 6.15
N THR A 26 25.21 13.68 6.03
CA THR A 26 26.16 13.07 5.13
C THR A 26 26.50 11.69 5.67
N ALA A 27 26.57 11.57 6.99
CA ALA A 27 26.97 10.30 7.62
C ALA A 27 25.88 9.21 7.49
N ILE A 28 24.63 9.60 7.75
CA ILE A 28 23.48 8.72 7.63
C ILE A 28 23.41 8.21 6.22
N SER A 29 23.51 9.12 5.25
CA SER A 29 23.49 8.78 3.84
C SER A 29 24.53 7.78 3.49
N GLU A 30 25.76 8.04 3.93
CA GLU A 30 26.88 7.15 3.64
C GLU A 30 26.76 5.80 4.35
N ALA A 31 26.38 5.82 5.63
CA ALA A 31 26.15 4.56 6.34
C ALA A 31 25.04 3.77 5.64
N LEU A 32 24.07 4.48 5.11
CA LEU A 32 22.92 3.84 4.47
C LEU A 32 23.41 3.19 3.17
N ALA A 33 24.21 3.94 2.41
CA ALA A 33 24.75 3.49 1.12
C ALA A 33 25.61 2.24 1.28
N SER A 34 26.33 2.18 2.41
CA SER A 34 27.18 1.03 2.78
C SER A 34 26.44 -0.26 3.08
N LEU A 35 25.21 -0.17 3.56
CA LEU A 35 24.42 -1.38 3.79
C LEU A 35 23.89 -1.97 2.46
N GLY A 36 24.19 -1.31 1.34
CA GLY A 36 23.76 -1.77 0.03
C GLY A 36 22.46 -1.16 -0.45
N HIS A 37 22.00 -0.13 0.24
CA HIS A 37 20.79 0.55 -0.16
C HIS A 37 21.18 1.62 -1.14
N GLU A 38 20.29 1.90 -2.07
CA GLU A 38 20.54 2.91 -3.06
C GLU A 38 19.98 4.21 -2.47
N VAL A 39 20.84 5.21 -2.30
CA VAL A 39 20.48 6.42 -1.58
C VAL A 39 20.60 7.61 -2.51
N LEU A 40 19.52 8.34 -2.69
CA LEU A 40 19.54 9.57 -3.45
C LEU A 40 19.32 10.70 -2.44
N VAL A 41 20.12 11.76 -2.57
CA VAL A 41 20.00 12.92 -1.68
C VAL A 41 19.63 14.12 -2.50
N PHE A 42 18.61 14.85 -2.06
CA PHE A 42 18.29 16.15 -2.60
C PHE A 42 18.60 17.17 -1.51
N THR A 43 19.41 18.17 -1.84
CA THR A 43 19.75 19.29 -0.93
C THR A 43 19.91 20.53 -1.83
N PRO A 44 19.70 21.76 -1.28
CA PRO A 44 20.02 22.96 -2.12
C PRO A 44 21.53 23.16 -2.34
N SER A 45 21.93 23.94 -3.36
CA SER A 45 23.36 24.24 -3.60
C SER A 45 23.83 25.40 -2.75
N HIS A 46 22.92 26.33 -2.47
CA HIS A 46 23.22 27.55 -1.68
C HIS A 46 24.27 28.43 -2.38
N GLY A 47 24.30 28.33 -3.71
CA GLY A 47 25.26 29.00 -4.55
C GLY A 47 26.68 28.56 -4.30
N ARG A 48 26.87 27.32 -3.83
CA ARG A 48 28.21 26.70 -3.73
C ARG A 48 28.54 25.84 -4.94
N PHE A 49 27.52 25.51 -5.72
CA PHE A 49 27.71 24.78 -6.98
C PHE A 49 26.86 25.48 -8.02
N GLN A 50 27.32 25.50 -9.26
CA GLN A 50 26.41 25.86 -10.30
C GLN A 50 26.10 24.67 -11.17
N GLY A 51 24.82 24.46 -11.45
CA GLY A 51 24.38 23.24 -12.16
C GLY A 51 23.97 23.47 -13.59
N GLU A 52 23.62 22.37 -14.27
CA GLU A 52 22.85 22.44 -15.53
C GLU A 52 21.43 22.80 -15.21
N GLU A 53 20.88 23.76 -15.96
CA GLU A 53 19.45 23.99 -15.89
C GLU A 53 18.74 22.78 -16.50
N ILE A 54 17.64 22.40 -15.88
CA ILE A 54 16.88 21.26 -16.32
C ILE A 54 15.44 21.62 -16.50
N GLY A 55 15.05 22.81 -16.11
CA GLY A 55 13.67 23.19 -16.23
C GLY A 55 13.34 24.39 -15.42
N LYS A 56 12.20 24.98 -15.78
CA LYS A 56 11.70 26.18 -15.16
C LYS A 56 10.44 25.81 -14.43
N ILE A 57 10.23 26.42 -13.26
CA ILE A 57 9.01 26.25 -12.48
C ILE A 57 8.48 27.61 -12.11
N ARG A 58 7.19 27.70 -11.85
CA ARG A 58 6.61 28.92 -11.32
C ARG A 58 6.47 28.81 -9.80
N VAL A 59 6.93 29.85 -9.10
CA VAL A 59 6.86 29.95 -7.65
C VAL A 59 6.60 31.39 -7.25
N PHE A 60 5.65 31.62 -6.37
CA PHE A 60 5.32 32.97 -5.92
C PHE A 60 5.08 33.81 -7.16
N GLY A 61 4.15 33.33 -7.97
CA GLY A 61 3.90 33.88 -9.29
C GLY A 61 5.11 34.33 -10.08
N GLU A 62 6.18 33.53 -10.17
CA GLU A 62 7.27 33.87 -11.11
C GLU A 62 8.22 32.71 -11.47
N GLU A 63 8.62 32.66 -12.73
CA GLU A 63 9.28 31.50 -13.26
C GLU A 63 10.71 31.48 -12.76
N VAL A 64 11.26 30.29 -12.50
CA VAL A 64 12.63 30.16 -12.00
C VAL A 64 13.32 28.98 -12.66
N GLN A 65 14.57 29.20 -13.06
CA GLN A 65 15.33 28.23 -13.83
C GLN A 65 15.98 27.34 -12.81
N VAL A 66 15.48 26.12 -12.70
CA VAL A 66 16.00 25.16 -11.74
C VAL A 66 17.27 24.53 -12.33
N LYS A 67 18.37 24.60 -11.58
CA LYS A 67 19.70 24.02 -11.96
C LYS A 67 20.03 22.83 -11.07
N VAL A 68 20.91 21.94 -11.52
CA VAL A 68 21.36 20.80 -10.71
C VAL A 68 22.83 20.45 -10.88
N SER A 69 23.51 20.19 -9.76
CA SER A 69 24.83 19.57 -9.78
C SER A 69 24.82 18.18 -9.18
N TYR A 70 25.15 17.18 -10.02
CA TYR A 70 25.13 15.77 -9.63
C TYR A 70 26.53 15.26 -9.24
N GLU A 71 26.58 14.47 -8.18
CA GLU A 71 27.79 13.81 -7.73
C GLU A 71 27.41 12.40 -7.30
N GLU A 72 28.22 11.41 -7.63
CA GLU A 72 27.92 10.03 -7.31
C GLU A 72 29.13 9.42 -6.59
N ARG A 73 28.94 8.85 -5.40
CA ARG A 73 29.98 7.99 -4.78
C ARG A 73 29.40 6.69 -4.21
N GLY A 74 29.71 5.58 -4.86
CA GLY A 74 29.04 4.30 -4.60
C GLY A 74 27.52 4.42 -4.70
N ASN A 75 26.82 3.77 -3.77
CA ASN A 75 25.37 3.69 -3.86
C ASN A 75 24.69 5.01 -3.62
N LEU A 76 25.47 5.97 -3.13
CA LEU A 76 24.97 7.30 -2.81
C LEU A 76 25.00 8.17 -4.07
N ARG A 77 23.86 8.82 -4.35
CA ARG A 77 23.73 9.77 -5.45
C ARG A 77 23.20 11.12 -4.92
N ILE A 78 24.08 12.12 -5.01
CA ILE A 78 23.89 13.42 -4.37
C ILE A 78 23.48 14.47 -5.39
N TYR A 79 22.33 15.11 -5.17
CA TYR A 79 21.75 16.03 -6.16
C TYR A 79 21.60 17.44 -5.59
N ARG A 80 22.61 18.28 -5.81
CA ARG A 80 22.55 19.67 -5.35
C ARG A 80 21.74 20.59 -6.27
N ILE A 81 20.66 21.19 -5.77
CA ILE A 81 19.65 21.85 -6.60
C ILE A 81 19.71 23.36 -6.43
N GLY A 82 20.12 24.05 -7.49
CA GLY A 82 20.12 25.53 -7.53
C GLY A 82 18.87 26.10 -8.21
N GLY A 83 18.77 27.42 -8.26
CA GLY A 83 17.58 28.04 -8.85
C GLY A 83 17.44 29.46 -8.39
N GLY A 84 16.24 29.87 -7.98
CA GLY A 84 16.00 31.24 -7.57
C GLY A 84 16.67 31.47 -6.24
N LEU A 85 15.88 31.50 -5.18
CA LEU A 85 16.45 31.65 -3.85
C LEU A 85 17.45 30.55 -3.49
N LEU A 86 17.34 29.38 -4.11
CA LEU A 86 18.25 28.26 -3.81
C LEU A 86 19.71 28.58 -4.12
N ASP A 87 19.94 29.65 -4.87
CA ASP A 87 21.29 30.13 -5.14
C ASP A 87 21.87 30.98 -3.99
N SER A 88 21.01 31.54 -3.12
CA SER A 88 21.46 32.35 -1.97
C SER A 88 22.41 31.64 -1.03
N GLU A 89 23.51 32.31 -0.71
CA GLU A 89 24.57 31.74 0.14
C GLU A 89 24.22 31.71 1.63
N ASP A 90 23.29 32.58 2.04
CA ASP A 90 22.87 32.60 3.44
C ASP A 90 21.94 31.40 3.59
N VAL A 91 22.53 30.30 4.06
CA VAL A 91 21.89 28.98 4.09
C VAL A 91 20.54 29.08 4.74
N TYR A 92 20.52 29.54 5.97
CA TYR A 92 19.25 29.71 6.67
C TYR A 92 18.66 31.07 6.32
N GLY A 93 18.56 31.22 5.00
CA GLY A 93 17.59 32.06 4.35
C GLY A 93 18.07 33.46 4.24
N PRO A 94 17.78 34.14 3.12
CA PRO A 94 17.99 35.59 3.16
C PRO A 94 16.91 36.24 4.01
N GLY A 95 17.12 36.21 5.32
CA GLY A 95 16.11 36.65 6.30
C GLY A 95 14.94 35.68 6.42
N TRP A 96 14.09 35.91 7.41
CA TRP A 96 12.94 35.05 7.72
C TRP A 96 12.12 34.68 6.49
N ASP A 97 11.50 35.68 5.87
CA ASP A 97 10.68 35.44 4.67
C ASP A 97 11.51 34.84 3.54
N GLY A 98 12.80 35.15 3.51
CA GLY A 98 13.71 34.63 2.51
C GLY A 98 13.87 33.15 2.66
N LEU A 99 14.00 32.70 3.90
CA LEU A 99 14.22 31.29 4.20
C LEU A 99 13.03 30.45 3.80
N ILE A 100 11.85 30.93 4.19
CA ILE A 100 10.63 30.22 3.89
C ILE A 100 10.46 30.10 2.38
N ARG A 101 10.71 31.17 1.64
CA ARG A 101 10.50 31.15 0.20
C ARG A 101 11.45 30.21 -0.50
N LYS A 102 12.67 30.12 0.03
CA LYS A 102 13.68 29.18 -0.45
C LYS A 102 13.27 27.73 -0.16
N ALA A 103 12.52 27.52 0.92
CA ALA A 103 12.06 26.18 1.30
C ALA A 103 10.92 25.75 0.39
N VAL A 104 9.92 26.62 0.24
CA VAL A 104 8.84 26.46 -0.73
C VAL A 104 9.41 26.18 -2.14
N THR A 105 10.33 27.01 -2.60
CA THR A 105 11.05 26.74 -3.84
C THR A 105 11.60 25.33 -3.86
N PHE A 106 12.35 24.98 -2.80
CA PHE A 106 13.04 23.69 -2.73
C PHE A 106 12.05 22.54 -2.87
N GLY A 107 10.84 22.76 -2.33
CA GLY A 107 9.75 21.81 -2.53
C GLY A 107 9.46 21.57 -4.02
N ARG A 108 9.12 22.65 -4.73
CA ARG A 108 8.74 22.54 -6.13
C ARG A 108 9.88 22.07 -7.03
N ALA A 109 11.08 22.53 -6.74
CA ALA A 109 12.28 22.05 -7.42
C ALA A 109 12.47 20.58 -7.14
N SER A 110 12.21 20.15 -5.91
CA SER A 110 12.34 18.73 -5.56
C SER A 110 11.36 17.87 -6.35
N VAL A 111 10.13 18.36 -6.50
CA VAL A 111 9.17 17.63 -7.30
C VAL A 111 9.73 17.53 -8.72
N LEU A 112 10.03 18.67 -9.33
CA LEU A 112 10.52 18.67 -10.71
C LEU A 112 11.65 17.67 -10.95
N LEU A 113 12.59 17.58 -10.02
CA LEU A 113 13.78 16.75 -10.23
C LEU A 113 13.48 15.29 -10.08
N LEU A 114 12.63 14.98 -9.11
CA LEU A 114 12.18 13.62 -8.88
C LEU A 114 11.44 13.19 -10.15
N ASN A 115 10.41 13.94 -10.51
CA ASN A 115 9.68 13.75 -11.75
C ASN A 115 10.55 13.47 -12.99
N ASP A 116 11.71 14.08 -13.10
CA ASP A 116 12.55 13.85 -14.28
C ASP A 116 13.25 12.51 -14.19
N LEU A 117 13.63 12.12 -12.98
CA LEU A 117 14.35 10.88 -12.79
C LEU A 117 13.42 9.69 -13.00
N LEU A 118 12.12 9.93 -12.86
CA LEU A 118 11.10 8.89 -13.00
C LEU A 118 10.87 8.53 -14.45
N ARG A 119 11.33 9.38 -15.36
CA ARG A 119 11.39 9.02 -16.78
C ARG A 119 12.16 7.73 -17.01
N GLU A 120 13.12 7.44 -16.14
CA GLU A 120 13.97 6.27 -16.37
C GLU A 120 14.32 5.50 -15.11
N GLU A 121 13.59 5.71 -14.02
CA GLU A 121 13.87 5.00 -12.77
C GLU A 121 12.59 4.68 -12.06
N PRO A 122 12.63 3.65 -11.23
CA PRO A 122 11.48 3.43 -10.40
C PRO A 122 11.41 4.47 -9.27
N LEU A 123 10.24 4.56 -8.70
CA LEU A 123 9.94 5.38 -7.51
C LEU A 123 10.80 4.94 -6.32
N PRO A 124 11.28 5.87 -5.51
CA PRO A 124 12.01 5.33 -4.38
C PRO A 124 11.03 4.80 -3.35
N ASP A 125 11.49 3.84 -2.55
CA ASP A 125 10.67 3.13 -1.56
C ASP A 125 10.19 4.00 -0.41
N VAL A 126 10.93 5.08 -0.14
CA VAL A 126 10.63 6.00 0.97
C VAL A 126 11.26 7.37 0.69
N VAL A 127 10.60 8.41 1.18
CA VAL A 127 11.17 9.77 1.23
C VAL A 127 11.47 10.11 2.70
N HIS A 128 12.76 10.28 3.02
CA HIS A 128 13.19 10.54 4.38
C HIS A 128 13.59 12.00 4.43
N PHE A 129 12.78 12.84 5.07
CA PHE A 129 13.07 14.29 5.17
C PHE A 129 13.38 14.75 6.58
N HIS A 130 14.29 15.73 6.64
CA HIS A 130 14.94 16.15 7.86
C HIS A 130 14.67 17.61 8.18
N ASP A 131 14.16 17.84 9.39
CA ASP A 131 13.78 19.15 9.91
C ASP A 131 12.70 19.89 9.11
N TRP A 132 12.19 20.96 9.70
CA TRP A 132 11.02 21.63 9.16
C TRP A 132 11.28 22.23 7.78
N HIS A 133 12.49 22.69 7.53
CA HIS A 133 12.87 23.34 6.24
C HIS A 133 12.49 22.53 4.99
N THR A 134 12.52 21.20 5.11
CA THR A 134 12.20 20.28 4.01
C THR A 134 10.74 19.83 4.01
N VAL A 135 9.92 20.42 4.86
CA VAL A 135 8.50 20.02 4.92
C VAL A 135 7.75 20.23 3.59
N PHE A 136 8.04 21.34 2.95
CA PHE A 136 7.42 21.63 1.68
C PHE A 136 7.79 20.56 0.65
N ALA A 137 9.06 20.18 0.60
CA ALA A 137 9.47 19.11 -0.31
C ALA A 137 8.80 17.78 0.06
N GLY A 138 8.84 17.41 1.33
CA GLY A 138 8.27 16.14 1.80
C GLY A 138 6.79 16.06 1.53
N ALA A 139 6.05 17.01 2.06
CA ALA A 139 4.60 17.07 1.87
C ALA A 139 4.18 16.98 0.41
N LEU A 140 4.96 17.56 -0.50
CA LEU A 140 4.57 17.56 -1.91
C LEU A 140 4.83 16.19 -2.56
N ILE A 141 5.99 15.63 -2.25
CA ILE A 141 6.34 14.30 -2.71
C ILE A 141 5.37 13.26 -2.14
N LYS A 142 5.06 13.39 -0.85
CA LYS A 142 4.06 12.53 -0.23
C LYS A 142 2.65 12.69 -0.83
N LYS A 143 2.27 13.90 -1.18
CA LYS A 143 0.90 14.12 -1.64
C LYS A 143 0.70 13.65 -3.07
N TYR A 144 1.74 13.76 -3.89
CA TYR A 144 1.64 13.40 -5.31
C TYR A 144 2.07 11.97 -5.60
N PHE A 145 3.22 11.56 -5.09
CA PHE A 145 3.77 10.24 -5.40
C PHE A 145 3.37 9.18 -4.40
N LYS A 146 2.71 9.59 -3.33
CA LYS A 146 2.07 8.64 -2.42
C LYS A 146 3.02 7.55 -1.94
N ILE A 147 4.26 7.88 -1.63
CA ILE A 147 5.18 6.87 -1.14
C ILE A 147 5.35 7.01 0.38
N PRO A 148 5.85 5.96 1.05
CA PRO A 148 6.18 6.11 2.47
C PRO A 148 7.11 7.29 2.80
N ALA A 149 6.83 7.94 3.92
CA ALA A 149 7.53 9.13 4.35
C ALA A 149 7.87 9.10 5.83
N VAL A 150 9.13 9.39 6.09
CA VAL A 150 9.63 9.52 7.45
C VAL A 150 10.19 10.92 7.68
N PHE A 151 9.85 11.48 8.85
CA PHE A 151 10.20 12.84 9.25
C PHE A 151 11.07 12.76 10.49
N THR A 152 12.34 13.06 10.30
CA THR A 152 13.29 13.10 11.38
C THR A 152 13.43 14.55 11.83
N ILE A 153 13.32 14.77 13.13
CA ILE A 153 13.55 16.08 13.73
C ILE A 153 14.83 16.07 14.59
N HIS A 154 15.77 16.93 14.20
CA HIS A 154 17.05 17.03 14.88
C HIS A 154 17.02 18.05 15.98
N ARG A 155 15.99 18.87 15.96
CA ARG A 155 15.76 19.91 16.95
C ARG A 155 14.45 20.65 16.66
N LEU A 156 13.66 20.89 17.71
CA LEU A 156 12.43 21.66 17.61
C LEU A 156 12.72 23.15 17.57
N ASN A 157 12.49 23.76 16.41
CA ASN A 157 12.60 25.22 16.27
C ASN A 157 11.36 25.93 16.77
N LYS A 158 10.24 25.22 16.80
CA LYS A 158 9.14 25.59 17.67
C LYS A 158 8.50 26.92 17.32
N SER A 159 8.21 27.17 16.06
CA SER A 159 7.41 28.36 15.74
C SER A 159 6.37 28.12 14.65
N LYS A 160 5.74 29.19 14.17
CA LYS A 160 4.69 29.09 13.17
C LYS A 160 4.97 29.90 11.92
N LEU A 161 4.28 29.54 10.84
CA LEU A 161 4.43 30.20 9.55
C LEU A 161 3.07 30.73 9.10
N PRO A 162 3.07 31.87 8.40
CA PRO A 162 1.79 32.27 7.82
C PRO A 162 1.31 31.26 6.77
N ALA A 163 -0.01 31.09 6.69
CA ALA A 163 -0.63 30.15 5.77
C ALA A 163 -0.37 30.52 4.30
N PHE A 164 -0.07 31.79 4.07
CA PHE A 164 0.33 32.29 2.75
C PHE A 164 1.29 31.34 2.08
N TYR A 165 2.27 30.88 2.86
CA TYR A 165 3.37 30.11 2.30
C TYR A 165 2.95 28.72 1.82
N PHE A 166 2.06 28.10 2.58
CA PHE A 166 1.50 26.79 2.26
C PHE A 166 0.54 26.83 1.08
N HIS A 167 -0.07 27.99 0.86
CA HIS A 167 -0.93 28.20 -0.32
C HIS A 167 -0.11 28.27 -1.59
N GLU A 168 1.01 28.99 -1.51
CA GLU A 168 1.91 29.15 -2.64
C GLU A 168 2.59 27.84 -2.95
N ALA A 169 2.69 26.97 -1.95
CA ALA A 169 3.30 25.65 -2.10
C ALA A 169 2.36 24.67 -2.76
N GLY A 170 1.09 25.05 -2.87
CA GLY A 170 0.05 24.16 -3.35
C GLY A 170 -0.27 23.13 -2.29
N LEU A 171 -0.37 23.59 -1.04
CA LEU A 171 -0.61 22.72 0.12
C LEU A 171 -1.61 23.39 1.05
N SER A 172 -2.65 23.97 0.45
CA SER A 172 -3.69 24.71 1.19
C SER A 172 -4.46 23.81 2.15
N GLU A 173 -4.56 22.55 1.78
CA GLU A 173 -5.19 21.56 2.63
C GLU A 173 -4.46 21.45 3.98
N LEU A 174 -3.14 21.69 3.97
CA LEU A 174 -2.31 21.59 5.18
C LEU A 174 -2.29 22.84 6.05
N ALA A 175 -2.85 23.93 5.52
CA ALA A 175 -2.82 25.22 6.18
C ALA A 175 -4.22 25.73 6.37
N PRO A 176 -5.04 25.02 7.17
CA PRO A 176 -6.43 25.43 7.44
C PRO A 176 -6.53 26.54 8.48
N TYR A 177 -5.40 27.04 8.95
CA TYR A 177 -5.37 28.07 9.96
C TYR A 177 -4.60 29.24 9.41
N PRO A 178 -4.66 30.39 10.10
CA PRO A 178 -3.87 31.54 9.65
C PRO A 178 -2.36 31.35 9.83
N ASP A 179 -1.98 30.65 10.91
CA ASP A 179 -0.58 30.34 11.21
C ASP A 179 -0.45 28.85 11.46
N ILE A 180 0.65 28.28 10.96
CA ILE A 180 0.88 26.82 11.00
C ILE A 180 2.28 26.48 11.47
N ASP A 181 2.37 25.58 12.45
CA ASP A 181 3.66 25.00 12.86
C ASP A 181 4.11 24.04 11.78
N PRO A 182 5.24 24.32 11.14
CA PRO A 182 5.62 23.44 10.07
C PRO A 182 6.20 22.13 10.62
N GLU A 183 6.52 22.08 11.91
CA GLU A 183 6.97 20.84 12.52
C GLU A 183 5.79 19.91 12.78
N HIS A 184 4.63 20.48 13.06
CA HIS A 184 3.41 19.68 13.25
C HIS A 184 2.96 19.10 11.90
N THR A 185 3.08 19.89 10.84
CA THR A 185 2.76 19.45 9.48
C THR A 185 3.62 18.28 9.05
N GLY A 186 4.93 18.45 9.17
CA GLY A 186 5.85 17.35 8.86
C GLY A 186 5.39 16.05 9.50
N GLY A 187 5.15 16.07 10.80
CA GLY A 187 4.78 14.86 11.48
C GLY A 187 3.40 14.40 11.08
N TYR A 188 2.56 15.34 10.69
CA TYR A 188 1.20 14.98 10.40
C TYR A 188 1.10 14.14 9.10
N ILE A 189 1.91 14.45 8.10
CA ILE A 189 1.91 13.75 6.80
C ILE A 189 2.80 12.52 6.73
N ALA A 190 3.82 12.47 7.60
CA ALA A 190 4.72 11.32 7.67
C ALA A 190 4.01 10.12 8.27
N ASP A 191 4.49 8.94 7.87
CA ASP A 191 3.89 7.66 8.22
C ASP A 191 4.45 7.21 9.54
N ILE A 192 5.72 7.52 9.76
CA ILE A 192 6.32 7.47 11.07
C ILE A 192 7.32 8.62 11.26
N VAL A 193 7.58 8.96 12.52
CA VAL A 193 8.34 10.16 12.89
C VAL A 193 9.45 9.79 13.86
N THR A 194 10.64 10.34 13.61
CA THR A 194 11.76 10.11 14.51
C THR A 194 12.34 11.41 15.00
N THR A 195 12.87 11.33 16.20
CA THR A 195 13.86 12.27 16.63
C THR A 195 15.12 11.48 17.03
N VAL A 196 16.03 12.15 17.67
CA VAL A 196 17.47 11.85 17.58
C VAL A 196 18.06 11.24 18.87
N SER A 197 17.24 11.19 19.93
CA SER A 197 17.58 10.51 21.19
C SER A 197 16.29 10.23 21.91
N ARG A 198 16.33 9.22 22.76
CA ARG A 198 15.17 8.83 23.54
C ARG A 198 14.80 9.91 24.56
N GLY A 199 15.83 10.54 25.11
CA GLY A 199 15.66 11.50 26.19
C GLY A 199 15.10 12.82 25.72
N TYR A 200 15.51 13.27 24.53
CA TYR A 200 14.90 14.46 23.88
C TYR A 200 13.41 14.24 23.59
N LEU A 201 13.07 13.03 23.16
CA LEU A 201 11.70 12.60 22.98
C LEU A 201 10.89 12.68 24.28
N ILE A 202 11.48 12.25 25.39
CA ILE A 202 10.82 12.37 26.69
C ILE A 202 10.67 13.86 27.02
N ASP A 203 11.77 14.58 26.90
CA ASP A 203 11.82 15.99 27.26
C ASP A 203 10.78 16.78 26.50
N GLU A 204 10.72 16.59 25.18
CA GLU A 204 9.78 17.31 24.32
C GLU A 204 8.49 16.55 24.03
N TRP A 205 8.12 15.66 24.94
CA TRP A 205 6.95 14.82 24.73
C TRP A 205 5.65 15.62 24.52
N GLY A 206 5.54 16.75 25.22
CA GLY A 206 4.36 17.61 25.15
C GLY A 206 4.03 17.95 23.72
N PHE A 207 5.05 18.02 22.87
CA PHE A 207 4.85 18.15 21.42
C PHE A 207 4.78 16.79 20.70
N PHE A 208 5.76 15.91 20.93
CA PHE A 208 5.84 14.67 20.18
C PHE A 208 4.63 13.78 20.42
N ARG A 209 4.01 13.97 21.58
CA ARG A 209 2.77 13.26 21.95
C ARG A 209 1.67 13.37 20.88
N ASN A 210 1.75 14.39 20.04
CA ASN A 210 0.81 14.57 18.94
C ASN A 210 0.84 13.44 17.93
N PHE A 211 1.95 12.72 17.88
CA PHE A 211 2.14 11.63 16.94
C PHE A 211 2.37 10.32 17.64
N GLU A 212 2.00 10.28 18.91
CA GLU A 212 1.68 9.06 19.62
C GLU A 212 1.35 7.89 18.67
N GLY A 213 2.12 6.82 18.76
CA GLY A 213 1.88 5.66 17.89
C GLY A 213 2.73 5.64 16.63
N LYS A 214 2.97 6.80 16.02
CA LYS A 214 3.82 6.88 14.84
C LYS A 214 5.16 7.57 15.17
N ILE A 215 5.43 7.72 16.46
CA ILE A 215 6.61 8.48 16.90
C ILE A 215 7.62 7.61 17.60
N THR A 216 8.87 7.69 17.16
CA THR A 216 9.97 6.97 17.82
C THR A 216 11.25 7.79 17.80
N TYR A 217 12.35 7.17 18.18
CA TYR A 217 13.67 7.80 18.19
C TYR A 217 14.70 6.89 17.52
N VAL A 218 15.67 7.51 16.86
CA VAL A 218 16.75 6.80 16.19
C VAL A 218 18.03 7.61 16.45
N PHE A 219 18.95 7.06 17.26
CA PHE A 219 20.16 7.79 17.66
C PHE A 219 21.05 8.18 16.50
N ASN A 220 21.68 9.35 16.62
CA ASN A 220 22.81 9.67 15.73
C ASN A 220 23.98 8.78 16.13
N GLY A 221 25.06 8.88 15.36
CA GLY A 221 26.27 8.13 15.63
C GLY A 221 27.48 9.02 15.78
N ILE A 222 28.62 8.37 15.87
CA ILE A 222 29.93 9.02 15.85
C ILE A 222 30.83 8.16 14.97
N ASP A 223 31.71 8.78 14.20
CA ASP A 223 32.74 8.04 13.45
C ASP A 223 34.03 7.98 14.28
N CYS A 224 34.14 6.93 15.10
CA CYS A 224 35.29 6.76 15.99
C CYS A 224 36.59 6.33 15.29
N SER A 225 36.57 6.20 13.96
CA SER A 225 37.81 6.04 13.22
C SER A 225 38.62 7.37 13.17
N PHE A 226 37.95 8.52 13.04
CA PHE A 226 38.66 9.83 13.05
C PHE A 226 39.06 10.25 14.46
N TRP A 227 38.11 10.13 15.39
CA TRP A 227 38.32 10.54 16.78
C TRP A 227 38.92 9.38 17.51
N ASN A 228 40.19 9.13 17.21
CA ASN A 228 40.82 7.89 17.60
C ASN A 228 42.26 8.16 18.07
N GLU A 229 42.62 7.53 19.19
CA GLU A 229 43.93 7.73 19.83
C GLU A 229 45.12 7.31 19.00
N SER A 230 44.92 6.35 18.11
CA SER A 230 46.00 5.95 17.23
C SER A 230 46.75 7.17 16.61
N TYR A 231 46.02 8.26 16.32
CA TYR A 231 46.61 9.47 15.70
C TYR A 231 47.60 10.22 16.60
N LEU A 232 47.48 10.04 17.90
CA LEU A 232 48.33 10.70 18.86
C LEU A 232 49.53 9.83 19.23
N THR A 233 50.44 10.42 19.99
CA THR A 233 51.68 9.75 20.35
C THR A 233 52.13 10.26 21.71
N GLY A 234 52.60 9.33 22.54
CA GLY A 234 52.91 9.60 23.94
C GLY A 234 51.85 8.92 24.77
N SER A 235 52.07 8.86 26.08
CA SER A 235 51.04 8.38 27.02
C SER A 235 50.09 9.53 27.26
N ARG A 236 49.05 9.31 28.07
CA ARG A 236 48.08 10.37 28.36
C ARG A 236 48.76 11.47 29.14
N ASP A 237 49.51 11.09 30.16
CA ASP A 237 50.24 12.05 31.01
C ASP A 237 51.22 12.90 30.24
N GLU A 238 51.95 12.28 29.34
CA GLU A 238 52.92 13.00 28.52
C GLU A 238 52.21 14.04 27.65
N ARG A 239 51.13 13.64 26.98
CA ARG A 239 50.36 14.57 26.14
C ARG A 239 49.73 15.69 26.96
N LYS A 240 49.31 15.36 28.16
CA LYS A 240 48.64 16.29 29.05
C LYS A 240 49.63 17.25 29.70
N LYS A 241 50.72 16.70 30.22
CA LYS A 241 51.83 17.50 30.79
C LYS A 241 52.25 18.54 29.77
N SER A 242 52.48 18.06 28.55
CA SER A 242 52.91 18.87 27.42
C SER A 242 51.91 19.94 27.02
N LEU A 243 50.64 19.56 26.93
CA LEU A 243 49.60 20.52 26.56
C LEU A 243 49.38 21.57 27.64
N LEU A 244 49.41 21.14 28.89
CA LEU A 244 49.28 22.06 30.01
C LEU A 244 50.36 23.15 30.02
N SER A 245 51.61 22.79 29.75
CA SER A 245 52.67 23.80 29.65
C SER A 245 52.57 24.65 28.36
N LYS A 246 52.01 24.13 27.26
CA LYS A 246 51.73 24.98 26.10
C LYS A 246 50.87 26.19 26.52
N PHE A 247 50.15 26.06 27.63
CA PHE A 247 49.36 27.14 28.19
C PHE A 247 49.93 27.63 29.52
N GLY A 248 51.25 27.60 29.67
CA GLY A 248 51.89 28.10 30.87
C GLY A 248 51.26 27.59 32.16
N MET A 249 50.80 26.35 32.16
CA MET A 249 50.21 25.74 33.35
C MET A 249 50.90 24.42 33.68
N ASP A 250 51.15 24.19 34.96
CA ASP A 250 51.73 22.94 35.41
C ASP A 250 50.63 21.88 35.59
N GLU A 251 50.95 20.73 36.16
CA GLU A 251 50.07 19.55 36.18
C GLU A 251 48.96 19.55 37.25
N GLY A 252 47.78 19.14 36.78
CA GLY A 252 46.57 19.10 37.58
C GLY A 252 45.46 18.37 36.84
N VAL A 253 44.34 18.16 37.53
CA VAL A 253 43.19 17.49 36.96
C VAL A 253 42.53 18.47 35.99
N THR A 254 42.45 18.06 34.74
CA THR A 254 42.15 18.97 33.66
C THR A 254 40.74 18.72 33.14
N PHE A 255 39.93 19.78 33.18
CA PHE A 255 38.55 19.75 32.71
C PHE A 255 38.45 20.65 31.51
N MET A 256 37.65 20.26 30.52
CA MET A 256 37.44 21.15 29.38
C MET A 256 35.99 21.27 28.91
N PHE A 257 35.71 22.44 28.35
CA PHE A 257 34.41 22.80 27.81
C PHE A 257 34.63 23.26 26.40
N ILE A 258 33.85 22.75 25.47
CA ILE A 258 33.93 23.19 24.07
C ILE A 258 32.53 23.44 23.60
N GLY A 259 32.31 24.65 23.11
CA GLY A 259 30.99 25.03 22.68
C GLY A 259 30.84 26.52 22.61
N ARG A 260 29.74 26.91 22.00
CA ARG A 260 29.39 28.30 21.80
C ARG A 260 29.01 28.97 23.11
N PHE A 261 29.48 30.20 23.30
CA PHE A 261 29.03 31.01 24.43
C PHE A 261 27.72 31.66 23.99
N ASP A 262 26.62 31.18 24.53
CA ASP A 262 25.30 31.71 24.19
C ASP A 262 24.44 31.70 25.45
N ARG A 263 23.14 31.97 25.35
CA ARG A 263 22.37 32.40 26.52
C ARG A 263 21.69 31.32 27.37
N GLY A 264 20.82 30.53 26.78
CA GLY A 264 20.22 29.45 27.54
C GLY A 264 20.38 28.14 26.83
N GLN A 265 21.54 27.95 26.20
CA GLN A 265 21.77 26.78 25.34
C GLN A 265 22.85 25.83 25.91
N LYS A 266 24.12 26.19 25.71
CA LYS A 266 25.25 25.27 25.95
C LYS A 266 25.79 25.33 27.37
N GLY A 267 25.45 26.37 28.10
CA GLY A 267 25.63 26.39 29.54
C GLY A 267 26.96 26.86 30.06
N VAL A 268 27.65 27.70 29.30
CA VAL A 268 28.95 28.17 29.74
C VAL A 268 28.79 29.09 30.96
N ASP A 269 27.68 29.83 31.00
CA ASP A 269 27.26 30.57 32.19
C ASP A 269 27.27 29.72 33.44
N VAL A 270 26.74 28.50 33.33
CA VAL A 270 26.64 27.62 34.49
C VAL A 270 28.03 27.20 34.95
N LEU A 271 28.91 26.94 33.98
CA LEU A 271 30.29 26.59 34.29
C LEU A 271 31.08 27.74 34.90
N LEU A 272 30.91 28.94 34.37
CA LEU A 272 31.64 30.09 34.91
C LEU A 272 31.27 30.35 36.37
N LYS A 273 29.98 30.31 36.68
CA LYS A 273 29.51 30.46 38.05
C LYS A 273 30.03 29.33 38.92
N ALA A 274 30.03 28.13 38.36
CA ALA A 274 30.50 26.94 39.07
C ALA A 274 31.98 27.00 39.43
N ILE A 275 32.75 27.68 38.59
CA ILE A 275 34.16 27.91 38.85
C ILE A 275 34.34 28.93 39.98
N GLU A 276 33.58 30.03 39.95
CA GLU A 276 33.52 30.98 41.07
C GLU A 276 33.25 30.24 42.38
N ILE A 277 32.28 29.34 42.37
CA ILE A 277 31.98 28.55 43.55
C ILE A 277 33.19 27.75 44.01
N LEU A 278 33.84 27.09 43.08
CA LEU A 278 35.01 26.29 43.43
C LEU A 278 36.23 27.16 43.77
N SER A 279 36.42 28.31 43.09
CA SER A 279 37.64 29.15 43.23
C SER A 279 38.13 29.45 44.66
N SER A 280 37.29 29.19 45.67
CA SER A 280 37.62 29.45 47.06
C SER A 280 37.59 28.21 47.94
N LYS A 281 37.36 27.04 47.36
CA LYS A 281 37.53 25.77 48.09
C LYS A 281 39.03 25.45 48.07
N LYS A 282 39.46 24.59 48.98
CA LYS A 282 40.89 24.25 49.12
C LYS A 282 41.44 23.56 47.85
N GLU A 283 40.59 22.76 47.26
CA GLU A 283 40.99 21.79 46.25
C GLU A 283 41.08 22.41 44.86
N PHE A 284 40.77 23.70 44.76
CA PHE A 284 40.74 24.41 43.49
C PHE A 284 42.10 24.51 42.84
N GLN A 285 43.11 24.76 43.66
CA GLN A 285 44.51 24.78 43.25
C GLN A 285 44.90 23.52 42.47
N GLU A 286 44.30 22.38 42.81
CA GLU A 286 44.59 21.09 42.17
C GLU A 286 44.00 20.88 40.77
N MET A 287 43.18 21.82 40.29
CA MET A 287 42.38 21.62 39.08
C MET A 287 42.77 22.57 37.96
N ARG A 288 42.43 22.21 36.72
CA ARG A 288 42.72 23.04 35.56
C ARG A 288 41.51 23.12 34.64
N PHE A 289 41.24 24.30 34.09
CA PHE A 289 40.12 24.52 33.19
C PHE A 289 40.53 25.15 31.89
N ILE A 290 40.11 24.52 30.80
CA ILE A 290 40.29 25.05 29.45
C ILE A 290 38.94 25.27 28.83
N ILE A 291 38.58 26.53 28.62
CA ILE A 291 37.25 26.88 28.12
C ILE A 291 37.37 27.39 26.68
N ILE A 292 36.81 26.63 25.74
CA ILE A 292 36.97 26.88 24.31
C ILE A 292 35.67 27.27 23.61
N GLY A 293 35.72 28.30 22.77
CA GLY A 293 34.54 28.79 22.05
C GLY A 293 34.31 30.28 22.22
N LYS A 294 33.41 30.82 21.39
CA LYS A 294 33.04 32.24 21.43
C LYS A 294 31.58 32.48 21.16
N GLY A 295 31.18 33.73 21.36
CA GLY A 295 29.86 34.19 21.02
C GLY A 295 29.50 35.43 21.81
N ASP A 296 28.87 35.22 22.96
CA ASP A 296 28.30 36.31 23.73
C ASP A 296 29.40 37.19 24.31
N PRO A 297 29.38 38.50 24.01
CA PRO A 297 30.39 39.40 24.55
C PRO A 297 30.46 39.40 26.08
N GLU A 298 29.32 39.35 26.75
CA GLU A 298 29.31 39.41 28.20
C GLU A 298 29.95 38.17 28.81
N LEU A 299 29.65 37.00 28.25
CA LEU A 299 30.22 35.74 28.76
C LEU A 299 31.71 35.61 28.47
N GLU A 300 32.13 36.07 27.30
CA GLU A 300 33.54 36.22 26.97
C GLU A 300 34.26 37.10 27.99
N GLY A 301 33.66 38.24 28.30
CA GLY A 301 34.17 39.12 29.34
C GLY A 301 34.33 38.40 30.67
N TRP A 302 33.24 37.78 31.15
CA TRP A 302 33.27 36.97 32.36
C TRP A 302 34.39 35.92 32.27
N ALA A 303 34.45 35.20 31.15
CA ALA A 303 35.52 34.20 30.93
C ALA A 303 36.93 34.79 31.05
N ARG A 304 37.26 35.79 30.23
CA ARG A 304 38.55 36.51 30.35
C ARG A 304 38.84 37.04 31.76
N SER A 305 37.80 37.48 32.46
CA SER A 305 37.97 38.00 33.80
C SER A 305 38.46 36.90 34.71
N LEU A 306 37.79 35.76 34.69
CA LEU A 306 38.23 34.61 35.47
C LEU A 306 39.62 34.17 35.03
N GLU A 307 39.90 34.27 33.74
CA GLU A 307 41.22 33.96 33.24
C GLU A 307 42.29 34.89 33.85
N GLU A 308 42.02 36.20 33.84
CA GLU A 308 42.97 37.17 34.41
C GLU A 308 43.24 36.87 35.88
N LYS A 309 42.20 36.59 36.65
CA LYS A 309 42.40 36.39 38.09
C LYS A 309 42.67 34.93 38.51
N HIS A 310 43.01 34.05 37.55
CA HIS A 310 43.49 32.70 37.86
C HIS A 310 44.39 32.16 36.73
N GLY A 311 45.66 31.91 37.03
CA GLY A 311 46.58 31.32 36.05
C GLY A 311 46.20 29.87 35.84
N ASN A 312 45.58 29.33 36.87
CA ASN A 312 44.75 28.11 36.86
C ASN A 312 43.77 27.89 35.69
N VAL A 313 43.30 28.96 35.04
CA VAL A 313 42.22 28.91 34.05
C VAL A 313 42.64 29.60 32.76
N LYS A 314 42.53 28.90 31.64
CA LYS A 314 42.87 29.43 30.32
C LYS A 314 41.64 29.40 29.40
N VAL A 315 41.51 30.40 28.52
CA VAL A 315 40.35 30.54 27.61
C VAL A 315 40.82 30.67 26.16
N ILE A 316 40.03 30.16 25.22
CA ILE A 316 40.39 30.20 23.80
C ILE A 316 39.19 30.47 22.91
N THR A 317 39.19 31.64 22.28
CA THR A 317 38.09 32.04 21.40
C THR A 317 38.40 31.92 19.92
N GLU A 318 39.67 31.76 19.54
CA GLU A 318 39.99 31.56 18.11
C GLU A 318 39.55 30.15 17.75
N MET A 319 39.03 29.89 16.55
CA MET A 319 38.65 28.49 16.27
C MET A 319 39.88 27.70 15.88
N LEU A 320 39.74 26.38 15.98
CA LEU A 320 40.87 25.46 15.99
C LEU A 320 40.58 24.29 15.08
N SER A 321 41.64 23.59 14.70
CA SER A 321 41.57 22.43 13.82
C SER A 321 41.01 21.23 14.55
N ARG A 322 40.12 20.49 13.88
CA ARG A 322 39.69 19.13 14.28
C ARG A 322 40.81 18.31 14.92
N GLU A 323 41.96 18.41 14.27
CA GLU A 323 43.16 17.71 14.69
C GLU A 323 43.67 18.16 16.06
N PHE A 324 43.65 19.47 16.33
CA PHE A 324 44.05 19.98 17.66
C PHE A 324 42.96 19.68 18.70
N VAL A 325 41.70 19.68 18.29
CA VAL A 325 40.60 19.34 19.19
C VAL A 325 40.70 17.86 19.58
N ARG A 326 41.03 17.03 18.59
CA ARG A 326 41.28 15.61 18.83
C ARG A 326 42.39 15.44 19.87
N GLU A 327 43.47 16.19 19.68
CA GLU A 327 44.58 16.22 20.64
C GLU A 327 44.04 16.55 22.04
N LEU A 328 43.21 17.58 22.13
CA LEU A 328 42.62 18.00 23.41
C LEU A 328 41.75 16.94 24.13
N TYR A 329 40.81 16.37 23.40
CA TYR A 329 39.96 15.29 23.94
C TYR A 329 40.86 14.14 24.47
N GLY A 330 41.96 13.90 23.77
CA GLY A 330 42.93 12.87 24.14
C GLY A 330 43.88 13.13 25.31
N SER A 331 43.92 14.35 25.85
CA SER A 331 44.85 14.68 26.97
C SER A 331 44.12 15.05 28.25
N VAL A 332 43.06 15.85 28.09
CA VAL A 332 42.30 16.32 29.23
C VAL A 332 41.75 15.14 30.00
N ASP A 333 41.24 15.37 31.19
CA ASP A 333 40.74 14.27 31.95
C ASP A 333 39.27 14.20 31.79
N PHE A 334 38.60 15.32 32.02
CA PHE A 334 37.17 15.37 31.92
C PHE A 334 36.78 16.40 30.90
N VAL A 335 35.60 16.21 30.33
CA VAL A 335 34.96 17.17 29.43
C VAL A 335 33.64 17.58 30.06
N ILE A 336 33.47 18.87 30.35
CA ILE A 336 32.24 19.36 30.95
C ILE A 336 31.25 19.82 29.88
N ILE A 337 30.02 19.35 29.98
CA ILE A 337 28.98 19.62 28.98
C ILE A 337 27.72 20.07 29.70
N PRO A 338 27.72 21.31 30.18
CA PRO A 338 26.65 21.81 31.03
C PRO A 338 25.42 22.26 30.29
N SER A 339 24.97 21.50 29.32
CA SER A 339 23.93 21.98 28.43
C SER A 339 22.59 22.16 29.15
N TYR A 340 21.86 23.18 28.75
CA TYR A 340 20.50 23.45 29.25
C TYR A 340 19.45 22.53 28.62
N PHE A 341 19.58 22.31 27.30
CA PHE A 341 18.92 21.21 26.57
C PHE A 341 19.87 20.68 25.50
N GLU A 342 19.64 19.46 25.03
CA GLU A 342 20.57 18.80 24.10
C GLU A 342 19.89 17.61 23.41
N PRO A 343 19.42 17.82 22.16
CA PRO A 343 18.83 16.78 21.32
C PRO A 343 19.59 15.45 21.25
N PHE A 344 20.89 15.50 21.05
CA PHE A 344 21.71 14.30 21.00
C PHE A 344 22.87 14.43 21.97
N GLY A 345 23.99 14.99 21.53
CA GLY A 345 25.16 15.17 22.39
C GLY A 345 26.45 14.65 21.78
N LEU A 346 26.71 15.10 20.58
CA LEU A 346 27.88 14.71 19.85
C LEU A 346 29.20 14.98 20.59
N VAL A 347 29.27 16.08 21.30
CA VAL A 347 30.52 16.41 22.01
C VAL A 347 30.87 15.33 23.02
N ALA A 348 29.86 14.81 23.69
CA ALA A 348 30.10 13.76 24.68
C ALA A 348 30.69 12.54 23.99
N LEU A 349 30.21 12.23 22.78
CA LEU A 349 30.70 11.07 22.06
C LEU A 349 32.11 11.24 21.54
N GLU A 350 32.44 12.44 21.08
CA GLU A 350 33.79 12.71 20.60
C GLU A 350 34.82 12.67 21.72
N ALA A 351 34.42 13.12 22.90
CA ALA A 351 35.29 13.10 24.05
C ALA A 351 35.49 11.67 24.49
N MET A 352 34.37 11.00 24.70
CA MET A 352 34.35 9.61 25.18
C MET A 352 35.16 8.70 24.29
N CYS A 353 35.18 9.06 23.03
CA CYS A 353 35.76 8.25 22.00
C CYS A 353 37.29 8.37 22.05
N LEU A 354 37.80 9.39 22.74
CA LEU A 354 39.24 9.62 22.90
C LEU A 354 39.67 9.54 24.36
N GLY A 355 38.77 9.06 25.20
CA GLY A 355 39.09 8.80 26.59
C GLY A 355 38.69 9.85 27.60
N ALA A 356 38.21 11.01 27.16
CA ALA A 356 37.81 12.01 28.15
C ALA A 356 36.47 11.64 28.81
N ILE A 357 36.40 11.76 30.13
CA ILE A 357 35.19 11.43 30.88
C ILE A 357 34.22 12.62 30.87
N PRO A 358 32.97 12.39 30.42
CA PRO A 358 31.97 13.42 30.40
C PRO A 358 31.40 13.76 31.75
N ILE A 359 31.29 15.04 32.04
CA ILE A 359 30.49 15.51 33.13
C ILE A 359 29.43 16.34 32.49
N ALA A 360 28.20 15.86 32.50
CA ALA A 360 27.18 16.39 31.61
C ALA A 360 25.87 16.71 32.29
N SER A 361 25.13 17.68 31.73
CA SER A 361 23.75 17.92 32.12
C SER A 361 22.83 16.72 31.78
N ALA A 362 21.89 16.41 32.68
CA ALA A 362 20.97 15.26 32.55
C ALA A 362 19.81 15.63 31.62
N VAL A 363 20.13 15.99 30.39
CA VAL A 363 19.14 16.54 29.46
C VAL A 363 19.22 15.81 28.14
N GLY A 364 18.08 15.71 27.48
CA GLY A 364 17.99 15.11 26.17
C GLY A 364 18.84 13.85 26.01
N GLY A 365 19.67 13.84 24.98
CA GLY A 365 20.41 12.64 24.60
C GLY A 365 21.56 12.31 25.51
N LEU A 366 22.14 13.32 26.14
CA LEU A 366 23.20 13.10 27.14
C LEU A 366 22.78 12.06 28.22
N ARG A 367 21.50 12.03 28.52
CA ARG A 367 20.94 11.05 29.44
C ARG A 367 21.09 9.61 28.93
N ASP A 368 20.96 9.44 27.61
CA ASP A 368 21.13 8.16 26.94
C ASP A 368 22.61 7.81 26.76
N ILE A 369 23.39 8.74 26.22
CA ILE A 369 24.81 8.50 25.97
C ILE A 369 25.56 8.11 27.24
N ILE A 370 25.34 8.88 28.31
CA ILE A 370 26.12 8.76 29.54
C ILE A 370 25.45 7.85 30.59
N THR A 371 26.26 6.99 31.20
CA THR A 371 25.82 6.02 32.20
C THR A 371 26.69 6.14 33.45
N ASN A 372 26.28 5.46 34.50
CA ASN A 372 27.08 5.37 35.73
C ASN A 372 28.50 4.90 35.47
N GLU A 373 28.64 3.94 34.56
CA GLU A 373 29.93 3.34 34.18
C GLU A 373 30.81 4.25 33.28
N THR A 374 30.22 5.30 32.71
CA THR A 374 30.93 6.13 31.73
C THR A 374 31.07 7.60 32.07
N GLY A 375 30.18 8.17 32.86
CA GLY A 375 30.29 9.59 33.14
C GLY A 375 29.57 10.02 34.38
N ILE A 376 29.36 11.33 34.47
CA ILE A 376 28.67 11.94 35.61
C ILE A 376 27.56 12.89 35.14
N LEU A 377 26.32 12.57 35.49
CA LEU A 377 25.19 13.41 35.14
C LEU A 377 24.85 14.35 36.26
N VAL A 378 24.32 15.49 35.90
CA VAL A 378 24.13 16.57 36.83
C VAL A 378 22.83 17.25 36.45
N LYS A 379 22.08 17.71 37.44
CA LYS A 379 20.90 18.52 37.19
C LYS A 379 21.34 19.74 36.40
N ALA A 380 20.63 20.06 35.33
CA ALA A 380 20.97 21.23 34.51
C ALA A 380 20.60 22.58 35.12
N GLY A 381 21.34 23.60 34.72
CA GLY A 381 21.13 24.97 35.20
C GLY A 381 21.56 25.21 36.63
N ASP A 382 22.31 24.27 37.23
CA ASP A 382 22.63 24.28 38.66
C ASP A 382 24.13 24.28 38.92
N PRO A 383 24.71 25.47 39.18
CA PRO A 383 26.15 25.60 39.35
C PRO A 383 26.70 24.97 40.64
N GLY A 384 25.92 24.96 41.72
CA GLY A 384 26.29 24.27 42.95
C GLY A 384 26.44 22.79 42.71
N GLU A 385 25.49 22.22 41.97
CA GLU A 385 25.52 20.79 41.65
C GLU A 385 26.62 20.39 40.66
N LEU A 386 26.94 21.28 39.73
CA LEU A 386 28.09 21.09 38.83
C LEU A 386 29.41 21.22 39.60
N ALA A 387 29.45 22.17 40.53
CA ALA A 387 30.58 22.29 41.46
C ALA A 387 30.82 21.01 42.26
N ASN A 388 29.78 20.48 42.90
CA ASN A 388 29.88 19.17 43.58
C ASN A 388 30.40 18.07 42.68
N ALA A 389 29.87 18.02 41.45
CA ALA A 389 30.28 17.04 40.43
C ALA A 389 31.74 17.13 40.00
N ILE A 390 32.31 18.34 40.01
CA ILE A 390 33.72 18.53 39.68
C ILE A 390 34.58 18.07 40.83
N LEU A 391 34.11 18.33 42.05
CA LEU A 391 34.80 17.85 43.25
C LEU A 391 34.83 16.33 43.35
N LYS A 392 33.69 15.69 43.13
CA LYS A 392 33.65 14.23 43.09
C LYS A 392 34.61 13.66 42.04
N ALA A 393 34.67 14.33 40.90
CA ALA A 393 35.58 13.96 39.83
C ALA A 393 37.04 14.03 40.28
N LEU A 394 37.36 15.00 41.13
CA LEU A 394 38.70 15.16 41.67
C LEU A 394 39.11 14.00 42.58
N GLU A 395 38.14 13.45 43.30
CA GLU A 395 38.41 12.41 44.29
C GLU A 395 38.39 11.01 43.69
N LEU A 396 38.47 10.98 42.38
CA LEU A 396 38.43 9.78 41.60
C LEU A 396 39.75 9.61 40.92
N SER A 397 40.27 10.76 40.48
CA SER A 397 41.60 10.89 39.92
C SER A 397 42.68 10.46 40.91
N ARG A 398 42.29 10.34 42.20
CA ARG A 398 43.12 9.68 43.22
C ARG A 398 43.50 8.30 42.71
N SER A 399 42.48 7.52 42.35
CA SER A 399 42.65 6.17 41.82
C SER A 399 42.69 6.17 40.28
N ASP A 400 42.78 4.98 39.68
CA ASP A 400 42.91 4.89 38.24
C ASP A 400 41.60 5.07 37.53
N LEU A 401 41.59 6.10 36.70
CA LEU A 401 40.52 6.41 35.77
C LEU A 401 40.63 5.59 34.48
N SER A 402 41.71 4.83 34.32
CA SER A 402 41.87 3.88 33.20
C SER A 402 40.58 3.10 32.87
N LYS A 403 39.85 2.67 33.89
CA LYS A 403 38.65 1.89 33.65
C LYS A 403 37.56 2.75 33.02
N PHE A 404 37.31 3.91 33.63
CA PHE A 404 36.31 4.84 33.11
C PHE A 404 36.55 5.21 31.64
N ARG A 405 37.80 5.38 31.26
CA ARG A 405 38.17 5.78 29.90
C ARG A 405 37.91 4.71 28.86
N GLU A 406 38.12 3.47 29.25
CA GLU A 406 37.97 2.32 28.36
C GLU A 406 36.48 2.03 28.16
N ASN A 407 35.75 2.03 29.26
CA ASN A 407 34.29 2.04 29.27
C ASN A 407 33.71 3.06 28.30
N CYS A 408 34.26 4.27 28.33
CA CYS A 408 33.85 5.38 27.43
C CYS A 408 34.10 5.08 25.97
N LYS A 409 35.32 4.65 25.64
CA LYS A 409 35.65 4.26 24.28
C LYS A 409 34.68 3.17 23.81
N LYS A 410 34.54 2.10 24.58
CA LYS A 410 33.64 0.98 24.18
C LYS A 410 32.23 1.49 23.89
N ARG A 411 31.73 2.28 24.83
CA ARG A 411 30.41 2.85 24.77
C ARG A 411 30.22 3.74 23.54
N ALA A 412 31.22 4.57 23.26
CA ALA A 412 31.14 5.48 22.12
C ALA A 412 31.08 4.69 20.81
N MET A 413 31.76 3.54 20.77
CA MET A 413 31.83 2.71 19.56
C MET A 413 30.53 1.98 19.29
N SER A 414 29.71 1.82 20.33
CA SER A 414 28.40 1.19 20.16
C SER A 414 27.40 2.14 19.50
N PHE A 415 27.73 3.43 19.50
CA PHE A 415 26.93 4.46 18.84
C PHE A 415 27.45 4.70 17.43
N SER A 416 27.41 3.64 16.62
CA SER A 416 27.84 3.75 15.21
C SER A 416 26.73 4.26 14.33
N TRP A 417 27.15 4.90 13.24
CA TRP A 417 26.26 5.33 12.17
C TRP A 417 25.67 4.14 11.41
N GLU A 418 26.39 3.00 11.44
CA GLU A 418 25.82 1.79 10.85
C GLU A 418 24.51 1.39 11.53
N LYS A 419 24.55 1.23 12.85
CA LYS A 419 23.35 0.94 13.68
C LYS A 419 22.26 1.99 13.49
N SER A 420 22.67 3.24 13.47
CA SER A 420 21.74 4.30 13.21
C SER A 420 21.02 4.04 11.87
N ALA A 421 21.78 3.66 10.84
CA ALA A 421 21.22 3.42 9.51
C ALA A 421 20.25 2.24 9.53
N GLU A 422 20.61 1.27 10.35
CA GLU A 422 19.93 0.00 10.45
C GLU A 422 18.51 0.19 10.95
N ARG A 423 18.39 1.02 11.98
CA ARG A 423 17.11 1.33 12.60
C ARG A 423 16.22 2.21 11.71
N TYR A 424 16.81 3.18 11.01
CA TYR A 424 16.07 3.99 10.04
C TYR A 424 15.42 3.08 8.99
N VAL A 425 16.18 2.11 8.49
CA VAL A 425 15.64 1.09 7.60
C VAL A 425 14.39 0.39 8.19
N LYS A 426 14.45 0.00 9.45
CA LYS A 426 13.27 -0.52 10.13
C LYS A 426 12.12 0.53 10.13
N ALA A 427 12.48 1.79 10.36
CA ALA A 427 11.52 2.91 10.38
C ALA A 427 10.90 3.15 9.02
N TYR A 428 11.68 2.92 7.98
CA TYR A 428 11.16 3.14 6.63
C TYR A 428 10.01 2.22 6.29
N THR A 429 10.04 1.01 6.81
CA THR A 429 8.97 0.05 6.59
C THR A 429 7.90 0.13 7.70
N GLY A 430 8.21 0.85 8.78
CA GLY A 430 7.28 0.92 9.90
C GLY A 430 7.45 -0.26 10.83
N SER A 431 8.41 -1.13 10.56
CA SER A 431 8.72 -2.25 11.45
C SER A 431 9.62 -1.81 12.61
N ILE A 432 9.05 -0.97 13.46
CA ILE A 432 9.79 -0.33 14.52
C ILE A 432 8.90 -0.11 15.72
N ASP A 433 9.49 -0.16 16.91
CA ASP A 433 8.82 0.22 18.15
C ASP A 433 8.64 1.74 18.20
N ARG A 434 7.59 2.17 18.87
CA ARG A 434 7.26 3.60 18.91
C ARG A 434 6.71 3.98 20.30
N ALA A 435 6.62 5.28 20.56
CA ALA A 435 6.07 5.80 21.81
C ALA A 435 4.55 6.00 21.78
N PHE A 436 3.87 5.43 22.76
CA PHE A 436 2.43 5.61 22.93
C PHE A 436 2.13 6.23 24.29
N ASP A 437 1.03 6.96 24.33
CA ASP A 437 0.52 7.60 25.54
C ASP A 437 0.12 6.65 26.65
N PHE A 438 -0.45 5.50 26.29
CA PHE A 438 -0.78 4.47 27.28
C PHE A 438 0.31 3.42 27.55
N ILE A 439 1.55 3.66 27.12
CA ILE A 439 2.67 2.82 27.52
C ILE A 439 3.63 3.62 28.39
N LEU A 440 3.77 3.18 29.63
CA LEU A 440 4.63 3.82 30.60
C LEU A 440 6.04 3.25 30.54
N GLY B 1 10.07 -10.36 -7.89
CA GLY B 1 8.93 -10.00 -8.80
C GLY B 1 9.19 -8.75 -9.64
N SER B 2 9.49 -8.98 -10.92
CA SER B 2 9.47 -7.94 -11.97
C SER B 2 8.24 -8.13 -12.90
N HIS B 3 7.85 -9.40 -13.10
CA HIS B 3 6.67 -9.80 -13.88
C HIS B 3 5.41 -9.38 -13.10
N MET B 4 4.32 -9.10 -13.79
CA MET B 4 3.09 -8.70 -13.11
C MET B 4 1.81 -9.14 -13.83
N LYS B 5 0.68 -8.92 -13.17
CA LYS B 5 -0.60 -9.43 -13.63
C LYS B 5 -1.53 -8.27 -13.90
N VAL B 6 -1.79 -8.05 -15.19
CA VAL B 6 -2.55 -6.89 -15.65
C VAL B 6 -3.98 -7.23 -16.05
N LEU B 7 -4.94 -6.58 -15.40
CA LEU B 7 -6.33 -6.60 -15.84
C LEU B 7 -6.59 -5.37 -16.73
N LEU B 8 -6.85 -5.63 -18.02
CA LEU B 8 -7.07 -4.54 -18.99
C LEU B 8 -8.53 -4.52 -19.45
N LEU B 9 -9.21 -3.39 -19.25
CA LEU B 9 -10.63 -3.27 -19.61
C LEU B 9 -10.78 -2.41 -20.86
N GLY B 10 -11.57 -2.90 -21.82
CA GLY B 10 -11.77 -2.20 -23.09
C GLY B 10 -13.13 -2.51 -23.70
N PHE B 11 -13.81 -1.50 -24.21
CA PHE B 11 -15.13 -1.68 -24.84
C PHE B 11 -15.08 -2.24 -26.28
N GLU B 12 -13.94 -2.09 -26.95
CA GLU B 12 -13.64 -2.76 -28.23
C GLU B 12 -12.42 -3.63 -28.07
N PHE B 13 -12.33 -4.67 -28.88
CA PHE B 13 -11.14 -5.55 -28.88
C PHE B 13 -11.20 -6.47 -30.09
N LEU B 14 -10.11 -6.60 -30.82
CA LEU B 14 -10.13 -7.38 -32.05
C LEU B 14 -10.71 -8.74 -31.73
N PRO B 15 -11.55 -9.31 -32.62
CA PRO B 15 -11.89 -8.83 -33.96
C PRO B 15 -13.05 -7.82 -34.06
N VAL B 16 -13.55 -7.32 -32.92
CA VAL B 16 -14.62 -6.33 -32.87
C VAL B 16 -14.09 -4.92 -33.10
N LYS B 17 -14.15 -4.43 -34.34
CA LYS B 17 -13.64 -3.10 -34.71
C LYS B 17 -14.74 -2.05 -34.71
N VAL B 18 -14.38 -0.82 -34.40
CA VAL B 18 -15.21 0.32 -34.76
C VAL B 18 -14.22 1.39 -35.20
N GLY B 19 -13.53 1.98 -34.22
CA GLY B 19 -12.41 2.86 -34.50
C GLY B 19 -11.15 2.03 -34.50
N GLY B 20 -10.01 2.71 -34.61
CA GLY B 20 -8.73 2.05 -34.48
C GLY B 20 -8.46 1.67 -33.04
N LEU B 21 -9.45 1.89 -32.18
CA LEU B 21 -9.34 1.64 -30.74
C LEU B 21 -9.06 0.14 -30.45
N ALA B 22 -9.87 -0.74 -31.05
CA ALA B 22 -9.71 -2.19 -30.88
C ALA B 22 -8.31 -2.63 -31.25
N GLU B 23 -7.83 -2.12 -32.38
CA GLU B 23 -6.44 -2.40 -32.80
C GLU B 23 -5.41 -1.96 -31.73
N ALA B 24 -5.59 -0.79 -31.12
CA ALA B 24 -4.62 -0.28 -30.15
C ALA B 24 -4.61 -1.09 -28.85
N LEU B 25 -5.79 -1.44 -28.33
CA LEU B 25 -5.84 -2.25 -27.12
C LEU B 25 -5.27 -3.64 -27.35
N THR B 26 -5.53 -4.21 -28.53
CA THR B 26 -5.05 -5.54 -28.83
C THR B 26 -3.53 -5.49 -28.90
N ALA B 27 -3.01 -4.48 -29.60
CA ALA B 27 -1.56 -4.27 -29.71
C ALA B 27 -0.88 -4.02 -28.37
N ILE B 28 -1.55 -3.30 -27.47
CA ILE B 28 -1.02 -3.04 -26.13
C ILE B 28 -1.00 -4.35 -25.34
N SER B 29 -2.16 -5.02 -25.33
CA SER B 29 -2.34 -6.29 -24.66
C SER B 29 -1.29 -7.33 -25.07
N GLU B 30 -1.07 -7.48 -26.37
CA GLU B 30 -0.08 -8.40 -26.89
C GLU B 30 1.36 -7.99 -26.51
N ALA B 31 1.62 -6.68 -26.50
CA ALA B 31 2.95 -6.16 -26.25
C ALA B 31 3.38 -6.37 -24.79
N LEU B 32 2.46 -6.03 -23.89
CA LEU B 32 2.59 -6.34 -22.46
C LEU B 32 2.84 -7.85 -22.28
N ALA B 33 1.98 -8.65 -22.93
CA ALA B 33 2.03 -10.12 -22.85
C ALA B 33 3.36 -10.65 -23.31
N SER B 34 3.84 -10.07 -24.42
CA SER B 34 5.18 -10.35 -24.93
C SER B 34 6.31 -10.11 -23.96
N LEU B 35 6.20 -9.05 -23.17
CA LEU B 35 7.24 -8.73 -22.18
C LEU B 35 7.30 -9.74 -21.03
N GLY B 36 6.33 -10.62 -20.93
CA GLY B 36 6.32 -11.66 -19.92
C GLY B 36 5.28 -11.42 -18.85
N HIS B 37 4.51 -10.35 -18.99
CA HIS B 37 3.43 -10.11 -18.05
C HIS B 37 2.24 -10.97 -18.40
N GLU B 38 1.45 -11.29 -17.39
CA GLU B 38 0.24 -12.06 -17.57
C GLU B 38 -0.85 -11.03 -17.75
N VAL B 39 -1.65 -11.14 -18.80
CA VAL B 39 -2.62 -10.11 -19.13
C VAL B 39 -3.99 -10.74 -19.28
N LEU B 40 -4.95 -10.30 -18.47
CA LEU B 40 -6.35 -10.65 -18.69
C LEU B 40 -7.06 -9.43 -19.24
N VAL B 41 -7.81 -9.65 -20.32
CA VAL B 41 -8.62 -8.62 -20.94
C VAL B 41 -10.07 -8.95 -20.68
N PHE B 42 -10.81 -8.03 -20.10
CA PHE B 42 -12.27 -8.10 -20.18
C PHE B 42 -12.74 -7.13 -21.25
N THR B 43 -13.77 -7.54 -21.98
CA THR B 43 -14.40 -6.72 -23.00
C THR B 43 -15.76 -7.32 -23.31
N PRO B 44 -16.72 -6.52 -23.79
CA PRO B 44 -18.02 -7.11 -24.14
C PRO B 44 -18.01 -7.98 -25.39
N SER B 45 -18.98 -8.88 -25.48
CA SER B 45 -19.10 -9.81 -26.59
C SER B 45 -19.76 -9.14 -27.81
N HIS B 46 -20.66 -8.19 -27.59
CA HIS B 46 -21.27 -7.43 -28.69
C HIS B 46 -21.91 -8.37 -29.72
N GLY B 47 -22.46 -9.47 -29.24
CA GLY B 47 -23.09 -10.46 -30.09
C GLY B 47 -22.20 -11.24 -31.06
N ARG B 48 -20.88 -11.06 -31.00
CA ARG B 48 -19.96 -11.76 -31.95
C ARG B 48 -19.43 -13.07 -31.40
N PHE B 49 -19.42 -13.24 -30.09
CA PHE B 49 -18.92 -14.48 -29.47
C PHE B 49 -20.01 -15.07 -28.66
N GLN B 50 -19.78 -16.24 -28.11
CA GLN B 50 -20.83 -16.84 -27.33
C GLN B 50 -20.31 -17.85 -26.31
N GLY B 51 -20.75 -17.70 -25.06
CA GLY B 51 -20.08 -18.33 -23.94
C GLY B 51 -20.93 -19.13 -22.98
N GLU B 52 -20.25 -19.66 -21.97
CA GLU B 52 -20.88 -20.39 -20.88
C GLU B 52 -21.61 -19.41 -19.98
N GLU B 53 -22.82 -19.77 -19.58
CA GLU B 53 -23.52 -19.06 -18.52
C GLU B 53 -22.75 -19.22 -17.21
N ILE B 54 -22.00 -18.21 -16.78
CA ILE B 54 -21.21 -18.31 -15.52
C ILE B 54 -21.89 -17.75 -14.28
N GLY B 55 -23.07 -17.17 -14.41
CA GLY B 55 -23.71 -16.54 -13.26
C GLY B 55 -24.81 -15.58 -13.61
N LYS B 56 -25.38 -14.96 -12.60
CA LYS B 56 -26.62 -14.25 -12.77
C LYS B 56 -26.53 -12.99 -11.93
N ILE B 57 -26.62 -11.83 -12.56
CA ILE B 57 -26.53 -10.54 -11.85
C ILE B 57 -27.85 -9.73 -11.91
N ARG B 58 -28.07 -8.90 -10.90
CA ARG B 58 -29.18 -7.96 -10.90
C ARG B 58 -28.69 -6.60 -11.40
N VAL B 59 -29.25 -6.16 -12.53
CA VAL B 59 -29.00 -4.82 -13.09
C VAL B 59 -30.32 -4.18 -13.53
N PHE B 60 -30.53 -2.93 -13.14
CA PHE B 60 -31.78 -2.19 -13.37
C PHE B 60 -33.02 -3.05 -13.05
N GLY B 61 -32.99 -3.68 -11.88
CA GLY B 61 -34.14 -4.37 -11.34
C GLY B 61 -34.46 -5.68 -12.01
N GLU B 62 -33.57 -6.16 -12.87
CA GLU B 62 -33.82 -7.41 -13.61
C GLU B 62 -32.60 -8.34 -13.58
N GLU B 63 -32.83 -9.63 -13.83
CA GLU B 63 -31.78 -10.63 -13.80
C GLU B 63 -31.21 -10.92 -15.17
N VAL B 64 -29.89 -10.81 -15.28
CA VAL B 64 -29.17 -10.95 -16.51
C VAL B 64 -28.25 -12.12 -16.33
N GLN B 65 -28.32 -13.08 -17.26
CA GLN B 65 -27.43 -14.25 -17.17
C GLN B 65 -26.16 -13.90 -17.90
N VAL B 66 -25.07 -13.79 -17.15
CA VAL B 66 -23.76 -13.46 -17.70
C VAL B 66 -23.15 -14.68 -18.38
N LYS B 67 -22.65 -14.46 -19.59
CA LYS B 67 -21.94 -15.48 -20.35
C LYS B 67 -20.52 -15.01 -20.60
N VAL B 68 -19.62 -15.96 -20.86
CA VAL B 68 -18.19 -15.64 -20.99
C VAL B 68 -17.52 -16.52 -22.03
N SER B 69 -16.83 -15.89 -22.99
CA SER B 69 -16.10 -16.58 -24.06
C SER B 69 -14.58 -16.45 -23.95
N TYR B 70 -13.96 -17.51 -23.45
CA TYR B 70 -12.55 -17.52 -23.10
C TYR B 70 -11.65 -17.76 -24.30
N GLU B 71 -10.55 -17.01 -24.36
CA GLU B 71 -9.51 -17.29 -25.34
C GLU B 71 -8.14 -17.00 -24.77
N GLU B 72 -7.19 -17.88 -25.05
CA GLU B 72 -5.88 -17.78 -24.45
C GLU B 72 -4.80 -17.89 -25.52
N ARG B 73 -3.82 -16.98 -25.45
CA ARG B 73 -2.76 -16.83 -26.46
C ARG B 73 -1.47 -16.42 -25.77
N GLY B 74 -0.70 -17.42 -25.39
CA GLY B 74 0.51 -17.24 -24.63
C GLY B 74 0.16 -16.71 -23.26
N ASN B 75 0.76 -15.58 -22.90
CA ASN B 75 0.49 -14.93 -21.62
C ASN B 75 -0.82 -14.15 -21.61
N LEU B 76 -1.37 -13.90 -22.79
CA LEU B 76 -2.61 -13.14 -22.92
C LEU B 76 -3.85 -14.01 -22.75
N ARG B 77 -4.73 -13.64 -21.82
CA ARG B 77 -6.03 -14.32 -21.68
C ARG B 77 -7.23 -13.37 -21.90
N ILE B 78 -8.11 -13.76 -22.82
CA ILE B 78 -9.20 -12.91 -23.26
C ILE B 78 -10.54 -13.44 -22.83
N TYR B 79 -11.28 -12.62 -22.10
CA TYR B 79 -12.64 -12.91 -21.67
C TYR B 79 -13.59 -11.96 -22.38
N ARG B 80 -14.36 -12.52 -23.31
CA ARG B 80 -15.47 -11.79 -23.93
C ARG B 80 -16.81 -12.04 -23.24
N ILE B 81 -17.26 -11.02 -22.53
CA ILE B 81 -18.39 -11.13 -21.65
C ILE B 81 -19.66 -10.82 -22.41
N GLY B 82 -20.55 -11.78 -22.46
CA GLY B 82 -21.89 -11.60 -23.00
C GLY B 82 -22.89 -11.69 -21.89
N GLY B 83 -24.14 -11.39 -22.19
CA GLY B 83 -25.14 -11.26 -21.13
C GLY B 83 -26.49 -10.82 -21.60
N GLY B 84 -26.78 -9.53 -21.47
CA GLY B 84 -28.07 -9.01 -21.91
C GLY B 84 -27.78 -8.05 -23.02
N LEU B 85 -27.64 -6.79 -22.63
CA LEU B 85 -27.25 -5.69 -23.52
C LEU B 85 -25.85 -5.86 -24.06
N LEU B 86 -25.08 -6.74 -23.42
CA LEU B 86 -23.72 -7.03 -23.86
C LEU B 86 -23.71 -7.89 -25.13
N ASP B 87 -24.89 -8.34 -25.53
CA ASP B 87 -25.06 -9.15 -26.73
C ASP B 87 -25.57 -8.35 -27.91
N SER B 88 -25.86 -7.08 -27.69
CA SER B 88 -26.33 -6.25 -28.79
C SER B 88 -25.15 -6.04 -29.73
N GLU B 89 -25.41 -6.16 -31.02
CA GLU B 89 -24.36 -6.02 -32.02
C GLU B 89 -23.97 -4.59 -32.30
N ASP B 90 -24.76 -3.64 -31.80
CA ASP B 90 -24.40 -2.21 -31.86
C ASP B 90 -23.41 -1.89 -30.72
N VAL B 91 -22.12 -1.95 -31.05
CA VAL B 91 -21.03 -1.82 -30.07
C VAL B 91 -21.32 -0.66 -29.15
N TYR B 92 -21.37 0.54 -29.71
CA TYR B 92 -21.73 1.73 -28.95
C TYR B 92 -23.25 1.86 -28.82
N GLY B 93 -23.84 0.78 -28.31
CA GLY B 93 -25.08 0.77 -27.60
C GLY B 93 -26.27 0.77 -28.51
N PRO B 94 -27.33 0.06 -28.15
CA PRO B 94 -28.59 0.26 -28.87
C PRO B 94 -29.10 1.65 -28.52
N GLY B 95 -28.56 2.65 -29.20
CA GLY B 95 -28.78 4.05 -28.84
C GLY B 95 -28.05 4.52 -27.59
N TRP B 96 -28.24 5.80 -27.29
CA TRP B 96 -27.54 6.47 -26.19
C TRP B 96 -27.79 5.85 -24.81
N ASP B 97 -29.04 5.79 -24.38
CA ASP B 97 -29.40 5.14 -23.12
C ASP B 97 -28.98 3.65 -23.10
N GLY B 98 -29.23 2.97 -24.22
CA GLY B 98 -28.79 1.59 -24.38
C GLY B 98 -27.32 1.42 -24.17
N LEU B 99 -26.52 2.34 -24.68
CA LEU B 99 -25.05 2.29 -24.51
C LEU B 99 -24.68 2.34 -23.04
N ILE B 100 -25.25 3.30 -22.32
CA ILE B 100 -24.90 3.48 -20.92
C ILE B 100 -25.35 2.27 -20.11
N ARG B 101 -26.60 1.85 -20.32
CA ARG B 101 -27.12 0.66 -19.63
C ARG B 101 -26.18 -0.53 -19.88
N LYS B 102 -25.66 -0.61 -21.10
CA LYS B 102 -24.71 -1.66 -21.50
C LYS B 102 -23.36 -1.52 -20.77
N ALA B 103 -22.88 -0.29 -20.57
CA ALA B 103 -21.66 -0.05 -19.80
C ALA B 103 -21.81 -0.39 -18.33
N VAL B 104 -22.95 -0.03 -17.74
CA VAL B 104 -23.24 -0.37 -16.34
C VAL B 104 -23.32 -1.88 -16.18
N THR B 105 -23.79 -2.56 -17.22
CA THR B 105 -23.88 -4.00 -17.17
C THR B 105 -22.50 -4.61 -17.18
N PHE B 106 -21.68 -4.11 -18.09
CA PHE B 106 -20.30 -4.49 -18.17
C PHE B 106 -19.58 -4.37 -16.83
N GLY B 107 -19.95 -3.36 -16.05
CA GLY B 107 -19.35 -3.14 -14.72
C GLY B 107 -19.73 -4.24 -13.74
N ARG B 108 -21.01 -4.51 -13.61
CA ARG B 108 -21.45 -5.56 -12.69
C ARG B 108 -20.91 -6.91 -13.15
N ALA B 109 -20.89 -7.12 -14.46
CA ALA B 109 -20.44 -8.38 -15.06
C ALA B 109 -18.91 -8.53 -14.97
N SER B 110 -18.17 -7.43 -15.13
CA SER B 110 -16.75 -7.44 -14.84
C SER B 110 -16.49 -7.97 -13.43
N VAL B 111 -17.22 -7.43 -12.45
CA VAL B 111 -17.07 -7.87 -11.05
C VAL B 111 -17.40 -9.34 -10.86
N LEU B 112 -18.53 -9.82 -11.38
CA LEU B 112 -18.88 -11.24 -11.23
C LEU B 112 -17.79 -12.16 -11.78
N LEU B 113 -17.19 -11.78 -12.90
CA LEU B 113 -16.14 -12.56 -13.55
C LEU B 113 -14.85 -12.52 -12.74
N LEU B 114 -14.43 -11.33 -12.32
CA LEU B 114 -13.23 -11.20 -11.50
C LEU B 114 -13.38 -11.99 -10.22
N ASN B 115 -14.53 -11.82 -9.59
CA ASN B 115 -14.84 -12.50 -8.34
C ASN B 115 -14.73 -14.01 -8.49
N ASP B 116 -15.15 -14.48 -9.66
CA ASP B 116 -15.13 -15.88 -10.00
C ASP B 116 -13.72 -16.42 -10.18
N LEU B 117 -12.88 -15.67 -10.87
CA LEU B 117 -11.47 -16.05 -11.06
C LEU B 117 -10.73 -16.09 -9.73
N LEU B 118 -11.13 -15.23 -8.81
CA LEU B 118 -10.44 -15.09 -7.53
C LEU B 118 -10.56 -16.31 -6.66
N ARG B 119 -11.41 -17.24 -7.06
CA ARG B 119 -11.49 -18.54 -6.40
C ARG B 119 -10.24 -19.36 -6.55
N GLU B 120 -9.55 -19.20 -7.67
CA GLU B 120 -8.42 -20.05 -8.05
C GLU B 120 -7.15 -19.29 -8.42
N GLU B 121 -7.10 -17.99 -8.18
CA GLU B 121 -5.91 -17.25 -8.56
C GLU B 121 -5.80 -15.92 -7.83
N PRO B 122 -4.57 -15.36 -7.81
CA PRO B 122 -4.31 -14.12 -7.08
C PRO B 122 -4.89 -12.88 -7.72
N LEU B 123 -5.28 -11.93 -6.90
CA LEU B 123 -5.63 -10.61 -7.40
C LEU B 123 -4.67 -10.10 -8.47
N PRO B 124 -5.19 -9.44 -9.52
CA PRO B 124 -4.28 -8.70 -10.43
C PRO B 124 -3.51 -7.57 -9.74
N ASP B 125 -2.28 -7.34 -10.19
CA ASP B 125 -1.50 -6.25 -9.64
C ASP B 125 -2.09 -4.89 -10.04
N VAL B 126 -2.90 -4.84 -11.08
CA VAL B 126 -3.44 -3.57 -11.57
C VAL B 126 -4.67 -3.75 -12.52
N VAL B 127 -5.63 -2.84 -12.41
CA VAL B 127 -6.72 -2.72 -13.36
C VAL B 127 -6.41 -1.55 -14.30
N HIS B 128 -6.29 -1.82 -15.60
CA HIS B 128 -5.97 -0.77 -16.59
C HIS B 128 -7.13 -0.61 -17.55
N PHE B 129 -7.96 0.39 -17.31
CA PHE B 129 -9.19 0.57 -18.07
C PHE B 129 -9.12 1.77 -19.02
N HIS B 130 -9.91 1.68 -20.10
CA HIS B 130 -9.74 2.51 -21.29
C HIS B 130 -11.00 3.19 -21.77
N ASP B 131 -10.90 4.50 -21.94
CA ASP B 131 -12.01 5.35 -22.34
C ASP B 131 -13.19 5.16 -21.39
N TRP B 132 -14.12 6.08 -21.47
CA TRP B 132 -15.15 6.21 -20.46
C TRP B 132 -16.21 5.12 -20.39
N HIS B 133 -16.39 4.40 -21.49
CA HIS B 133 -17.30 3.25 -21.50
C HIS B 133 -16.97 2.19 -20.44
N THR B 134 -15.68 2.08 -20.08
CA THR B 134 -15.25 1.11 -19.08
C THR B 134 -15.19 1.62 -17.62
N VAL B 135 -15.75 2.80 -17.33
CA VAL B 135 -15.55 3.47 -16.02
C VAL B 135 -16.34 2.85 -14.88
N PHE B 136 -17.51 2.33 -15.20
CA PHE B 136 -18.29 1.56 -14.23
C PHE B 136 -17.50 0.33 -13.80
N ALA B 137 -16.92 -0.38 -14.78
CA ALA B 137 -16.04 -1.50 -14.49
C ALA B 137 -14.83 -1.10 -13.65
N GLY B 138 -14.07 -0.12 -14.12
CA GLY B 138 -12.89 0.39 -13.39
C GLY B 138 -13.18 0.80 -11.94
N ALA B 139 -14.22 1.60 -11.78
CA ALA B 139 -14.57 2.17 -10.48
C ALA B 139 -15.07 1.11 -9.50
N LEU B 140 -15.79 0.13 -10.03
CA LEU B 140 -16.32 -0.94 -9.20
C LEU B 140 -15.20 -1.88 -8.76
N ILE B 141 -14.26 -2.16 -9.64
CA ILE B 141 -13.18 -3.04 -9.25
C ILE B 141 -12.32 -2.33 -8.18
N LYS B 142 -12.01 -1.05 -8.40
CA LYS B 142 -11.21 -0.25 -7.46
C LYS B 142 -11.95 -0.17 -6.15
N LYS B 143 -13.27 0.02 -6.25
CA LYS B 143 -14.09 0.22 -5.06
C LYS B 143 -13.99 -0.97 -4.13
N TYR B 144 -14.17 -2.17 -4.67
CA TYR B 144 -14.23 -3.39 -3.84
C TYR B 144 -12.92 -4.18 -3.70
N PHE B 145 -12.09 -4.21 -4.74
CA PHE B 145 -10.85 -4.98 -4.65
C PHE B 145 -9.62 -4.11 -4.33
N LYS B 146 -9.85 -2.82 -4.07
CA LYS B 146 -8.82 -1.83 -3.66
C LYS B 146 -7.44 -2.02 -4.31
N ILE B 147 -7.48 -2.24 -5.61
CA ILE B 147 -6.32 -2.65 -6.39
C ILE B 147 -5.91 -1.40 -7.20
N PRO B 148 -4.59 -1.19 -7.41
CA PRO B 148 -4.17 0.00 -8.18
C PRO B 148 -4.85 0.13 -9.57
N ALA B 149 -5.35 1.33 -9.88
CA ALA B 149 -6.11 1.61 -11.11
C ALA B 149 -5.38 2.66 -11.99
N VAL B 150 -5.25 2.36 -13.28
CA VAL B 150 -4.73 3.32 -14.28
C VAL B 150 -5.79 3.56 -15.36
N PHE B 151 -6.21 4.82 -15.51
CA PHE B 151 -7.23 5.21 -16.50
C PHE B 151 -6.60 5.85 -17.70
N THR B 152 -6.80 5.24 -18.87
CA THR B 152 -6.25 5.79 -20.10
C THR B 152 -7.37 6.32 -20.99
N ILE B 153 -7.24 7.60 -21.35
CA ILE B 153 -8.18 8.25 -22.26
C ILE B 153 -7.49 8.38 -23.61
N HIS B 154 -8.16 7.89 -24.65
CA HIS B 154 -7.64 7.88 -26.03
C HIS B 154 -8.08 9.09 -26.86
N ARG B 155 -9.13 9.75 -26.37
CA ARG B 155 -9.77 10.91 -26.98
C ARG B 155 -10.89 11.35 -26.05
N LEU B 156 -10.92 12.64 -25.75
CA LEU B 156 -11.86 13.22 -24.77
C LEU B 156 -13.24 13.37 -25.42
N ASN B 157 -14.27 12.74 -24.84
CA ASN B 157 -15.66 12.76 -25.41
C ASN B 157 -16.53 13.87 -24.88
N LYS B 158 -16.06 14.54 -23.82
CA LYS B 158 -16.62 15.83 -23.35
C LYS B 158 -18.13 15.92 -23.24
N SER B 159 -18.79 14.96 -22.61
CA SER B 159 -20.19 15.19 -22.19
C SER B 159 -20.46 14.49 -20.86
N LYS B 160 -21.74 14.31 -20.50
CA LYS B 160 -22.11 13.85 -19.18
C LYS B 160 -23.28 12.87 -19.23
N LEU B 161 -23.52 12.19 -18.11
CA LEU B 161 -24.62 11.25 -17.97
C LEU B 161 -25.39 11.58 -16.71
N PRO B 162 -26.69 11.28 -16.70
CA PRO B 162 -27.46 11.46 -15.50
C PRO B 162 -26.92 10.62 -14.34
N ALA B 163 -27.02 11.19 -13.14
CA ALA B 163 -26.71 10.51 -11.89
C ALA B 163 -27.32 9.11 -11.80
N PHE B 164 -28.52 8.97 -12.38
CA PHE B 164 -29.30 7.72 -12.35
C PHE B 164 -28.46 6.47 -12.55
N TYR B 165 -27.64 6.48 -13.60
CA TYR B 165 -26.85 5.30 -13.97
C TYR B 165 -25.75 4.94 -12.99
N PHE B 166 -25.25 5.96 -12.29
CA PHE B 166 -24.27 5.75 -11.24
C PHE B 166 -24.89 5.10 -10.00
N HIS B 167 -26.11 5.52 -9.66
CA HIS B 167 -26.92 4.86 -8.60
C HIS B 167 -27.22 3.41 -8.90
N GLU B 168 -27.64 3.12 -10.13
CA GLU B 168 -27.96 1.75 -10.55
C GLU B 168 -26.72 0.87 -10.65
N ALA B 169 -25.59 1.50 -10.98
CA ALA B 169 -24.29 0.82 -10.98
C ALA B 169 -23.73 0.46 -9.59
N GLY B 170 -24.23 1.11 -8.54
CA GLY B 170 -23.80 0.88 -7.15
C GLY B 170 -22.67 1.80 -6.78
N LEU B 171 -22.65 2.96 -7.42
CA LEU B 171 -21.56 3.92 -7.32
C LEU B 171 -22.13 5.28 -7.04
N SER B 172 -23.14 5.34 -6.18
CA SER B 172 -23.80 6.60 -5.80
C SER B 172 -22.83 7.66 -5.32
N GLU B 173 -21.90 7.28 -4.47
CA GLU B 173 -20.92 8.22 -3.93
C GLU B 173 -20.21 8.99 -5.02
N LEU B 174 -20.22 8.43 -6.24
CA LEU B 174 -19.61 9.08 -7.40
C LEU B 174 -20.53 10.05 -8.13
N ALA B 175 -21.74 10.22 -7.63
CA ALA B 175 -22.71 11.12 -8.26
C ALA B 175 -23.29 12.07 -7.23
N PRO B 176 -22.51 13.08 -6.79
CA PRO B 176 -23.08 14.19 -6.01
C PRO B 176 -24.02 15.09 -6.82
N TYR B 177 -23.69 15.36 -8.08
CA TYR B 177 -24.52 16.24 -8.92
C TYR B 177 -25.55 15.44 -9.73
N PRO B 178 -26.56 16.13 -10.29
CA PRO B 178 -27.49 15.41 -11.16
C PRO B 178 -26.84 14.93 -12.47
N ASP B 179 -25.77 15.58 -12.91
CA ASP B 179 -25.01 15.12 -14.08
C ASP B 179 -23.54 15.06 -13.82
N ILE B 180 -22.92 14.00 -14.34
CA ILE B 180 -21.53 13.74 -14.09
C ILE B 180 -20.78 13.42 -15.36
N ASP B 181 -19.62 14.07 -15.52
CA ASP B 181 -18.68 13.70 -16.55
C ASP B 181 -17.99 12.39 -16.11
N PRO B 182 -18.30 11.27 -16.82
CA PRO B 182 -17.69 10.00 -16.47
C PRO B 182 -16.17 9.98 -16.69
N GLU B 183 -15.67 10.89 -17.52
CA GLU B 183 -14.21 11.04 -17.72
C GLU B 183 -13.47 11.67 -16.53
N HIS B 184 -14.12 12.60 -15.82
CA HIS B 184 -13.60 13.13 -14.56
C HIS B 184 -13.64 12.01 -13.53
N THR B 185 -14.77 11.34 -13.48
CA THR B 185 -15.04 10.25 -12.57
C THR B 185 -13.98 9.16 -12.60
N GLY B 186 -13.69 8.69 -13.81
CA GLY B 186 -12.64 7.70 -14.04
C GLY B 186 -11.28 8.20 -13.59
N GLY B 187 -10.98 9.47 -13.88
CA GLY B 187 -9.71 10.07 -13.46
C GLY B 187 -9.62 10.33 -11.95
N TYR B 188 -10.76 10.64 -11.35
CA TYR B 188 -10.88 10.84 -9.91
C TYR B 188 -10.54 9.57 -9.14
N ILE B 189 -11.14 8.44 -9.51
CA ILE B 189 -10.83 7.15 -8.87
C ILE B 189 -9.51 6.49 -9.34
N ALA B 190 -8.96 6.93 -10.45
CA ALA B 190 -7.72 6.35 -10.92
C ALA B 190 -6.53 6.79 -10.06
N ASP B 191 -5.55 5.91 -9.87
CA ASP B 191 -4.29 6.30 -9.22
C ASP B 191 -3.36 7.09 -10.17
N ILE B 192 -3.34 6.68 -11.44
CA ILE B 192 -2.60 7.40 -12.46
C ILE B 192 -3.49 7.50 -13.69
N VAL B 193 -3.62 8.70 -14.25
CA VAL B 193 -4.31 8.87 -15.53
C VAL B 193 -3.29 8.97 -16.66
N THR B 194 -3.61 8.41 -17.82
CA THR B 194 -2.76 8.61 -18.98
C THR B 194 -3.56 8.98 -20.18
N THR B 195 -2.86 9.65 -21.06
CA THR B 195 -3.39 9.92 -22.36
C THR B 195 -2.30 9.62 -23.37
N VAL B 196 -2.74 9.68 -24.61
CA VAL B 196 -2.13 8.96 -25.70
C VAL B 196 -0.99 9.77 -26.40
N SER B 197 -0.86 11.05 -26.02
CA SER B 197 0.26 11.88 -26.46
C SER B 197 0.46 13.04 -25.51
N ARG B 198 1.69 13.55 -25.53
CA ARG B 198 2.07 14.71 -24.75
C ARG B 198 1.43 15.99 -25.25
N GLY B 199 1.33 16.14 -26.56
CA GLY B 199 0.79 17.37 -27.15
C GLY B 199 -0.70 17.47 -26.87
N TYR B 200 -1.39 16.34 -26.99
CA TYR B 200 -2.83 16.28 -26.72
C TYR B 200 -3.13 16.47 -25.23
N LEU B 201 -2.20 16.03 -24.39
CA LEU B 201 -2.25 16.33 -22.98
C LEU B 201 -2.22 17.85 -22.73
N ILE B 202 -1.29 18.52 -23.41
CA ILE B 202 -1.07 19.94 -23.23
C ILE B 202 -2.27 20.70 -23.83
N ASP B 203 -2.64 20.38 -25.05
CA ASP B 203 -3.79 21.02 -25.69
C ASP B 203 -5.05 20.89 -24.84
N GLU B 204 -5.22 19.76 -24.17
CA GLU B 204 -6.42 19.50 -23.37
C GLU B 204 -6.23 19.75 -21.87
N TRP B 205 -5.21 20.54 -21.53
CA TRP B 205 -4.90 20.91 -20.14
C TRP B 205 -6.08 21.53 -19.41
N GLY B 206 -6.94 22.23 -20.14
CA GLY B 206 -8.22 22.68 -19.62
C GLY B 206 -8.89 21.63 -18.78
N PHE B 207 -8.98 20.40 -19.31
CA PHE B 207 -9.59 19.26 -18.60
C PHE B 207 -8.61 18.55 -17.66
N PHE B 208 -7.42 18.27 -18.20
CA PHE B 208 -6.42 17.42 -17.58
C PHE B 208 -5.81 18.01 -16.32
N ARG B 209 -5.86 19.34 -16.20
CA ARG B 209 -5.30 20.03 -15.04
C ARG B 209 -5.99 19.59 -13.74
N ASN B 210 -7.21 19.06 -13.81
CA ASN B 210 -7.86 18.53 -12.59
C ASN B 210 -7.17 17.32 -11.98
N PHE B 211 -6.27 16.70 -12.72
CA PHE B 211 -5.59 15.52 -12.24
C PHE B 211 -4.11 15.76 -12.13
N GLU B 212 -3.78 17.06 -12.05
CA GLU B 212 -2.42 17.57 -11.92
C GLU B 212 -1.67 16.71 -10.88
N GLY B 213 -0.55 16.13 -11.31
CA GLY B 213 0.20 15.15 -10.50
C GLY B 213 -0.04 13.70 -10.90
N LYS B 214 -1.31 13.33 -11.10
CA LYS B 214 -1.69 11.95 -11.51
C LYS B 214 -1.63 11.71 -13.04
N ILE B 215 -1.49 12.79 -13.79
CA ILE B 215 -1.70 12.71 -15.23
C ILE B 215 -0.34 12.68 -15.93
N THR B 216 -0.20 11.76 -16.88
CA THR B 216 0.96 11.73 -17.77
C THR B 216 0.51 11.26 -19.17
N TYR B 217 1.48 11.07 -20.06
CA TYR B 217 1.19 10.58 -21.40
C TYR B 217 1.89 9.23 -21.64
N VAL B 218 1.25 8.37 -22.41
CA VAL B 218 1.90 7.16 -22.93
C VAL B 218 1.54 7.11 -24.40
N PHE B 219 2.54 7.34 -25.26
CA PHE B 219 2.36 7.29 -26.71
C PHE B 219 1.80 5.96 -27.14
N ASN B 220 1.15 5.94 -28.30
CA ASN B 220 0.78 4.69 -28.94
C ASN B 220 1.96 4.19 -29.75
N GLY B 221 1.71 3.13 -30.49
CA GLY B 221 2.72 2.55 -31.32
C GLY B 221 2.24 2.28 -32.72
N ILE B 222 3.14 1.72 -33.51
CA ILE B 222 2.84 1.40 -34.87
C ILE B 222 3.61 0.15 -35.28
N ASP B 223 2.89 -0.71 -36.00
CA ASP B 223 3.37 -1.98 -36.50
C ASP B 223 4.25 -1.78 -37.76
N CYS B 224 5.50 -1.37 -37.52
CA CYS B 224 6.38 -0.90 -38.60
C CYS B 224 6.92 -2.09 -39.44
N SER B 225 6.68 -3.32 -38.97
CA SER B 225 6.98 -4.50 -39.77
C SER B 225 5.90 -4.73 -40.85
N PHE B 226 4.64 -4.39 -40.59
CA PHE B 226 3.64 -4.44 -41.65
C PHE B 226 3.89 -3.30 -42.65
N TRP B 227 3.97 -2.07 -42.14
CA TRP B 227 4.25 -0.89 -42.97
C TRP B 227 5.74 -0.79 -43.24
N ASN B 228 6.18 -1.54 -44.24
CA ASN B 228 7.57 -1.89 -44.41
C ASN B 228 7.93 -1.85 -45.87
N GLU B 229 9.06 -1.25 -46.18
CA GLU B 229 9.52 -1.11 -47.55
C GLU B 229 9.80 -2.45 -48.26
N SER B 230 10.12 -3.49 -47.50
CA SER B 230 10.42 -4.83 -48.06
C SER B 230 9.29 -5.48 -48.89
N TYR B 231 8.07 -4.99 -48.73
CA TYR B 231 6.92 -5.39 -49.56
C TYR B 231 6.92 -4.78 -50.94
N LEU B 232 7.85 -3.86 -51.17
CA LEU B 232 7.90 -3.07 -52.40
C LEU B 232 9.13 -3.48 -53.20
N THR B 233 9.19 -3.01 -54.44
CA THR B 233 10.25 -3.40 -55.34
C THR B 233 10.75 -2.19 -56.08
N GLY B 234 11.96 -2.29 -56.59
CA GLY B 234 12.58 -1.20 -57.34
C GLY B 234 13.02 -0.08 -56.43
N SER B 235 13.61 0.96 -57.02
CA SER B 235 13.96 2.18 -56.28
C SER B 235 12.71 3.01 -56.01
N ARG B 236 12.83 3.99 -55.13
CA ARG B 236 11.69 4.84 -54.77
C ARG B 236 11.26 5.71 -55.95
N ASP B 237 12.23 6.08 -56.78
CA ASP B 237 11.93 6.86 -57.98
C ASP B 237 11.18 6.06 -59.04
N GLU B 238 11.55 4.80 -59.21
CA GLU B 238 10.82 3.90 -60.10
C GLU B 238 9.37 3.72 -59.63
N ARG B 239 9.17 3.51 -58.31
CA ARG B 239 7.83 3.29 -57.77
C ARG B 239 6.96 4.52 -57.92
N LYS B 240 7.55 5.69 -57.74
CA LYS B 240 6.82 6.94 -57.88
C LYS B 240 6.41 7.22 -59.32
N LYS B 241 7.33 7.03 -60.25
CA LYS B 241 7.02 7.22 -61.67
C LYS B 241 5.90 6.29 -62.12
N SER B 242 5.96 5.07 -61.63
CA SER B 242 4.99 4.06 -61.95
C SER B 242 3.63 4.47 -61.44
N LEU B 243 3.58 4.91 -60.18
CA LEU B 243 2.34 5.33 -59.53
C LEU B 243 1.70 6.51 -60.24
N LEU B 244 2.50 7.54 -60.47
CA LEU B 244 2.04 8.76 -61.10
C LEU B 244 1.50 8.47 -62.50
N SER B 245 2.22 7.65 -63.25
CA SER B 245 1.76 7.35 -64.60
C SER B 245 0.50 6.50 -64.61
N LYS B 246 0.19 5.78 -63.53
CA LYS B 246 -1.11 5.10 -63.39
C LYS B 246 -2.27 6.09 -63.22
N PHE B 247 -1.97 7.30 -62.75
CA PHE B 247 -2.98 8.35 -62.65
C PHE B 247 -2.99 9.29 -63.85
N GLY B 248 -2.09 9.06 -64.82
CA GLY B 248 -2.04 9.84 -66.05
C GLY B 248 -1.05 10.98 -66.02
N MET B 249 -0.25 11.04 -64.95
CA MET B 249 0.70 12.13 -64.74
C MET B 249 2.14 11.64 -64.91
N ASP B 250 3.04 12.56 -65.20
CA ASP B 250 4.48 12.24 -65.22
C ASP B 250 5.13 12.81 -63.97
N GLU B 251 6.41 12.51 -63.81
CA GLU B 251 7.10 12.67 -62.52
C GLU B 251 6.99 14.07 -61.98
N GLY B 252 6.89 14.17 -60.67
CA GLY B 252 6.79 15.45 -59.98
C GLY B 252 6.89 15.23 -58.48
N VAL B 253 7.05 16.31 -57.75
CA VAL B 253 7.11 16.23 -56.30
C VAL B 253 5.70 15.97 -55.77
N THR B 254 5.50 14.82 -55.12
CA THR B 254 4.17 14.27 -54.86
C THR B 254 3.72 14.30 -53.39
N PHE B 255 2.67 15.08 -53.13
CA PHE B 255 2.09 15.28 -51.82
C PHE B 255 0.81 14.47 -51.75
N MET B 256 0.58 13.83 -50.60
CA MET B 256 -0.55 12.92 -50.43
C MET B 256 -1.36 13.30 -49.22
N PHE B 257 -2.65 13.07 -49.30
CA PHE B 257 -3.55 13.25 -48.19
C PHE B 257 -4.42 12.03 -48.07
N ILE B 258 -4.67 11.59 -46.85
CA ILE B 258 -5.58 10.48 -46.63
C ILE B 258 -6.35 10.68 -45.32
N GLY B 259 -7.66 10.80 -45.48
CA GLY B 259 -8.51 11.08 -44.35
C GLY B 259 -9.95 11.33 -44.75
N ARG B 260 -10.81 11.15 -43.77
CA ARG B 260 -12.21 11.52 -43.85
C ARG B 260 -12.37 12.97 -44.32
N PHE B 261 -13.24 13.23 -45.31
CA PHE B 261 -13.57 14.62 -45.70
C PHE B 261 -14.62 15.13 -44.72
N ASP B 262 -14.40 16.29 -44.10
CA ASP B 262 -15.31 16.73 -43.06
C ASP B 262 -15.16 18.20 -42.66
N ARG B 263 -16.10 18.63 -41.82
CA ARG B 263 -16.20 19.99 -41.26
C ARG B 263 -14.85 20.62 -40.87
N GLY B 264 -14.42 20.39 -39.63
CA GLY B 264 -13.26 21.06 -39.05
C GLY B 264 -12.55 20.13 -38.10
N GLN B 265 -12.13 18.98 -38.61
CA GLN B 265 -11.20 18.10 -37.88
C GLN B 265 -10.03 17.55 -38.72
N LYS B 266 -10.31 16.87 -39.84
CA LYS B 266 -9.22 16.27 -40.62
C LYS B 266 -8.57 17.22 -41.60
N GLY B 267 -9.29 18.27 -41.98
CA GLY B 267 -8.67 19.42 -42.64
C GLY B 267 -8.44 19.36 -44.14
N VAL B 268 -9.25 18.54 -44.85
CA VAL B 268 -9.18 18.47 -46.31
C VAL B 268 -9.59 19.80 -46.97
N ASP B 269 -10.49 20.51 -46.30
CA ASP B 269 -10.92 21.85 -46.73
C ASP B 269 -9.76 22.87 -46.68
N VAL B 270 -8.88 22.76 -45.68
CA VAL B 270 -7.69 23.60 -45.58
C VAL B 270 -6.71 23.24 -46.68
N LEU B 271 -6.62 21.94 -47.02
CA LEU B 271 -5.73 21.50 -48.10
C LEU B 271 -6.19 22.09 -49.44
N LEU B 272 -7.51 22.06 -49.67
CA LEU B 272 -8.09 22.52 -50.91
C LEU B 272 -7.95 24.02 -51.08
N LYS B 273 -8.17 24.80 -50.03
CA LYS B 273 -7.85 26.24 -50.05
C LYS B 273 -6.38 26.41 -50.43
N ALA B 274 -5.50 25.59 -49.87
CA ALA B 274 -4.05 25.70 -50.10
C ALA B 274 -3.63 25.27 -51.51
N ILE B 275 -4.26 24.22 -52.04
CA ILE B 275 -4.01 23.82 -53.42
C ILE B 275 -4.35 24.99 -54.35
N GLU B 276 -5.44 25.69 -54.06
CA GLU B 276 -5.87 26.85 -54.84
C GLU B 276 -4.89 27.99 -54.75
N ILE B 277 -4.50 28.36 -53.53
CA ILE B 277 -3.44 29.37 -53.35
C ILE B 277 -2.19 29.05 -54.18
N LEU B 278 -1.81 27.79 -54.21
CA LEU B 278 -0.60 27.35 -54.90
C LEU B 278 -0.75 27.38 -56.44
N SER B 279 -1.96 27.12 -56.95
CA SER B 279 -2.19 27.02 -58.40
C SER B 279 -1.74 28.21 -59.24
N SER B 280 -1.67 29.38 -58.61
CA SER B 280 -1.24 30.63 -59.23
C SER B 280 0.20 31.02 -58.90
N LYS B 281 0.92 30.15 -58.22
CA LYS B 281 2.36 30.30 -58.06
C LYS B 281 3.03 29.53 -59.21
N LYS B 282 4.26 29.89 -59.53
CA LYS B 282 4.91 29.39 -60.73
C LYS B 282 5.26 27.92 -60.60
N GLU B 283 5.54 27.49 -59.37
CA GLU B 283 6.04 26.13 -59.10
C GLU B 283 4.93 25.07 -58.97
N PHE B 284 3.68 25.44 -59.22
CA PHE B 284 2.55 24.51 -59.17
C PHE B 284 2.72 23.33 -60.12
N GLN B 285 3.33 23.57 -61.28
CA GLN B 285 3.49 22.51 -62.29
C GLN B 285 4.59 21.49 -61.92
N GLU B 286 5.36 21.81 -60.87
CA GLU B 286 6.35 20.91 -60.30
C GLU B 286 5.71 19.94 -59.28
N MET B 287 4.52 20.29 -58.80
CA MET B 287 3.84 19.56 -57.72
C MET B 287 2.79 18.55 -58.22
N ARG B 288 2.57 17.48 -57.47
CA ARG B 288 1.48 16.54 -57.77
C ARG B 288 0.68 16.23 -56.50
N PHE B 289 -0.64 16.17 -56.62
CA PHE B 289 -1.49 15.97 -55.45
C PHE B 289 -2.35 14.75 -55.62
N ILE B 290 -2.37 13.89 -54.60
CA ILE B 290 -3.26 12.75 -54.54
C ILE B 290 -4.08 12.91 -53.27
N ILE B 291 -5.40 13.03 -53.42
CA ILE B 291 -6.28 13.32 -52.30
C ILE B 291 -7.25 12.17 -52.11
N ILE B 292 -7.19 11.56 -50.93
CA ILE B 292 -7.86 10.30 -50.67
C ILE B 292 -8.78 10.45 -49.49
N GLY B 293 -9.94 9.84 -49.62
CA GLY B 293 -10.94 9.81 -48.56
C GLY B 293 -12.29 10.19 -49.11
N LYS B 294 -13.25 10.25 -48.21
CA LYS B 294 -14.57 10.74 -48.57
C LYS B 294 -15.40 11.16 -47.35
N GLY B 295 -16.66 11.49 -47.63
CA GLY B 295 -17.61 11.87 -46.61
C GLY B 295 -18.43 13.04 -47.10
N ASP B 296 -17.98 14.23 -46.73
CA ASP B 296 -18.76 15.45 -46.90
C ASP B 296 -18.96 15.84 -48.37
N PRO B 297 -20.20 15.75 -48.87
CA PRO B 297 -20.50 15.99 -50.30
C PRO B 297 -20.09 17.36 -50.89
N GLU B 298 -20.17 18.43 -50.09
CA GLU B 298 -19.73 19.75 -50.58
C GLU B 298 -18.24 19.70 -50.86
N LEU B 299 -17.51 19.12 -49.91
CA LEU B 299 -16.07 19.02 -50.00
C LEU B 299 -15.65 18.05 -51.10
N GLU B 300 -16.39 16.96 -51.24
CA GLU B 300 -16.13 15.99 -52.31
C GLU B 300 -16.18 16.61 -53.70
N GLY B 301 -17.21 17.42 -53.96
CA GLY B 301 -17.34 18.08 -55.26
C GLY B 301 -16.26 19.14 -55.51
N TRP B 302 -15.93 19.90 -54.46
CA TRP B 302 -14.83 20.87 -54.48
C TRP B 302 -13.53 20.18 -54.92
N ALA B 303 -13.21 19.06 -54.26
CA ALA B 303 -12.07 18.23 -54.63
C ALA B 303 -12.07 17.86 -56.11
N ARG B 304 -13.15 17.22 -56.55
CA ARG B 304 -13.28 16.76 -57.94
C ARG B 304 -13.15 17.90 -58.96
N SER B 305 -13.62 19.08 -58.56
CA SER B 305 -13.57 20.27 -59.43
C SER B 305 -12.15 20.85 -59.54
N LEU B 306 -11.26 20.47 -58.63
CA LEU B 306 -9.84 20.76 -58.78
C LEU B 306 -9.15 19.63 -59.54
N GLU B 307 -9.68 18.42 -59.39
CA GLU B 307 -9.21 17.27 -60.16
C GLU B 307 -9.41 17.48 -61.66
N GLU B 308 -10.57 18.03 -62.01
CA GLU B 308 -10.94 18.32 -63.40
C GLU B 308 -10.31 19.62 -63.93
N LYS B 309 -10.17 20.61 -63.06
CA LYS B 309 -9.54 21.89 -63.43
C LYS B 309 -8.04 21.74 -63.72
N HIS B 310 -7.36 20.85 -62.98
CA HIS B 310 -5.91 20.61 -63.12
C HIS B 310 -5.60 19.13 -63.31
N GLY B 311 -4.69 18.84 -64.24
CA GLY B 311 -4.17 17.48 -64.48
C GLY B 311 -3.02 17.20 -63.54
N ASN B 312 -2.99 18.04 -62.52
CA ASN B 312 -2.00 18.07 -61.48
C ASN B 312 -2.48 17.27 -60.25
N VAL B 313 -3.79 17.12 -60.16
CA VAL B 313 -4.49 16.66 -58.98
C VAL B 313 -5.25 15.38 -59.30
N LYS B 314 -5.05 14.32 -58.51
CA LYS B 314 -5.88 13.10 -58.55
C LYS B 314 -6.68 13.00 -57.26
N VAL B 315 -7.93 12.60 -57.40
CA VAL B 315 -8.80 12.37 -56.26
C VAL B 315 -9.30 10.92 -56.29
N ILE B 316 -9.42 10.35 -55.10
CA ILE B 316 -9.93 9.00 -54.90
C ILE B 316 -10.91 9.10 -53.72
N THR B 317 -12.09 8.49 -53.89
CA THR B 317 -13.15 8.51 -52.88
C THR B 317 -13.55 7.13 -52.33
N GLU B 318 -13.16 6.09 -53.03
CA GLU B 318 -13.43 4.73 -52.60
C GLU B 318 -12.36 4.24 -51.66
N MET B 319 -12.61 3.12 -51.01
CA MET B 319 -11.59 2.56 -50.13
C MET B 319 -10.62 1.67 -50.90
N LEU B 320 -9.45 1.57 -50.31
CA LEU B 320 -8.27 0.98 -50.85
C LEU B 320 -7.81 -0.03 -49.84
N SER B 321 -7.00 -0.98 -50.29
CA SER B 321 -6.36 -1.96 -49.44
C SER B 321 -5.23 -1.30 -48.65
N ARG B 322 -4.94 -1.83 -47.47
CA ARG B 322 -3.78 -1.39 -46.72
C ARG B 322 -2.52 -1.54 -47.56
N GLU B 323 -2.51 -2.61 -48.36
CA GLU B 323 -1.40 -2.93 -49.25
C GLU B 323 -1.17 -1.85 -50.29
N PHE B 324 -2.25 -1.33 -50.86
CA PHE B 324 -2.12 -0.24 -51.82
C PHE B 324 -1.78 1.08 -51.11
N VAL B 325 -2.38 1.31 -49.94
CA VAL B 325 -2.01 2.44 -49.09
C VAL B 325 -0.50 2.40 -48.75
N ARG B 326 0.05 1.20 -48.53
CA ARG B 326 1.48 1.01 -48.23
C ARG B 326 2.37 1.34 -49.45
N GLU B 327 1.88 0.99 -50.61
CA GLU B 327 2.57 1.28 -51.86
C GLU B 327 2.62 2.80 -52.08
N LEU B 328 1.48 3.46 -51.83
CA LEU B 328 1.39 4.92 -51.82
C LEU B 328 2.43 5.59 -50.93
N TYR B 329 2.33 5.33 -49.62
CA TYR B 329 3.28 5.82 -48.61
C TYR B 329 4.73 5.60 -49.04
N GLY B 330 4.99 4.46 -49.69
CA GLY B 330 6.34 4.12 -50.15
C GLY B 330 6.79 4.75 -51.46
N SER B 331 5.93 5.59 -52.05
CA SER B 331 6.20 6.18 -53.37
C SER B 331 6.22 7.71 -53.37
N VAL B 332 5.20 8.29 -52.76
CA VAL B 332 5.05 9.72 -52.72
C VAL B 332 6.22 10.32 -51.96
N ASP B 333 6.34 11.64 -52.03
CA ASP B 333 7.40 12.35 -51.33
C ASP B 333 6.95 12.92 -50.00
N PHE B 334 5.67 13.26 -49.89
CA PHE B 334 5.15 13.90 -48.70
C PHE B 334 3.72 13.47 -48.39
N VAL B 335 3.41 13.31 -47.09
CA VAL B 335 2.04 13.22 -46.62
C VAL B 335 1.69 14.48 -45.87
N ILE B 336 0.57 15.10 -46.28
CA ILE B 336 0.07 16.30 -45.65
C ILE B 336 -1.00 15.88 -44.66
N ILE B 337 -0.81 16.26 -43.41
CA ILE B 337 -1.79 15.95 -42.39
C ILE B 337 -2.28 17.24 -41.79
N PRO B 338 -3.34 17.81 -42.36
CA PRO B 338 -3.76 19.12 -41.94
C PRO B 338 -4.84 19.09 -40.86
N SER B 339 -4.73 18.23 -39.86
CA SER B 339 -5.80 18.14 -38.85
C SER B 339 -5.89 19.37 -37.95
N TYR B 340 -7.07 19.58 -37.38
CA TYR B 340 -7.28 20.58 -36.30
C TYR B 340 -6.91 20.07 -34.89
N PHE B 341 -7.29 18.83 -34.58
CA PHE B 341 -6.81 18.14 -33.37
C PHE B 341 -6.42 16.71 -33.73
N GLU B 342 -5.51 16.16 -32.93
CA GLU B 342 -5.02 14.81 -33.13
C GLU B 342 -4.47 14.25 -31.83
N PRO B 343 -5.25 13.38 -31.15
CA PRO B 343 -4.74 12.69 -29.98
C PRO B 343 -3.40 12.01 -30.26
N PHE B 344 -3.30 11.19 -31.30
CA PHE B 344 -2.01 10.57 -31.61
C PHE B 344 -1.44 10.95 -32.98
N GLY B 345 -1.93 10.32 -34.04
CA GLY B 345 -1.45 10.66 -35.38
C GLY B 345 -0.79 9.50 -36.07
N LEU B 346 -1.56 8.43 -36.20
CA LEU B 346 -1.07 7.19 -36.76
C LEU B 346 -0.61 7.40 -38.19
N VAL B 347 -1.35 8.20 -38.95
CA VAL B 347 -1.06 8.43 -40.38
C VAL B 347 0.40 8.83 -40.65
N ALA B 348 0.88 9.81 -39.89
CA ALA B 348 2.26 10.27 -39.98
C ALA B 348 3.27 9.16 -39.71
N LEU B 349 2.91 8.22 -38.82
CA LEU B 349 3.82 7.14 -38.48
C LEU B 349 3.83 6.06 -39.55
N GLU B 350 2.67 5.77 -40.14
CA GLU B 350 2.63 4.83 -41.24
C GLU B 350 3.44 5.43 -42.39
N ALA B 351 3.18 6.71 -42.64
CA ALA B 351 3.93 7.48 -43.60
C ALA B 351 5.45 7.40 -43.37
N MET B 352 5.91 7.78 -42.18
CA MET B 352 7.35 7.82 -41.88
C MET B 352 8.00 6.45 -41.98
N CYS B 353 7.28 5.42 -41.55
CA CYS B 353 7.81 4.05 -41.69
C CYS B 353 8.26 3.81 -43.14
N LEU B 354 7.42 4.22 -44.08
CA LEU B 354 7.72 3.95 -45.48
C LEU B 354 8.54 5.04 -46.17
N GLY B 355 8.98 6.03 -45.41
CA GLY B 355 9.86 7.08 -45.95
C GLY B 355 9.15 8.31 -46.50
N ALA B 356 7.83 8.35 -46.42
CA ALA B 356 7.10 9.56 -46.77
C ALA B 356 7.25 10.62 -45.65
N ILE B 357 7.67 11.82 -46.02
CA ILE B 357 7.96 12.90 -45.10
C ILE B 357 6.68 13.63 -44.74
N PRO B 358 6.37 13.71 -43.46
CA PRO B 358 5.11 14.34 -43.07
C PRO B 358 5.14 15.86 -43.03
N ILE B 359 3.99 16.45 -43.41
CA ILE B 359 3.73 17.88 -43.25
C ILE B 359 2.41 18.03 -42.54
N ALA B 360 2.46 18.50 -41.30
CA ALA B 360 1.34 18.33 -40.38
C ALA B 360 1.06 19.55 -39.51
N SER B 361 -0.21 19.75 -39.20
CA SER B 361 -0.61 20.72 -38.19
C SER B 361 0.11 20.38 -36.87
N ALA B 362 0.55 21.42 -36.16
CA ALA B 362 1.17 21.25 -34.85
C ALA B 362 0.10 21.14 -33.77
N VAL B 363 -0.60 20.01 -33.67
CA VAL B 363 -1.81 19.94 -32.84
C VAL B 363 -1.91 18.87 -31.76
N GLY B 364 -1.18 17.80 -31.83
CA GLY B 364 -1.34 16.89 -30.70
C GLY B 364 -0.14 16.03 -30.62
N GLY B 365 -0.35 14.76 -30.91
CA GLY B 365 0.75 13.85 -31.00
C GLY B 365 1.65 14.24 -32.15
N LEU B 366 1.08 14.86 -33.19
CA LEU B 366 1.86 15.27 -34.37
C LEU B 366 3.05 16.13 -33.96
N ARG B 367 2.77 17.04 -33.05
CA ARG B 367 3.76 17.92 -32.48
C ARG B 367 4.89 17.12 -31.81
N ASP B 368 4.52 15.98 -31.21
CA ASP B 368 5.46 15.01 -30.65
C ASP B 368 6.10 14.09 -31.69
N ILE B 369 5.31 13.54 -32.60
CA ILE B 369 5.80 12.59 -33.59
C ILE B 369 6.81 13.22 -34.53
N ILE B 370 6.51 14.42 -34.98
CA ILE B 370 7.30 15.10 -36.02
C ILE B 370 8.28 16.04 -35.35
N THR B 371 9.52 16.01 -35.84
CA THR B 371 10.62 16.85 -35.34
C THR B 371 11.22 17.62 -36.51
N ASN B 372 12.14 18.52 -36.23
CA ASN B 372 12.79 19.28 -37.31
C ASN B 372 13.61 18.42 -38.27
N GLU B 373 14.09 17.28 -37.80
CA GLU B 373 14.96 16.42 -38.61
C GLU B 373 14.13 15.39 -39.38
N THR B 374 12.84 15.30 -39.05
CA THR B 374 11.97 14.30 -39.66
C THR B 374 10.85 14.89 -40.51
N GLY B 375 10.44 16.12 -40.24
CA GLY B 375 9.35 16.75 -41.00
C GLY B 375 9.08 18.21 -40.74
N ILE B 376 7.86 18.62 -41.05
CA ILE B 376 7.50 20.02 -41.10
C ILE B 376 6.15 20.25 -40.43
N LEU B 377 6.17 21.11 -39.41
CA LEU B 377 4.97 21.48 -38.65
C LEU B 377 4.50 22.86 -39.08
N VAL B 378 3.19 23.04 -39.19
CA VAL B 378 2.57 24.33 -39.51
C VAL B 378 1.36 24.59 -38.63
N LYS B 379 1.01 25.85 -38.44
CA LYS B 379 -0.14 26.18 -37.60
C LYS B 379 -1.43 25.80 -38.33
N ALA B 380 -2.44 25.40 -37.57
CA ALA B 380 -3.64 24.75 -38.09
C ALA B 380 -4.71 25.77 -38.47
N GLY B 381 -5.58 25.38 -39.41
CA GLY B 381 -6.69 26.21 -39.87
C GLY B 381 -6.20 27.45 -40.60
N ASP B 382 -5.25 27.25 -41.51
CA ASP B 382 -4.53 28.33 -42.21
C ASP B 382 -3.96 27.77 -43.53
N PRO B 383 -4.74 27.87 -44.63
CA PRO B 383 -4.28 27.45 -45.95
C PRO B 383 -3.03 28.19 -46.40
N GLY B 384 -2.89 29.45 -45.97
CA GLY B 384 -1.75 30.25 -46.30
C GLY B 384 -0.48 29.63 -45.76
N GLU B 385 -0.46 29.35 -44.46
CA GLU B 385 0.73 28.79 -43.81
C GLU B 385 1.04 27.39 -44.30
N LEU B 386 0.00 26.69 -44.74
CA LEU B 386 0.13 25.35 -45.31
C LEU B 386 0.71 25.41 -46.73
N ALA B 387 0.24 26.38 -47.50
CA ALA B 387 0.77 26.57 -48.82
C ALA B 387 2.24 26.99 -48.79
N ASN B 388 2.66 27.84 -47.84
CA ASN B 388 4.09 28.21 -47.75
C ASN B 388 4.93 27.00 -47.38
N ALA B 389 4.36 26.14 -46.56
CA ALA B 389 5.01 24.89 -46.16
C ALA B 389 5.16 23.90 -47.32
N ILE B 390 4.12 23.77 -48.14
CA ILE B 390 4.20 22.94 -49.33
C ILE B 390 5.29 23.50 -50.23
N LEU B 391 5.42 24.82 -50.22
CA LEU B 391 6.42 25.51 -51.01
C LEU B 391 7.84 25.32 -50.51
N LYS B 392 8.01 25.28 -49.19
CA LYS B 392 9.34 25.08 -48.59
C LYS B 392 9.78 23.63 -48.73
N ALA B 393 8.83 22.71 -48.63
CA ALA B 393 9.10 21.30 -48.88
C ALA B 393 9.61 21.07 -50.30
N LEU B 394 9.08 21.86 -51.22
CA LEU B 394 9.50 21.80 -52.59
C LEU B 394 10.97 22.18 -52.76
N GLU B 395 11.38 23.26 -52.08
CA GLU B 395 12.76 23.75 -52.11
C GLU B 395 13.73 22.66 -51.70
N LEU B 396 13.30 21.78 -50.79
CA LEU B 396 14.15 20.65 -50.37
C LEU B 396 14.55 19.82 -51.58
N SER B 397 15.87 19.72 -51.75
CA SER B 397 16.50 19.43 -53.05
C SER B 397 16.37 17.98 -53.43
N ARG B 398 17.17 17.12 -52.81
CA ARG B 398 17.22 15.69 -53.18
C ARG B 398 18.03 14.82 -52.23
N SER B 399 19.34 15.10 -52.16
CA SER B 399 20.15 14.42 -51.16
C SER B 399 19.57 14.82 -49.81
N ASP B 400 19.10 16.07 -49.73
CA ASP B 400 18.35 16.57 -48.57
C ASP B 400 17.15 15.67 -48.16
N LEU B 401 16.45 15.12 -49.16
CA LEU B 401 15.31 14.23 -48.89
C LEU B 401 15.74 12.83 -48.46
N SER B 402 16.78 12.30 -49.09
CA SER B 402 17.29 10.99 -48.74
C SER B 402 17.49 10.81 -47.22
N LYS B 403 18.06 11.82 -46.57
CA LYS B 403 18.33 11.73 -45.13
C LYS B 403 17.09 12.02 -44.25
N PHE B 404 16.21 12.91 -44.69
CA PHE B 404 14.87 13.07 -44.09
C PHE B 404 14.05 11.75 -43.98
N ARG B 405 14.18 10.89 -44.99
CA ARG B 405 13.48 9.60 -45.07
C ARG B 405 14.06 8.58 -44.11
N GLU B 406 15.39 8.59 -44.05
CA GLU B 406 16.21 7.77 -43.17
C GLU B 406 15.84 8.06 -41.69
N ASN B 407 15.80 9.35 -41.35
CA ASN B 407 15.42 9.81 -40.01
C ASN B 407 13.99 9.43 -39.66
N CYS B 408 13.12 9.46 -40.65
CA CYS B 408 11.72 9.14 -40.41
C CYS B 408 11.53 7.67 -40.08
N LYS B 409 12.21 6.81 -40.82
CA LYS B 409 12.18 5.37 -40.55
C LYS B 409 12.71 5.06 -39.15
N LYS B 410 13.81 5.71 -38.80
CA LYS B 410 14.38 5.51 -37.49
C LYS B 410 13.40 6.01 -36.44
N ARG B 411 12.86 7.20 -36.62
CA ARG B 411 11.90 7.73 -35.66
C ARG B 411 10.62 6.89 -35.56
N ALA B 412 10.05 6.50 -36.68
CA ALA B 412 8.83 5.72 -36.64
C ALA B 412 9.00 4.38 -35.89
N MET B 413 10.20 3.82 -35.96
CA MET B 413 10.49 2.53 -35.37
C MET B 413 10.67 2.64 -33.87
N SER B 414 10.95 3.84 -33.38
CA SER B 414 11.09 3.99 -31.94
C SER B 414 9.73 4.11 -31.25
N PHE B 415 8.65 4.23 -32.02
CA PHE B 415 7.28 4.23 -31.44
C PHE B 415 6.70 2.83 -31.47
N SER B 416 7.45 1.89 -30.93
CA SER B 416 7.01 0.50 -30.87
C SER B 416 5.95 0.36 -29.81
N TRP B 417 5.03 -0.56 -30.00
CA TRP B 417 4.17 -0.99 -28.90
C TRP B 417 4.95 -1.57 -27.74
N GLU B 418 6.11 -2.17 -28.00
CA GLU B 418 6.99 -2.61 -26.90
C GLU B 418 7.29 -1.46 -25.94
N LYS B 419 7.77 -0.33 -26.45
CA LYS B 419 8.10 0.85 -25.64
C LYS B 419 6.84 1.41 -24.95
N SER B 420 5.73 1.41 -25.68
CA SER B 420 4.47 1.90 -25.16
C SER B 420 3.96 1.11 -23.93
N ALA B 421 4.31 -0.16 -23.90
CA ALA B 421 3.94 -1.09 -22.84
C ALA B 421 4.91 -1.02 -21.68
N GLU B 422 6.20 -0.86 -22.01
CA GLU B 422 7.26 -0.69 -21.03
C GLU B 422 6.93 0.50 -20.14
N ARG B 423 6.35 1.52 -20.77
CA ARG B 423 5.99 2.74 -20.07
C ARG B 423 4.67 2.61 -19.30
N TYR B 424 3.71 1.87 -19.86
CA TYR B 424 2.47 1.56 -19.12
C TYR B 424 2.79 0.79 -17.82
N VAL B 425 3.82 -0.06 -17.89
CA VAL B 425 4.27 -0.81 -16.72
C VAL B 425 4.76 0.18 -15.65
N LYS B 426 5.51 1.19 -16.10
CA LYS B 426 5.98 2.27 -15.24
C LYS B 426 4.78 2.98 -14.61
N ALA B 427 3.72 3.20 -15.38
CA ALA B 427 2.53 3.86 -14.83
C ALA B 427 1.72 2.96 -13.91
N TYR B 428 1.79 1.65 -14.08
CA TYR B 428 1.05 0.75 -13.18
C TYR B 428 1.47 0.90 -11.70
N THR B 429 2.76 1.16 -11.48
CA THR B 429 3.34 1.30 -10.15
C THR B 429 3.50 2.76 -9.71
N GLY B 430 3.14 3.70 -10.58
CA GLY B 430 3.39 5.12 -10.31
C GLY B 430 4.83 5.51 -10.62
N SER B 431 5.62 4.56 -11.11
CA SER B 431 7.04 4.83 -11.38
C SER B 431 7.23 5.65 -12.67
N ILE B 432 6.54 6.78 -12.74
CA ILE B 432 6.45 7.55 -13.96
C ILE B 432 6.39 9.05 -13.73
N ASP B 433 6.96 9.78 -14.67
CA ASP B 433 6.86 11.24 -14.70
C ASP B 433 5.41 11.62 -15.05
N ARG B 434 5.01 12.81 -14.64
CA ARG B 434 3.63 13.27 -14.76
C ARG B 434 3.58 14.80 -14.84
N ALA B 435 2.40 15.32 -15.13
CA ALA B 435 2.24 16.72 -15.49
C ALA B 435 1.82 17.55 -14.31
N PHE B 436 2.59 18.60 -14.04
CA PHE B 436 2.34 19.55 -12.95
C PHE B 436 2.18 20.96 -13.52
N ASP B 437 1.13 21.65 -13.11
CA ASP B 437 0.82 22.98 -13.64
C ASP B 437 1.90 24.06 -13.41
N PHE B 438 2.68 23.90 -12.34
CA PHE B 438 3.82 24.80 -12.10
C PHE B 438 5.10 24.36 -12.81
N ILE B 439 5.03 23.34 -13.67
CA ILE B 439 6.24 22.89 -14.37
C ILE B 439 6.17 23.26 -15.85
N LEU B 440 6.88 24.34 -16.19
CA LEU B 440 6.77 24.93 -17.53
C LEU B 440 7.51 24.10 -18.57
N GLY C 1 8.67 -14.57 -1.99
CA GLY C 1 7.38 -14.10 -1.35
C GLY C 1 6.16 -15.01 -1.49
N SER C 2 6.25 -16.24 -0.95
CA SER C 2 5.10 -17.17 -0.83
C SER C 2 4.72 -17.37 0.68
N HIS C 3 5.75 -17.45 1.52
CA HIS C 3 5.68 -17.51 2.99
C HIS C 3 5.23 -16.18 3.58
N MET C 4 4.45 -16.22 4.66
CA MET C 4 4.05 -14.97 5.32
C MET C 4 3.93 -15.04 6.86
N LYS C 5 3.85 -13.87 7.50
CA LYS C 5 3.86 -13.74 8.97
C LYS C 5 2.51 -13.25 9.48
N VAL C 6 1.81 -14.16 10.15
CA VAL C 6 0.43 -13.96 10.55
C VAL C 6 0.34 -13.72 12.03
N LEU C 7 -0.31 -12.62 12.41
CA LEU C 7 -0.68 -12.40 13.81
C LEU C 7 -2.16 -12.70 13.99
N LEU C 8 -2.42 -13.66 14.86
CA LEU C 8 -3.75 -14.17 15.08
C LEU C 8 -4.22 -13.83 16.50
N LEU C 9 -5.39 -13.22 16.63
CA LEU C 9 -5.90 -12.77 17.93
C LEU C 9 -7.14 -13.58 18.22
N GLY C 10 -7.13 -14.24 19.38
CA GLY C 10 -8.25 -15.06 19.82
C GLY C 10 -8.45 -14.89 21.31
N PHE C 11 -9.71 -14.92 21.74
CA PHE C 11 -10.00 -14.66 23.15
C PHE C 11 -9.92 -15.94 23.97
N GLU C 12 -10.00 -17.08 23.30
CA GLU C 12 -9.62 -18.37 23.90
C GLU C 12 -8.75 -19.21 22.97
N PHE C 13 -7.89 -20.01 23.57
CA PHE C 13 -6.90 -20.81 22.86
C PHE C 13 -6.52 -21.94 23.79
N LEU C 14 -6.40 -23.15 23.24
CA LEU C 14 -6.03 -24.32 24.03
C LEU C 14 -4.78 -23.99 24.85
N PRO C 15 -4.75 -24.36 26.12
CA PRO C 15 -5.63 -25.29 26.80
C PRO C 15 -6.84 -24.66 27.43
N VAL C 16 -7.20 -23.44 27.03
CA VAL C 16 -8.34 -22.77 27.63
C VAL C 16 -9.63 -23.00 26.82
N LYS C 17 -10.42 -24.01 27.20
CA LYS C 17 -11.69 -24.38 26.50
C LYS C 17 -12.84 -23.67 27.15
N VAL C 18 -13.72 -23.09 26.36
CA VAL C 18 -15.05 -22.69 26.86
C VAL C 18 -16.12 -23.29 25.94
N GLY C 19 -16.29 -22.72 24.75
CA GLY C 19 -17.08 -23.38 23.70
C GLY C 19 -16.09 -24.23 22.95
N GLY C 20 -16.31 -24.40 21.65
CA GLY C 20 -15.36 -25.08 20.77
C GLY C 20 -14.39 -24.15 20.04
N LEU C 21 -14.46 -22.86 20.33
CA LEU C 21 -13.65 -21.85 19.64
C LEU C 21 -12.12 -21.96 19.88
N ALA C 22 -11.73 -22.21 21.13
CA ALA C 22 -10.33 -22.46 21.48
C ALA C 22 -9.75 -23.55 20.62
N GLU C 23 -10.53 -24.61 20.43
CA GLU C 23 -10.08 -25.77 19.70
C GLU C 23 -9.88 -25.43 18.24
N ALA C 24 -10.83 -24.68 17.68
CA ALA C 24 -10.79 -24.23 16.29
C ALA C 24 -9.74 -23.18 16.03
N LEU C 25 -9.43 -22.32 16.99
CA LEU C 25 -8.28 -21.43 16.80
C LEU C 25 -6.93 -22.18 16.86
N THR C 26 -6.80 -23.18 17.72
CA THR C 26 -5.56 -23.94 17.78
C THR C 26 -5.34 -24.70 16.48
N ALA C 27 -6.43 -25.19 15.91
CA ALA C 27 -6.40 -25.91 14.63
C ALA C 27 -5.90 -25.07 13.46
N ILE C 28 -6.42 -23.85 13.36
CA ILE C 28 -6.04 -22.92 12.31
C ILE C 28 -4.59 -22.53 12.50
N SER C 29 -4.23 -22.26 13.75
CA SER C 29 -2.88 -21.78 14.01
C SER C 29 -1.89 -22.83 13.57
N GLU C 30 -2.19 -24.08 13.90
CA GLU C 30 -1.29 -25.16 13.60
C GLU C 30 -1.32 -25.50 12.12
N ALA C 31 -2.51 -25.53 11.53
CA ALA C 31 -2.62 -25.71 10.08
C ALA C 31 -1.75 -24.69 9.32
N LEU C 32 -1.86 -23.43 9.75
CA LEU C 32 -1.13 -22.33 9.14
C LEU C 32 0.36 -22.53 9.31
N ALA C 33 0.76 -23.07 10.45
CA ALA C 33 2.17 -23.23 10.76
C ALA C 33 2.78 -24.35 9.90
N SER C 34 2.00 -25.41 9.71
CA SER C 34 2.36 -26.53 8.83
C SER C 34 2.53 -26.18 7.37
N LEU C 35 1.86 -25.14 6.91
CA LEU C 35 2.07 -24.70 5.53
C LEU C 35 3.38 -23.93 5.42
N GLY C 36 4.03 -23.65 6.55
CA GLY C 36 5.33 -23.00 6.56
C GLY C 36 5.25 -21.54 6.90
N HIS C 37 4.05 -21.04 7.16
CA HIS C 37 3.90 -19.66 7.61
C HIS C 37 4.30 -19.51 9.08
N GLU C 38 4.74 -18.30 9.41
CA GLU C 38 5.17 -17.95 10.74
C GLU C 38 3.98 -17.32 11.47
N VAL C 39 3.54 -17.97 12.55
CA VAL C 39 2.30 -17.60 13.21
C VAL C 39 2.54 -17.16 14.64
N LEU C 40 2.18 -15.91 14.93
CA LEU C 40 2.13 -15.46 16.31
C LEU C 40 0.68 -15.42 16.78
N VAL C 41 0.41 -16.02 17.94
CA VAL C 41 -0.89 -15.96 18.58
C VAL C 41 -0.83 -15.08 19.85
N PHE C 42 -1.77 -14.13 19.96
CA PHE C 42 -2.02 -13.37 21.20
C PHE C 42 -3.39 -13.80 21.76
N THR C 43 -3.42 -14.08 23.04
CA THR C 43 -4.61 -14.53 23.76
C THR C 43 -4.39 -14.26 25.24
N PRO C 44 -5.48 -14.03 26.01
CA PRO C 44 -5.29 -13.78 27.42
C PRO C 44 -4.85 -15.02 28.16
N SER C 45 -4.16 -14.78 29.28
CA SER C 45 -3.83 -15.83 30.23
C SER C 45 -5.10 -16.47 30.85
N HIS C 46 -6.07 -15.63 31.17
CA HIS C 46 -7.23 -16.03 31.98
C HIS C 46 -6.76 -16.68 33.30
N GLY C 47 -5.68 -16.13 33.85
CA GLY C 47 -5.07 -16.60 35.08
C GLY C 47 -4.59 -18.04 35.09
N ARG C 48 -4.40 -18.65 33.92
CA ARG C 48 -3.90 -20.04 33.83
C ARG C 48 -2.38 -20.11 33.73
N PHE C 49 -1.76 -18.96 33.49
CA PHE C 49 -0.32 -18.85 33.30
C PHE C 49 0.17 -17.65 34.05
N GLN C 50 1.42 -17.69 34.49
CA GLN C 50 2.04 -16.56 35.14
C GLN C 50 3.25 -16.12 34.35
N GLY C 51 3.27 -14.87 33.91
CA GLY C 51 4.29 -14.44 32.97
C GLY C 51 5.30 -13.50 33.57
N GLU C 52 6.36 -13.23 32.82
CA GLU C 52 7.24 -12.12 33.17
C GLU C 52 6.48 -10.82 32.93
N GLU C 53 6.56 -9.95 33.94
CA GLU C 53 6.29 -8.52 33.79
C GLU C 53 7.07 -7.98 32.59
N ILE C 54 6.38 -7.36 31.62
CA ILE C 54 7.05 -6.73 30.47
C ILE C 54 6.80 -5.21 30.33
N GLY C 55 5.92 -4.64 31.13
CA GLY C 55 5.63 -3.23 31.02
C GLY C 55 4.31 -2.87 31.64
N LYS C 56 4.09 -1.57 31.81
CA LYS C 56 2.84 -1.05 32.33
C LYS C 56 2.09 -0.27 31.26
N ILE C 57 0.78 -0.49 31.22
CA ILE C 57 -0.12 0.35 30.42
C ILE C 57 -1.03 1.15 31.34
N ARG C 58 -1.63 2.22 30.82
CA ARG C 58 -2.81 2.80 31.45
C ARG C 58 -4.04 2.26 30.81
N VAL C 59 -4.95 1.72 31.61
CA VAL C 59 -6.31 1.46 31.15
C VAL C 59 -7.25 1.99 32.22
N PHE C 60 -8.27 2.72 31.79
CA PHE C 60 -9.35 3.19 32.65
C PHE C 60 -8.85 4.02 33.83
N GLY C 61 -7.85 4.86 33.61
CA GLY C 61 -7.34 5.69 34.69
C GLY C 61 -6.06 5.19 35.36
N GLU C 62 -5.88 3.86 35.52
CA GLU C 62 -4.67 3.33 36.23
C GLU C 62 -3.70 2.44 35.48
N GLU C 63 -2.49 2.38 36.06
CA GLU C 63 -1.47 1.35 35.82
C GLU C 63 -2.05 -0.04 35.72
N VAL C 64 -1.61 -0.81 34.73
CA VAL C 64 -1.75 -2.26 34.70
C VAL C 64 -0.42 -2.84 34.24
N GLN C 65 0.07 -3.80 35.00
CA GLN C 65 1.38 -4.42 34.76
C GLN C 65 1.11 -5.66 33.93
N VAL C 66 1.55 -5.61 32.69
CA VAL C 66 1.30 -6.68 31.73
C VAL C 66 2.34 -7.80 31.87
N LYS C 67 1.87 -9.04 31.93
CA LYS C 67 2.75 -10.19 31.98
C LYS C 67 2.49 -11.08 30.78
N VAL C 68 3.54 -11.70 30.25
CA VAL C 68 3.39 -12.53 29.07
C VAL C 68 4.02 -13.88 29.24
N SER C 69 3.31 -14.92 28.82
CA SER C 69 3.85 -16.27 28.80
C SER C 69 4.06 -16.73 27.37
N TYR C 70 5.27 -17.18 27.06
CA TYR C 70 5.62 -17.53 25.69
C TYR C 70 5.68 -19.02 25.46
N GLU C 71 5.22 -19.47 24.32
CA GLU C 71 5.28 -20.88 23.99
C GLU C 71 5.57 -21.00 22.52
N GLU C 72 6.45 -21.92 22.19
CA GLU C 72 6.86 -22.13 20.82
C GLU C 72 6.79 -23.60 20.54
N ARG C 73 6.18 -23.94 19.42
CA ARG C 73 6.25 -25.29 18.93
C ARG C 73 6.14 -25.19 17.44
N GLY C 74 7.28 -25.33 16.79
CA GLY C 74 7.37 -25.21 15.35
C GLY C 74 7.41 -23.76 14.94
N ASN C 75 6.70 -23.47 13.85
CA ASN C 75 6.50 -22.12 13.36
C ASN C 75 5.49 -21.33 14.20
N LEU C 76 4.81 -22.00 15.12
CA LEU C 76 3.77 -21.37 15.89
C LEU C 76 4.35 -20.76 17.16
N ARG C 77 4.30 -19.43 17.29
CA ARG C 77 4.65 -18.78 18.58
C ARG C 77 3.42 -18.21 19.32
N ILE C 78 3.23 -18.69 20.55
CA ILE C 78 2.04 -18.41 21.32
C ILE C 78 2.34 -17.50 22.47
N TYR C 79 1.67 -16.36 22.53
CA TYR C 79 1.84 -15.44 23.64
C TYR C 79 0.56 -15.35 24.47
N ARG C 80 0.64 -15.81 25.72
CA ARG C 80 -0.45 -15.68 26.70
C ARG C 80 -0.25 -14.47 27.59
N ILE C 81 -1.18 -13.53 27.45
CA ILE C 81 -1.05 -12.21 28.03
C ILE C 81 -1.85 -12.16 29.32
N GLY C 82 -1.12 -12.06 30.42
CA GLY C 82 -1.71 -11.91 31.73
C GLY C 82 -1.58 -10.43 31.96
N GLY C 83 -2.10 -9.95 33.08
CA GLY C 83 -2.04 -8.52 33.31
C GLY C 83 -2.90 -8.04 34.44
N GLY C 84 -4.11 -7.63 34.15
CA GLY C 84 -4.94 -7.04 35.19
C GLY C 84 -6.18 -7.87 35.27
N LEU C 85 -7.22 -7.40 34.57
CA LEU C 85 -8.39 -8.22 34.34
C LEU C 85 -8.06 -9.43 33.47
N LEU C 86 -6.97 -9.38 32.73
CA LEU C 86 -6.55 -10.56 31.96
C LEU C 86 -6.26 -11.78 32.82
N ASP C 87 -6.05 -11.56 34.12
CA ASP C 87 -5.79 -12.64 35.07
C ASP C 87 -7.05 -13.31 35.61
N SER C 88 -8.21 -12.75 35.32
CA SER C 88 -9.49 -13.32 35.75
C SER C 88 -9.74 -14.72 35.15
N GLU C 89 -10.06 -15.70 35.99
CA GLU C 89 -10.27 -17.09 35.53
C GLU C 89 -11.56 -17.26 34.76
N ASP C 90 -12.53 -16.42 35.05
CA ASP C 90 -13.79 -16.45 34.35
C ASP C 90 -13.50 -15.86 32.98
N VAL C 91 -13.59 -16.68 31.93
CA VAL C 91 -13.08 -16.30 30.61
C VAL C 91 -13.85 -15.13 30.06
N TYR C 92 -15.13 -15.35 29.84
CA TYR C 92 -16.00 -14.29 29.35
C TYR C 92 -16.39 -13.51 30.59
N GLY C 93 -15.37 -12.76 31.02
CA GLY C 93 -15.01 -12.51 32.40
C GLY C 93 -15.92 -11.64 33.22
N PRO C 94 -15.43 -11.17 34.38
CA PRO C 94 -16.22 -10.89 35.59
C PRO C 94 -17.55 -10.21 35.28
N GLY C 95 -18.48 -11.01 34.76
CA GLY C 95 -19.75 -10.47 34.26
C GLY C 95 -19.63 -9.54 33.06
N TRP C 96 -20.75 -8.96 32.69
CA TRP C 96 -20.85 -8.26 31.43
C TRP C 96 -19.85 -7.09 31.32
N ASP C 97 -19.75 -6.28 32.36
CA ASP C 97 -18.90 -5.09 32.27
C ASP C 97 -17.44 -5.41 32.50
N GLY C 98 -17.14 -6.37 33.34
CA GLY C 98 -15.76 -6.83 33.48
C GLY C 98 -15.24 -7.38 32.16
N LEU C 99 -16.05 -8.21 31.52
CA LEU C 99 -15.68 -8.77 30.24
C LEU C 99 -15.18 -7.68 29.29
N ILE C 100 -15.97 -6.62 29.11
CA ILE C 100 -15.63 -5.60 28.12
C ILE C 100 -14.37 -4.86 28.52
N ARG C 101 -14.22 -4.59 29.80
CA ARG C 101 -12.99 -4.00 30.32
C ARG C 101 -11.81 -4.90 30.04
N LYS C 102 -11.99 -6.21 30.21
CA LYS C 102 -10.94 -7.18 29.90
C LYS C 102 -10.51 -7.06 28.43
N ALA C 103 -11.51 -7.06 27.55
CA ALA C 103 -11.29 -6.95 26.11
C ALA C 103 -10.53 -5.68 25.74
N VAL C 104 -10.87 -4.57 26.38
CA VAL C 104 -10.13 -3.32 26.18
C VAL C 104 -8.69 -3.50 26.70
N THR C 105 -8.55 -4.10 27.87
CA THR C 105 -7.22 -4.35 28.40
C THR C 105 -6.40 -5.19 27.43
N PHE C 106 -7.03 -6.24 26.90
CA PHE C 106 -6.39 -7.07 25.92
C PHE C 106 -5.95 -6.22 24.70
N GLY C 107 -6.77 -5.23 24.33
CA GLY C 107 -6.46 -4.36 23.19
C GLY C 107 -5.13 -3.66 23.39
N ARG C 108 -5.00 -2.99 24.52
CA ARG C 108 -3.80 -2.23 24.81
C ARG C 108 -2.59 -3.09 25.17
N ALA C 109 -2.83 -4.23 25.81
CA ALA C 109 -1.77 -5.19 26.08
C ALA C 109 -1.19 -5.73 24.78
N SER C 110 -2.07 -6.09 23.83
CA SER C 110 -1.65 -6.61 22.52
C SER C 110 -0.76 -5.63 21.76
N VAL C 111 -1.00 -4.35 21.95
CA VAL C 111 -0.19 -3.30 21.33
C VAL C 111 1.19 -3.17 21.97
N LEU C 112 1.26 -3.18 23.30
CA LEU C 112 2.53 -3.14 24.00
C LEU C 112 3.39 -4.32 23.55
N LEU C 113 2.77 -5.50 23.51
CA LEU C 113 3.44 -6.74 23.12
C LEU C 113 3.91 -6.69 21.69
N LEU C 114 3.03 -6.31 20.78
CA LEU C 114 3.46 -6.13 19.40
C LEU C 114 4.58 -5.10 19.33
N ASN C 115 4.45 -4.02 20.07
CA ASN C 115 5.43 -2.95 20.03
C ASN C 115 6.86 -3.39 20.45
N ASP C 116 6.95 -4.17 21.54
CA ASP C 116 8.23 -4.71 22.00
C ASP C 116 8.88 -5.60 20.97
N LEU C 117 8.05 -6.42 20.30
CA LEU C 117 8.53 -7.37 19.32
C LEU C 117 9.14 -6.66 18.13
N LEU C 118 8.57 -5.50 17.78
CA LEU C 118 9.07 -4.69 16.67
C LEU C 118 10.43 -4.03 16.92
N ARG C 119 10.90 -4.07 18.15
CA ARG C 119 12.29 -3.73 18.42
C ARG C 119 13.21 -4.56 17.58
N GLU C 120 12.78 -5.78 17.26
CA GLU C 120 13.65 -6.76 16.61
C GLU C 120 12.97 -7.73 15.66
N GLU C 121 11.88 -7.30 15.06
CA GLU C 121 11.15 -8.11 14.10
C GLU C 121 10.44 -7.23 13.13
N PRO C 122 10.26 -7.72 11.91
CA PRO C 122 9.37 -7.04 10.99
C PRO C 122 7.91 -7.04 11.47
N LEU C 123 7.16 -6.01 11.12
CA LEU C 123 5.70 -6.08 11.23
C LEU C 123 5.21 -7.40 10.61
N PRO C 124 4.15 -8.00 11.15
CA PRO C 124 3.59 -9.12 10.41
C PRO C 124 2.82 -8.63 9.18
N ASP C 125 2.62 -9.53 8.22
CA ASP C 125 1.92 -9.22 6.97
C ASP C 125 0.38 -9.10 7.13
N VAL C 126 -0.18 -9.67 8.17
CA VAL C 126 -1.62 -9.54 8.41
C VAL C 126 -1.92 -9.71 9.87
N VAL C 127 -3.02 -9.13 10.34
CA VAL C 127 -3.59 -9.42 11.66
C VAL C 127 -4.95 -10.10 11.46
N HIS C 128 -5.06 -11.34 11.89
CA HIS C 128 -6.30 -12.10 11.72
C HIS C 128 -6.97 -12.19 13.08
N PHE C 129 -8.06 -11.44 13.32
CA PHE C 129 -8.75 -11.46 14.65
C PHE C 129 -10.15 -12.11 14.62
N HIS C 130 -10.47 -12.81 15.72
CA HIS C 130 -11.61 -13.74 15.77
C HIS C 130 -12.64 -13.37 16.83
N ASP C 131 -13.89 -13.19 16.37
CA ASP C 131 -15.04 -12.79 17.18
C ASP C 131 -14.85 -11.43 17.82
N TRP C 132 -15.91 -10.90 18.44
CA TRP C 132 -15.95 -9.47 18.79
C TRP C 132 -15.08 -9.07 19.98
N HIS C 133 -14.71 -10.04 20.82
CA HIS C 133 -13.87 -9.78 22.00
C HIS C 133 -12.49 -9.25 21.61
N THR C 134 -12.02 -9.68 20.45
CA THR C 134 -10.71 -9.27 19.92
C THR C 134 -10.73 -7.94 19.15
N VAL C 135 -11.86 -7.24 19.13
CA VAL C 135 -12.04 -6.10 18.22
C VAL C 135 -11.26 -4.87 18.63
N PHE C 136 -11.20 -4.62 19.93
CA PHE C 136 -10.40 -3.49 20.40
C PHE C 136 -8.93 -3.75 19.99
N ALA C 137 -8.48 -5.01 20.11
CA ALA C 137 -7.08 -5.40 19.80
C ALA C 137 -6.77 -5.23 18.33
N GLY C 138 -7.67 -5.72 17.50
CA GLY C 138 -7.54 -5.66 16.04
C GLY C 138 -7.52 -4.24 15.55
N ALA C 139 -8.53 -3.47 15.99
CA ALA C 139 -8.67 -2.09 15.58
C ALA C 139 -7.50 -1.21 16.04
N LEU C 140 -6.98 -1.42 17.24
CA LEU C 140 -5.81 -0.65 17.65
C LEU C 140 -4.61 -1.00 16.78
N ILE C 141 -4.45 -2.28 16.51
CA ILE C 141 -3.32 -2.73 15.71
C ILE C 141 -3.39 -2.20 14.29
N LYS C 142 -4.60 -2.23 13.72
CA LYS C 142 -4.83 -1.66 12.38
C LYS C 142 -4.58 -0.15 12.35
N LYS C 143 -4.97 0.52 13.44
CA LYS C 143 -4.89 1.98 13.53
C LYS C 143 -3.45 2.48 13.48
N TYR C 144 -2.62 1.93 14.35
CA TYR C 144 -1.25 2.43 14.55
C TYR C 144 -0.23 1.83 13.61
N PHE C 145 -0.38 0.55 13.33
CA PHE C 145 0.58 -0.20 12.54
C PHE C 145 0.15 -0.40 11.10
N LYS C 146 -1.15 -0.30 10.84
CA LYS C 146 -1.67 -0.13 9.46
C LYS C 146 -1.41 -1.36 8.55
N ILE C 147 -1.48 -2.55 9.13
CA ILE C 147 -1.26 -3.77 8.37
C ILE C 147 -2.61 -4.33 7.96
N PRO C 148 -2.66 -5.13 6.87
CA PRO C 148 -3.91 -5.81 6.56
C PRO C 148 -4.51 -6.54 7.76
N ALA C 149 -5.83 -6.53 7.80
CA ALA C 149 -6.56 -7.13 8.90
C ALA C 149 -7.72 -7.94 8.35
N VAL C 150 -7.93 -9.13 8.91
CA VAL C 150 -9.05 -9.97 8.53
C VAL C 150 -9.87 -10.35 9.76
N PHE C 151 -11.17 -10.05 9.70
CA PHE C 151 -12.10 -10.33 10.79
C PHE C 151 -12.86 -11.59 10.50
N THR C 152 -12.73 -12.57 11.37
CA THR C 152 -13.50 -13.83 11.26
C THR C 152 -14.56 -13.92 12.35
N ILE C 153 -15.79 -14.13 11.92
CA ILE C 153 -16.93 -14.26 12.83
C ILE C 153 -17.38 -15.70 12.86
N HIS C 154 -17.21 -16.33 14.02
CA HIS C 154 -17.78 -17.64 14.31
C HIS C 154 -19.12 -17.35 14.94
N ARG C 155 -19.47 -16.83 15.99
CA ARG C 155 -20.87 -16.82 16.30
C ARG C 155 -21.29 -15.41 16.55
N LEU C 156 -21.65 -15.38 16.01
CA LEU C 156 -22.38 -14.08 15.87
C LEU C 156 -23.41 -13.73 17.01
N ASN C 157 -23.07 -12.72 17.81
CA ASN C 157 -23.67 -12.50 19.15
C ASN C 157 -24.70 -11.36 19.30
N LYS C 158 -24.72 -10.42 18.36
CA LYS C 158 -25.84 -9.47 18.16
C LYS C 158 -26.14 -8.39 19.24
N SER C 159 -25.29 -8.31 20.26
CA SER C 159 -25.41 -7.28 21.29
C SER C 159 -24.75 -5.97 20.84
N LYS C 160 -24.78 -4.96 21.71
CA LYS C 160 -24.07 -3.68 21.54
C LYS C 160 -23.35 -3.34 22.83
N LEU C 161 -22.41 -2.42 22.73
CA LEU C 161 -21.63 -1.98 23.88
C LEU C 161 -21.74 -0.48 23.97
N PRO C 162 -21.86 0.03 25.19
CA PRO C 162 -21.78 1.46 25.40
C PRO C 162 -20.53 2.06 24.78
N ALA C 163 -20.70 3.22 24.15
CA ALA C 163 -19.60 3.97 23.55
C ALA C 163 -18.49 4.32 24.53
N PHE C 164 -18.86 4.48 25.79
CA PHE C 164 -17.90 4.58 26.89
C PHE C 164 -16.62 3.78 26.60
N TYR C 165 -16.79 2.47 26.37
CA TYR C 165 -15.66 1.53 26.29
C TYR C 165 -14.70 1.78 25.13
N PHE C 166 -15.24 2.23 24.01
CA PHE C 166 -14.41 2.64 22.87
C PHE C 166 -13.58 3.88 23.17
N HIS C 167 -14.20 4.88 23.81
CA HIS C 167 -13.46 6.08 24.21
C HIS C 167 -12.27 5.72 25.09
N GLU C 168 -12.47 4.73 25.95
CA GLU C 168 -11.43 4.23 26.89
C GLU C 168 -10.36 3.37 26.23
N ALA C 169 -10.75 2.72 25.15
CA ALA C 169 -9.85 1.98 24.27
C ALA C 169 -9.00 2.85 23.36
N GLY C 170 -9.27 4.16 23.29
CA GLY C 170 -8.56 5.04 22.37
C GLY C 170 -9.05 4.87 20.94
N LEU C 171 -10.34 4.61 20.80
CA LEU C 171 -10.97 4.33 19.50
C LEU C 171 -12.28 5.10 19.42
N SER C 172 -12.21 6.41 19.64
CA SER C 172 -13.38 7.27 19.66
C SER C 172 -13.92 7.49 18.28
N GLU C 173 -13.06 7.41 17.27
CA GLU C 173 -13.48 7.56 15.88
C GLU C 173 -14.40 6.42 15.45
N LEU C 174 -14.41 5.34 16.20
CA LEU C 174 -15.31 4.21 15.93
C LEU C 174 -16.61 4.28 16.72
N ALA C 175 -16.80 5.37 17.48
CA ALA C 175 -17.93 5.51 18.41
C ALA C 175 -18.77 6.77 18.15
N PRO C 176 -19.51 6.79 17.03
CA PRO C 176 -20.41 7.90 16.71
C PRO C 176 -21.87 7.60 17.15
N TYR C 177 -22.05 6.78 18.17
CA TYR C 177 -23.36 6.50 18.70
C TYR C 177 -23.21 6.34 20.18
N PRO C 178 -24.30 6.49 20.93
CA PRO C 178 -24.24 6.06 22.31
C PRO C 178 -23.86 4.56 22.45
N ASP C 179 -24.41 3.71 21.59
CA ASP C 179 -24.18 2.25 21.68
C ASP C 179 -23.76 1.60 20.35
N ILE C 180 -22.64 0.90 20.38
CA ILE C 180 -21.99 0.34 19.18
C ILE C 180 -21.99 -1.17 19.15
N ASP C 181 -22.36 -1.74 18.01
CA ASP C 181 -22.22 -3.19 17.80
C ASP C 181 -20.77 -3.51 17.48
N PRO C 182 -20.12 -4.29 18.34
CA PRO C 182 -18.69 -4.50 18.10
C PRO C 182 -18.41 -5.38 16.86
N GLU C 183 -19.39 -6.16 16.44
CA GLU C 183 -19.28 -6.97 15.22
C GLU C 183 -19.24 -6.14 13.95
N HIS C 184 -19.97 -5.04 13.98
CA HIS C 184 -20.00 -4.08 12.91
C HIS C 184 -18.66 -3.34 12.78
N THR C 185 -18.11 -2.95 13.92
CA THR C 185 -16.81 -2.30 13.98
C THR C 185 -15.69 -3.17 13.39
N GLY C 186 -15.70 -4.44 13.74
CA GLY C 186 -14.76 -5.40 13.21
C GLY C 186 -14.76 -5.44 11.69
N GLY C 187 -15.94 -5.61 11.11
CA GLY C 187 -16.09 -5.63 9.65
C GLY C 187 -15.76 -4.30 9.01
N TYR C 188 -16.11 -3.24 9.72
CA TYR C 188 -15.86 -1.88 9.22
C TYR C 188 -14.38 -1.56 9.11
N ILE C 189 -13.59 -1.90 10.13
CA ILE C 189 -12.15 -1.62 10.09
C ILE C 189 -11.35 -2.66 9.30
N ALA C 190 -11.98 -3.79 8.99
CA ALA C 190 -11.27 -4.92 8.40
C ALA C 190 -11.21 -4.87 6.90
N ASP C 191 -10.09 -5.33 6.37
CA ASP C 191 -9.89 -5.33 4.93
C ASP C 191 -10.73 -6.38 4.27
N ILE C 192 -10.82 -7.55 4.87
CA ILE C 192 -11.83 -8.53 4.47
C ILE C 192 -12.41 -9.24 5.69
N VAL C 193 -13.61 -9.78 5.53
CA VAL C 193 -14.37 -10.35 6.64
C VAL C 193 -14.72 -11.78 6.28
N THR C 194 -14.64 -12.69 7.24
CA THR C 194 -15.00 -14.08 6.98
C THR C 194 -16.00 -14.59 7.98
N THR C 195 -16.87 -15.45 7.50
CA THR C 195 -17.57 -16.31 8.41
C THR C 195 -17.43 -17.78 8.01
N VAL C 196 -17.81 -18.61 8.96
CA VAL C 196 -17.45 -20.00 9.07
C VAL C 196 -18.12 -20.99 8.09
N SER C 197 -19.10 -20.52 7.32
CA SER C 197 -19.68 -21.34 6.25
C SER C 197 -20.46 -20.46 5.30
N ARG C 198 -20.66 -20.93 4.07
CA ARG C 198 -21.45 -20.21 3.07
C ARG C 198 -22.95 -20.09 3.41
N GLY C 199 -23.47 -21.13 4.05
CA GLY C 199 -24.87 -21.15 4.43
C GLY C 199 -25.19 -20.16 5.52
N TYR C 200 -24.27 -20.05 6.47
CA TYR C 200 -24.43 -19.07 7.55
C TYR C 200 -24.34 -17.66 7.00
N LEU C 201 -23.44 -17.45 6.05
CA LEU C 201 -23.31 -16.17 5.36
C LEU C 201 -24.64 -15.72 4.75
N ILE C 202 -25.33 -16.65 4.12
CA ILE C 202 -26.57 -16.36 3.40
C ILE C 202 -27.71 -16.16 4.39
N ASP C 203 -27.81 -17.07 5.34
CA ASP C 203 -28.83 -16.96 6.39
C ASP C 203 -28.75 -15.64 7.12
N GLU C 204 -27.57 -15.23 7.54
CA GLU C 204 -27.47 -13.99 8.29
C GLU C 204 -27.02 -12.82 7.42
N TRP C 205 -27.49 -12.79 6.17
CA TRP C 205 -27.14 -11.73 5.23
C TRP C 205 -27.75 -10.38 5.63
N GLY C 206 -28.83 -10.42 6.40
CA GLY C 206 -29.39 -9.22 7.00
C GLY C 206 -28.25 -8.42 7.56
N PHE C 207 -27.40 -9.07 8.35
CA PHE C 207 -26.23 -8.43 8.93
C PHE C 207 -25.06 -8.29 7.92
N PHE C 208 -24.70 -9.39 7.28
CA PHE C 208 -23.43 -9.49 6.54
C PHE C 208 -23.35 -8.59 5.32
N ARG C 209 -24.51 -8.15 4.84
CA ARG C 209 -24.62 -7.31 3.64
C ARG C 209 -23.96 -5.94 3.80
N ASN C 210 -23.89 -5.44 5.04
CA ASN C 210 -23.18 -4.18 5.33
C ASN C 210 -21.74 -4.22 4.85
N PHE C 211 -21.21 -5.43 4.65
CA PHE C 211 -19.82 -5.64 4.29
C PHE C 211 -19.70 -6.21 2.90
N GLU C 212 -20.56 -5.71 2.01
CA GLU C 212 -20.74 -6.23 0.66
C GLU C 212 -19.51 -5.94 -0.19
N GLY C 213 -18.96 -6.99 -0.80
CA GLY C 213 -17.74 -6.90 -1.59
C GLY C 213 -16.48 -7.29 -0.83
N LYS C 214 -16.52 -7.23 0.50
CA LYS C 214 -15.38 -7.63 1.34
C LYS C 214 -15.66 -8.79 2.28
N ILE C 215 -16.87 -9.33 2.26
CA ILE C 215 -17.13 -10.50 3.11
C ILE C 215 -17.14 -11.77 2.27
N THR C 216 -16.64 -12.85 2.85
CA THR C 216 -16.69 -14.16 2.21
C THR C 216 -16.88 -15.19 3.29
N TYR C 217 -16.75 -16.47 2.93
CA TYR C 217 -16.76 -17.57 3.91
C TYR C 217 -15.45 -18.35 3.91
N VAL C 218 -15.10 -18.94 5.04
CA VAL C 218 -14.06 -19.96 5.07
C VAL C 218 -14.49 -21.06 6.05
N PHE C 219 -14.62 -22.28 5.56
CA PHE C 219 -15.09 -23.37 6.39
C PHE C 219 -14.08 -23.67 7.47
N ASN C 220 -14.59 -24.11 8.62
CA ASN C 220 -13.78 -24.77 9.60
C ASN C 220 -13.45 -26.15 9.06
N GLY C 221 -12.73 -26.93 9.85
CA GLY C 221 -12.37 -28.27 9.45
C GLY C 221 -12.61 -29.27 10.54
N ILE C 222 -12.47 -30.54 10.15
CA ILE C 222 -12.50 -31.66 11.08
C ILE C 222 -11.17 -32.42 11.00
N ASP C 223 -10.70 -32.89 12.15
CA ASP C 223 -9.54 -33.77 12.24
C ASP C 223 -10.00 -35.23 12.18
N CYS C 224 -10.18 -35.75 10.98
CA CYS C 224 -10.70 -37.11 10.82
C CYS C 224 -9.71 -38.17 11.30
N SER C 225 -8.45 -37.79 11.54
CA SER C 225 -7.49 -38.73 12.12
C SER C 225 -7.80 -39.10 13.60
N PHE C 226 -8.35 -38.18 14.39
CA PHE C 226 -8.87 -38.51 15.72
C PHE C 226 -10.23 -39.19 15.57
N TRP C 227 -11.10 -38.62 14.72
CA TRP C 227 -12.44 -39.17 14.53
C TRP C 227 -12.35 -40.28 13.52
N ASN C 228 -11.94 -41.44 13.99
CA ASN C 228 -11.45 -42.47 13.08
C ASN C 228 -11.79 -43.90 13.53
N GLU C 229 -12.16 -44.76 12.58
CA GLU C 229 -12.56 -46.12 12.90
C GLU C 229 -11.40 -46.98 13.39
N SER C 230 -10.18 -46.64 13.00
CA SER C 230 -9.00 -47.44 13.36
C SER C 230 -8.77 -47.50 14.88
N TYR C 231 -9.43 -46.61 15.62
CA TYR C 231 -9.54 -46.74 17.08
C TYR C 231 -10.63 -47.75 17.54
N LEU C 232 -11.43 -48.28 16.62
CA LEU C 232 -12.57 -49.12 16.98
C LEU C 232 -12.42 -50.59 16.53
N THR C 233 -13.22 -51.46 17.15
CA THR C 233 -13.10 -52.92 17.04
C THR C 233 -14.39 -53.65 16.65
N GLY C 234 -14.33 -54.40 15.56
CA GLY C 234 -15.40 -55.29 15.16
C GLY C 234 -15.99 -54.86 13.84
N SER C 235 -17.03 -55.57 13.41
CA SER C 235 -17.90 -55.09 12.33
C SER C 235 -18.71 -53.94 12.91
N ARG C 236 -19.19 -53.05 12.05
CA ARG C 236 -20.05 -51.95 12.49
C ARG C 236 -21.23 -52.53 13.29
N ASP C 237 -21.86 -53.54 12.69
CA ASP C 237 -23.07 -54.16 13.22
C ASP C 237 -22.89 -54.88 14.57
N GLU C 238 -21.67 -55.38 14.83
CA GLU C 238 -21.31 -55.92 16.14
C GLU C 238 -21.33 -54.83 17.20
N ARG C 239 -20.53 -53.80 16.98
CA ARG C 239 -20.48 -52.63 17.86
C ARG C 239 -21.88 -52.08 18.12
N LYS C 240 -22.67 -51.97 17.07
CA LYS C 240 -24.05 -51.49 17.20
C LYS C 240 -24.80 -52.40 18.19
N LYS C 241 -24.69 -53.71 17.95
CA LYS C 241 -25.33 -54.74 18.81
C LYS C 241 -25.01 -54.55 20.32
N SER C 242 -23.74 -54.74 20.72
CA SER C 242 -23.37 -54.76 22.17
C SER C 242 -23.36 -53.38 22.83
N LEU C 243 -23.57 -52.34 22.02
CA LEU C 243 -23.84 -51.00 22.56
C LEU C 243 -25.30 -50.87 22.91
N LEU C 244 -26.15 -51.46 22.08
CA LEU C 244 -27.56 -51.53 22.42
C LEU C 244 -27.76 -52.46 23.65
N SER C 245 -26.98 -53.55 23.71
CA SER C 245 -27.06 -54.51 24.84
C SER C 245 -26.65 -53.88 26.18
N LYS C 246 -25.67 -52.96 26.18
CA LYS C 246 -25.29 -52.27 27.43
C LYS C 246 -26.31 -51.16 27.83
N PHE C 247 -27.34 -50.97 27.02
CA PHE C 247 -28.53 -50.17 27.41
C PHE C 247 -29.82 -51.03 27.48
N GLY C 248 -29.71 -52.31 27.11
CA GLY C 248 -30.82 -53.27 27.15
C GLY C 248 -31.48 -53.58 25.82
N MET C 249 -31.41 -52.65 24.87
CA MET C 249 -32.04 -52.84 23.55
C MET C 249 -31.31 -53.88 22.70
N ASP C 250 -31.73 -54.02 21.45
CA ASP C 250 -31.08 -54.91 20.48
C ASP C 250 -31.38 -54.52 19.02
N GLU C 251 -30.70 -55.20 18.07
CA GLU C 251 -30.83 -55.01 16.60
C GLU C 251 -31.94 -54.06 16.16
N GLY C 252 -31.57 -52.84 15.76
CA GLY C 252 -32.56 -51.85 15.34
C GLY C 252 -31.92 -50.60 14.80
N VAL C 253 -32.49 -50.08 13.72
CA VAL C 253 -32.07 -48.81 13.11
C VAL C 253 -31.88 -47.75 14.23
N THR C 254 -30.64 -47.36 14.49
CA THR C 254 -30.37 -46.47 15.61
C THR C 254 -30.15 -45.03 15.18
N PHE C 255 -30.80 -44.14 15.93
CA PHE C 255 -30.72 -42.73 15.70
C PHE C 255 -30.12 -42.07 16.95
N MET C 256 -29.22 -41.12 16.70
CA MET C 256 -28.56 -40.41 17.77
C MET C 256 -28.73 -38.89 17.63
N PHE C 257 -28.86 -38.26 18.79
CA PHE C 257 -28.79 -36.80 18.92
C PHE C 257 -27.77 -36.55 20.04
N ILE C 258 -27.05 -35.43 19.89
CA ILE C 258 -26.13 -34.97 20.92
C ILE C 258 -26.01 -33.47 20.83
N GLY C 259 -25.93 -32.87 22.01
CA GLY C 259 -25.95 -31.41 22.16
C GLY C 259 -26.91 -30.98 23.25
N ARG C 260 -26.46 -29.98 24.03
CA ARG C 260 -27.25 -29.32 25.07
C ARG C 260 -28.73 -29.21 24.71
N PHE C 261 -29.59 -29.37 25.72
CA PHE C 261 -31.03 -29.12 25.55
C PHE C 261 -31.24 -27.68 25.96
N ASP C 262 -31.92 -26.93 25.10
CA ASP C 262 -32.10 -25.48 25.28
C ASP C 262 -33.24 -24.99 24.35
N ARG C 263 -33.47 -23.67 24.34
CA ARG C 263 -34.69 -23.07 23.76
C ARG C 263 -34.97 -23.48 22.29
N GLY C 264 -34.49 -22.69 21.35
CA GLY C 264 -34.80 -22.87 19.93
C GLY C 264 -33.55 -22.74 19.08
N GLN C 265 -32.44 -23.33 19.56
CA GLN C 265 -31.20 -23.45 18.79
C GLN C 265 -30.94 -24.92 18.35
N LYS C 266 -30.57 -25.80 19.29
CA LYS C 266 -30.09 -27.16 18.98
C LYS C 266 -31.18 -28.11 18.48
N GLY C 267 -32.36 -28.02 19.07
CA GLY C 267 -33.58 -28.65 18.51
C GLY C 267 -34.11 -29.96 19.07
N VAL C 268 -33.61 -30.42 20.22
CA VAL C 268 -34.19 -31.63 20.86
C VAL C 268 -35.72 -31.52 20.93
N ASP C 269 -36.20 -30.34 21.30
CA ASP C 269 -37.63 -30.08 21.31
C ASP C 269 -38.19 -30.60 19.96
N VAL C 270 -37.85 -29.98 18.84
CA VAL C 270 -38.37 -30.40 17.51
C VAL C 270 -38.31 -31.93 17.33
N LEU C 271 -37.30 -32.57 17.93
CA LEU C 271 -37.10 -34.02 17.80
C LEU C 271 -38.13 -34.79 18.63
N LEU C 272 -38.20 -34.47 19.93
CA LEU C 272 -39.17 -35.08 20.86
C LEU C 272 -40.64 -34.91 20.36
N LYS C 273 -41.00 -33.68 19.97
CA LYS C 273 -42.25 -33.40 19.24
C LYS C 273 -42.44 -34.24 17.95
N ALA C 274 -41.32 -34.64 17.32
CA ALA C 274 -41.34 -35.55 16.13
C ALA C 274 -41.30 -37.06 16.51
N ILE C 275 -40.92 -37.37 17.76
CA ILE C 275 -41.05 -38.74 18.30
C ILE C 275 -42.54 -39.03 18.58
N GLU C 276 -43.19 -38.12 19.32
CA GLU C 276 -44.64 -38.18 19.61
C GLU C 276 -45.44 -38.46 18.31
N ILE C 277 -44.97 -37.92 17.18
CA ILE C 277 -45.60 -38.17 15.85
C ILE C 277 -45.29 -39.60 15.27
N LEU C 278 -44.25 -40.24 15.81
CA LEU C 278 -43.84 -41.59 15.39
C LEU C 278 -44.33 -42.68 16.38
N SER C 279 -44.48 -42.31 17.67
CA SER C 279 -44.84 -43.26 18.76
C SER C 279 -46.17 -44.00 18.49
N SER C 280 -47.00 -43.41 17.64
CA SER C 280 -48.22 -44.03 17.15
C SER C 280 -48.24 -44.10 15.61
N LYS C 281 -47.11 -44.50 15.04
CA LYS C 281 -47.06 -45.07 13.67
C LYS C 281 -46.61 -46.50 13.92
N LYS C 282 -46.69 -47.35 12.90
CA LYS C 282 -46.47 -48.78 13.12
C LYS C 282 -44.98 -49.14 13.34
N GLU C 283 -44.14 -48.80 12.36
CA GLU C 283 -42.69 -49.22 12.32
C GLU C 283 -41.77 -48.60 13.42
N PHE C 284 -42.31 -47.67 14.23
CA PHE C 284 -41.66 -47.17 15.45
C PHE C 284 -40.97 -48.30 16.25
N GLN C 285 -41.34 -49.54 15.95
CA GLN C 285 -40.81 -50.74 16.63
C GLN C 285 -39.29 -50.93 16.36
N GLU C 286 -38.88 -50.74 15.10
CA GLU C 286 -37.48 -50.99 14.66
C GLU C 286 -36.48 -49.89 15.07
N MET C 287 -37.01 -48.70 15.35
CA MET C 287 -36.21 -47.50 15.65
C MET C 287 -35.74 -47.41 17.11
N ARG C 288 -34.43 -47.46 17.34
CA ARG C 288 -33.81 -47.15 18.65
C ARG C 288 -33.37 -45.67 18.72
N PHE C 289 -33.36 -45.07 19.91
CA PHE C 289 -33.24 -43.59 20.06
C PHE C 289 -32.37 -43.14 21.20
N ILE C 290 -31.09 -42.99 20.91
CA ILE C 290 -30.11 -42.56 21.91
C ILE C 290 -30.06 -41.04 21.85
N ILE C 291 -30.10 -40.40 23.01
CA ILE C 291 -30.22 -38.95 23.15
C ILE C 291 -29.17 -38.46 24.11
N ILE C 292 -28.40 -37.46 23.69
CA ILE C 292 -27.28 -36.99 24.53
C ILE C 292 -27.28 -35.46 24.70
N GLY C 293 -26.72 -35.06 25.86
CA GLY C 293 -26.56 -33.65 26.27
C GLY C 293 -27.04 -33.45 27.71
N LYS C 294 -26.68 -32.32 28.31
CA LYS C 294 -27.31 -31.84 29.57
C LYS C 294 -27.73 -30.36 29.46
N GLY C 295 -28.65 -29.91 30.31
CA GLY C 295 -28.93 -28.48 30.41
C GLY C 295 -30.22 -28.02 31.09
N ASP C 296 -31.25 -27.78 30.28
CA ASP C 296 -32.53 -27.20 30.72
C ASP C 296 -33.32 -28.24 31.57
N PRO C 297 -33.49 -27.97 32.91
CA PRO C 297 -34.27 -28.88 33.83
C PRO C 297 -35.67 -29.37 33.35
N GLU C 298 -36.43 -28.48 32.68
CA GLU C 298 -37.70 -28.85 32.01
C GLU C 298 -37.50 -29.97 30.98
N LEU C 299 -36.72 -29.65 29.94
CA LEU C 299 -36.45 -30.57 28.80
C LEU C 299 -35.63 -31.79 29.24
N GLU C 300 -34.70 -31.58 30.18
CA GLU C 300 -34.08 -32.70 30.91
C GLU C 300 -35.20 -33.65 31.35
N GLY C 301 -36.19 -33.10 32.06
CA GLY C 301 -37.43 -33.79 32.42
C GLY C 301 -38.18 -34.44 31.27
N TRP C 302 -38.63 -33.62 30.32
CA TRP C 302 -39.48 -34.09 29.23
C TRP C 302 -38.87 -35.26 28.42
N ALA C 303 -37.55 -35.38 28.46
CA ALA C 303 -36.91 -36.56 27.90
C ALA C 303 -37.18 -37.83 28.74
N ARG C 304 -36.66 -37.86 29.99
CA ARG C 304 -36.61 -39.09 30.83
C ARG C 304 -37.96 -39.77 31.13
N SER C 305 -39.04 -39.03 30.91
CA SER C 305 -40.38 -39.59 30.85
C SER C 305 -40.45 -40.63 29.71
N LEU C 306 -40.04 -40.19 28.51
CA LEU C 306 -39.95 -41.06 27.32
C LEU C 306 -38.86 -42.13 27.47
N GLU C 307 -37.70 -41.75 28.01
CA GLU C 307 -36.62 -42.71 28.38
C GLU C 307 -37.23 -43.94 29.06
N GLU C 308 -38.12 -43.69 30.03
CA GLU C 308 -38.81 -44.75 30.77
C GLU C 308 -40.14 -45.21 30.13
N LYS C 309 -40.84 -44.29 29.45
CA LYS C 309 -42.05 -44.69 28.71
C LYS C 309 -41.71 -45.74 27.64
N HIS C 310 -41.05 -45.32 26.55
CA HIS C 310 -40.64 -46.26 25.50
C HIS C 310 -39.34 -46.96 25.92
N GLY C 311 -39.32 -48.28 25.72
CA GLY C 311 -38.11 -49.10 25.89
C GLY C 311 -37.21 -49.04 24.64
N ASN C 312 -37.70 -48.33 23.62
CA ASN C 312 -36.87 -47.82 22.52
C ASN C 312 -35.81 -46.85 23.03
N VAL C 313 -36.29 -45.83 23.74
CA VAL C 313 -35.49 -44.67 24.12
C VAL C 313 -34.50 -44.94 25.28
N LYS C 314 -33.27 -44.46 25.06
CA LYS C 314 -32.23 -44.34 26.08
C LYS C 314 -31.85 -42.86 26.14
N VAL C 315 -31.45 -42.39 27.33
CA VAL C 315 -31.07 -40.98 27.55
C VAL C 315 -29.85 -40.88 28.44
N ILE C 316 -28.97 -39.94 28.09
CA ILE C 316 -27.76 -39.64 28.87
C ILE C 316 -27.60 -38.13 29.00
N THR C 317 -27.22 -37.71 30.21
CA THR C 317 -27.12 -36.28 30.52
C THR C 317 -25.97 -35.96 31.49
N GLU C 318 -24.92 -36.77 31.46
CA GLU C 318 -23.66 -36.34 32.05
C GLU C 318 -22.58 -36.50 30.98
N MET C 319 -21.58 -35.65 31.08
CA MET C 319 -20.52 -35.56 30.08
C MET C 319 -19.86 -36.93 29.89
N LEU C 320 -19.59 -37.27 28.63
CA LEU C 320 -18.94 -38.53 28.26
C LEU C 320 -17.61 -38.26 27.59
N SER C 321 -16.64 -39.16 27.79
CA SER C 321 -15.35 -39.05 27.09
C SER C 321 -15.61 -39.01 25.59
N ARG C 322 -14.84 -38.17 24.88
CA ARG C 322 -14.82 -38.11 23.39
C ARG C 322 -14.40 -39.46 22.77
N GLU C 323 -13.58 -40.20 23.52
CA GLU C 323 -13.23 -41.59 23.20
C GLU C 323 -14.47 -42.48 23.10
N PHE C 324 -15.41 -42.28 24.03
CA PHE C 324 -16.69 -42.97 23.96
C PHE C 324 -17.62 -42.41 22.87
N VAL C 325 -17.70 -41.07 22.76
CA VAL C 325 -18.51 -40.44 21.69
C VAL C 325 -18.04 -40.94 20.33
N ARG C 326 -16.72 -41.07 20.20
CA ARG C 326 -16.09 -41.67 19.01
C ARG C 326 -16.67 -43.07 18.74
N GLU C 327 -16.87 -43.85 19.81
CA GLU C 327 -17.42 -45.20 19.70
C GLU C 327 -18.86 -45.17 19.19
N LEU C 328 -19.63 -44.21 19.70
CA LEU C 328 -21.04 -44.02 19.30
C LEU C 328 -21.23 -43.73 17.81
N TYR C 329 -20.47 -42.74 17.30
CA TYR C 329 -20.57 -42.29 15.92
C TYR C 329 -20.28 -43.46 14.97
N GLY C 330 -19.30 -44.28 15.35
CA GLY C 330 -18.96 -45.51 14.62
C GLY C 330 -19.82 -46.75 14.88
N SER C 331 -20.91 -46.57 15.62
CA SER C 331 -21.87 -47.65 15.91
C SER C 331 -23.26 -47.36 15.33
N VAL C 332 -23.81 -46.18 15.66
CA VAL C 332 -25.18 -45.84 15.29
C VAL C 332 -25.29 -45.88 13.78
N ASP C 333 -26.50 -45.78 13.27
CA ASP C 333 -26.75 -45.74 11.85
C ASP C 333 -26.89 -44.32 11.35
N PHE C 334 -27.54 -43.49 12.17
CA PHE C 334 -27.86 -42.13 11.77
C PHE C 334 -27.70 -41.19 12.92
N VAL C 335 -27.22 -39.98 12.61
CA VAL C 335 -27.17 -38.90 13.58
C VAL C 335 -28.21 -37.88 13.16
N ILE C 336 -28.95 -37.40 14.15
CA ILE C 336 -29.96 -36.36 13.92
C ILE C 336 -29.43 -35.08 14.51
N ILE C 337 -29.49 -34.05 13.67
CA ILE C 337 -29.02 -32.70 13.98
C ILE C 337 -30.15 -31.75 13.56
N PRO C 338 -31.07 -31.47 14.50
CA PRO C 338 -32.27 -30.67 14.27
C PRO C 338 -32.08 -29.23 14.78
N SER C 339 -31.06 -28.54 14.29
CA SER C 339 -30.78 -27.18 14.74
C SER C 339 -31.71 -26.22 14.03
N TYR C 340 -31.90 -25.04 14.59
CA TYR C 340 -32.60 -23.94 13.85
C TYR C 340 -31.58 -23.09 13.10
N PHE C 341 -30.41 -22.91 13.71
CA PHE C 341 -29.25 -22.28 13.04
C PHE C 341 -27.95 -23.02 13.40
N GLU C 342 -27.09 -23.17 12.40
CA GLU C 342 -25.76 -23.74 12.63
C GLU C 342 -24.74 -22.98 11.80
N PRO C 343 -23.85 -22.21 12.47
CA PRO C 343 -22.78 -21.52 11.76
C PRO C 343 -21.88 -22.47 10.94
N PHE C 344 -21.46 -23.59 11.52
CA PHE C 344 -20.71 -24.58 10.77
C PHE C 344 -21.45 -25.93 10.78
N GLY C 345 -21.35 -26.66 11.89
CA GLY C 345 -21.92 -28.00 11.96
C GLY C 345 -20.84 -29.06 12.13
N LEU C 346 -20.02 -28.86 13.15
CA LEU C 346 -18.99 -29.82 13.49
C LEU C 346 -19.54 -31.23 13.75
N VAL C 347 -20.69 -31.33 14.38
CA VAL C 347 -21.27 -32.63 14.73
C VAL C 347 -21.44 -33.52 13.51
N ALA C 348 -22.05 -32.94 12.49
CA ALA C 348 -22.28 -33.67 11.24
C ALA C 348 -20.97 -34.24 10.69
N LEU C 349 -19.90 -33.47 10.85
CA LEU C 349 -18.62 -33.88 10.31
C LEU C 349 -18.00 -34.97 11.17
N GLU C 350 -18.03 -34.79 12.49
CA GLU C 350 -17.53 -35.82 13.42
C GLU C 350 -18.21 -37.15 13.14
N ALA C 351 -19.51 -37.06 12.92
CA ALA C 351 -20.34 -38.22 12.63
C ALA C 351 -19.93 -38.88 11.33
N MET C 352 -19.87 -38.09 10.27
CA MET C 352 -19.57 -38.61 8.94
C MET C 352 -18.18 -39.27 8.84
N CYS C 353 -17.23 -38.75 9.60
CA CYS C 353 -15.88 -39.33 9.68
C CYS C 353 -16.02 -40.79 10.04
N LEU C 354 -16.81 -41.06 11.06
CA LEU C 354 -16.98 -42.44 11.55
C LEU C 354 -18.02 -43.24 10.76
N GLY C 355 -18.71 -42.60 9.82
CA GLY C 355 -19.65 -43.29 8.92
C GLY C 355 -21.13 -43.13 9.29
N ALA C 356 -21.43 -42.48 10.42
CA ALA C 356 -22.81 -42.32 10.85
C ALA C 356 -23.42 -41.38 9.86
N ILE C 357 -24.67 -41.61 9.49
CA ILE C 357 -25.33 -40.77 8.49
C ILE C 357 -26.15 -39.66 9.15
N PRO C 358 -25.93 -38.42 8.71
CA PRO C 358 -26.60 -37.34 9.39
C PRO C 358 -27.95 -37.01 8.75
N ILE C 359 -28.93 -36.75 9.61
CA ILE C 359 -30.23 -36.21 9.20
C ILE C 359 -30.30 -34.84 9.83
N ALA C 360 -30.54 -33.81 9.00
CA ALA C 360 -30.18 -32.45 9.42
C ALA C 360 -31.03 -31.34 8.88
N SER C 361 -31.23 -30.34 9.74
CA SER C 361 -31.91 -29.10 9.37
C SER C 361 -31.11 -28.36 8.28
N ALA C 362 -31.77 -28.01 7.18
CA ALA C 362 -31.11 -27.32 6.08
C ALA C 362 -30.87 -25.86 6.46
N VAL C 363 -30.00 -25.62 7.43
CA VAL C 363 -29.90 -24.28 8.04
C VAL C 363 -28.54 -23.56 7.96
N GLY C 364 -27.44 -24.22 8.20
CA GLY C 364 -26.22 -23.44 8.24
C GLY C 364 -25.26 -23.93 7.21
N GLY C 365 -24.05 -24.17 7.70
CA GLY C 365 -23.08 -24.99 7.01
C GLY C 365 -23.51 -26.45 6.94
N LEU C 366 -24.51 -26.83 7.74
CA LEU C 366 -25.15 -28.13 7.54
C LEU C 366 -25.60 -28.21 6.10
N ARG C 367 -26.04 -27.08 5.57
CA ARG C 367 -26.50 -27.00 4.19
C ARG C 367 -25.37 -27.21 3.17
N ASP C 368 -24.16 -26.84 3.55
CA ASP C 368 -22.96 -26.99 2.71
C ASP C 368 -22.32 -28.34 2.92
N ILE C 369 -22.29 -28.80 4.17
CA ILE C 369 -21.62 -30.04 4.52
C ILE C 369 -22.31 -31.25 3.93
N ILE C 370 -23.65 -31.27 4.01
CA ILE C 370 -24.48 -32.42 3.66
C ILE C 370 -25.05 -32.29 2.23
N THR C 371 -25.00 -33.41 1.48
CA THR C 371 -25.52 -33.48 0.11
C THR C 371 -26.45 -34.68 -0.14
N ASN C 372 -27.02 -34.70 -1.35
CA ASN C 372 -27.90 -35.78 -1.84
C ASN C 372 -27.44 -37.16 -1.40
N GLU C 373 -26.15 -37.41 -1.66
CA GLU C 373 -25.51 -38.72 -1.49
C GLU C 373 -24.71 -38.86 -0.17
N THR C 374 -24.88 -37.89 0.74
CA THR C 374 -24.29 -38.00 2.08
C THR C 374 -25.30 -37.84 3.25
N GLY C 375 -26.58 -37.87 2.95
CA GLY C 375 -27.56 -37.81 4.02
C GLY C 375 -28.75 -36.95 3.70
N ILE C 376 -29.43 -36.56 4.77
CA ILE C 376 -30.82 -36.12 4.72
C ILE C 376 -30.98 -34.71 5.28
N LEU C 377 -31.38 -33.80 4.38
CA LEU C 377 -31.69 -32.41 4.74
C LEU C 377 -33.20 -32.19 4.83
N VAL C 378 -33.67 -31.88 6.03
CA VAL C 378 -35.08 -31.53 6.20
C VAL C 378 -35.22 -30.18 6.88
N LYS C 379 -35.78 -29.22 6.16
CA LYS C 379 -36.12 -27.92 6.74
C LYS C 379 -36.63 -28.02 8.18
N ALA C 380 -36.14 -27.13 9.05
CA ALA C 380 -36.31 -27.27 10.50
C ALA C 380 -37.47 -26.43 10.98
N GLY C 381 -37.74 -26.50 12.28
CA GLY C 381 -38.93 -25.90 12.87
C GLY C 381 -40.22 -26.54 12.38
N ASP C 382 -40.20 -27.86 12.14
CA ASP C 382 -41.42 -28.66 11.83
C ASP C 382 -41.18 -30.14 12.16
N PRO C 383 -41.60 -30.55 13.36
CA PRO C 383 -41.45 -31.97 13.71
C PRO C 383 -42.06 -32.92 12.64
N GLY C 384 -42.85 -32.36 11.73
CA GLY C 384 -43.53 -33.14 10.68
C GLY C 384 -42.63 -33.74 9.62
N GLU C 385 -41.90 -32.88 8.89
CA GLU C 385 -40.97 -33.36 7.85
C GLU C 385 -39.74 -34.07 8.47
N LEU C 386 -39.42 -33.77 9.75
CA LEU C 386 -38.40 -34.55 10.49
C LEU C 386 -38.90 -35.98 10.71
N ALA C 387 -40.15 -36.09 11.17
CA ALA C 387 -40.80 -37.39 11.41
C ALA C 387 -40.74 -38.24 10.13
N ASN C 388 -41.18 -37.62 9.03
CA ASN C 388 -41.07 -38.18 7.66
C ASN C 388 -39.70 -38.79 7.37
N ALA C 389 -38.66 -37.95 7.56
CA ALA C 389 -37.27 -38.28 7.22
C ALA C 389 -36.84 -39.54 7.94
N ILE C 390 -37.00 -39.49 9.27
CA ILE C 390 -36.73 -40.62 10.16
C ILE C 390 -37.24 -41.98 9.56
N LEU C 391 -38.40 -41.97 8.90
CA LEU C 391 -38.95 -43.17 8.23
C LEU C 391 -38.44 -43.42 6.79
N LYS C 392 -38.09 -42.36 6.05
CA LYS C 392 -37.39 -42.53 4.75
C LYS C 392 -35.97 -43.05 5.02
N ALA C 393 -35.45 -42.68 6.18
CA ALA C 393 -34.20 -43.22 6.70
C ALA C 393 -34.32 -44.72 6.95
N LEU C 394 -35.35 -45.09 7.70
CA LEU C 394 -35.69 -46.50 7.92
C LEU C 394 -35.83 -47.29 6.61
N GLU C 395 -36.47 -46.69 5.63
CA GLU C 395 -36.74 -47.35 4.33
C GLU C 395 -35.48 -47.67 3.48
N LEU C 396 -34.34 -47.39 4.07
CA LEU C 396 -33.08 -47.32 3.40
C LEU C 396 -32.13 -48.30 4.05
N SER C 397 -32.28 -48.46 5.36
CA SER C 397 -31.67 -49.57 6.10
C SER C 397 -32.23 -50.93 5.68
N ARG C 398 -33.18 -50.91 4.75
CA ARG C 398 -33.56 -52.10 4.01
C ARG C 398 -32.44 -52.57 3.09
N SER C 399 -31.76 -51.62 2.44
CA SER C 399 -30.74 -51.91 1.42
C SER C 399 -29.34 -51.59 1.93
N ASP C 400 -28.34 -51.65 1.05
CA ASP C 400 -26.98 -51.37 1.49
C ASP C 400 -26.70 -49.88 1.70
N LEU C 401 -26.74 -49.59 2.99
CA LEU C 401 -26.37 -48.34 3.64
C LEU C 401 -24.88 -48.01 3.38
N SER C 402 -24.05 -49.04 3.54
CA SER C 402 -22.60 -49.03 3.31
C SER C 402 -22.08 -48.08 2.24
N LYS C 403 -22.78 -47.99 1.13
CA LYS C 403 -22.33 -47.11 0.03
C LYS C 403 -22.34 -45.61 0.44
N PHE C 404 -23.36 -45.22 1.22
CA PHE C 404 -23.47 -43.87 1.81
C PHE C 404 -22.30 -43.59 2.79
N ARG C 405 -22.13 -44.47 3.77
CA ARG C 405 -21.09 -44.29 4.79
C ARG C 405 -19.72 -44.06 4.16
N GLU C 406 -19.48 -44.73 3.05
CA GLU C 406 -18.27 -44.56 2.25
C GLU C 406 -18.14 -43.09 1.78
N ASN C 407 -19.18 -42.61 1.10
CA ASN C 407 -19.28 -41.20 0.64
C ASN C 407 -19.16 -40.15 1.73
N CYS C 408 -19.49 -40.54 2.96
CA CYS C 408 -19.43 -39.68 4.16
C CYS C 408 -18.04 -39.48 4.68
N LYS C 409 -17.31 -40.56 4.90
CA LYS C 409 -15.87 -40.47 5.24
C LYS C 409 -15.15 -39.61 4.19
N LYS C 410 -15.30 -39.96 2.91
CA LYS C 410 -14.68 -39.16 1.85
C LYS C 410 -15.03 -37.69 2.01
N ARG C 411 -16.31 -37.44 2.21
CA ARG C 411 -16.86 -36.11 2.27
C ARG C 411 -16.30 -35.30 3.43
N ALA C 412 -16.35 -35.89 4.62
CA ALA C 412 -15.85 -35.23 5.83
C ALA C 412 -14.35 -34.99 5.80
N MET C 413 -13.60 -35.91 5.20
CA MET C 413 -12.15 -35.74 5.21
C MET C 413 -11.72 -34.77 4.08
N SER C 414 -12.67 -34.28 3.30
CA SER C 414 -12.38 -33.18 2.41
C SER C 414 -12.57 -31.84 3.08
N PHE C 415 -13.10 -31.84 4.30
CA PHE C 415 -13.23 -30.65 5.12
C PHE C 415 -12.07 -30.60 6.11
N SER C 416 -10.87 -30.43 5.57
CA SER C 416 -9.66 -30.33 6.40
C SER C 416 -9.30 -28.91 6.81
N TRP C 417 -8.64 -28.84 7.95
CA TRP C 417 -8.03 -27.62 8.42
C TRP C 417 -6.95 -27.06 7.45
N GLU C 418 -6.34 -27.95 6.67
CA GLU C 418 -5.31 -27.52 5.77
C GLU C 418 -5.92 -26.65 4.69
N LYS C 419 -7.07 -27.04 4.18
CA LYS C 419 -7.78 -26.24 3.19
C LYS C 419 -8.36 -24.91 3.72
N SER C 420 -8.74 -24.89 4.99
CA SER C 420 -9.18 -23.63 5.62
C SER C 420 -8.05 -22.63 5.62
N ALA C 421 -6.89 -23.13 5.97
CA ALA C 421 -5.68 -22.35 6.12
C ALA C 421 -5.28 -21.82 4.79
N GLU C 422 -5.29 -22.70 3.80
CA GLU C 422 -5.00 -22.35 2.42
C GLU C 422 -5.96 -21.26 1.98
N ARG C 423 -7.24 -21.41 2.29
CA ARG C 423 -8.19 -20.35 1.96
C ARG C 423 -8.01 -19.04 2.79
N TYR C 424 -7.62 -19.13 4.06
CA TYR C 424 -7.31 -17.93 4.83
C TYR C 424 -6.14 -17.16 4.21
N VAL C 425 -5.15 -17.88 3.70
CA VAL C 425 -4.02 -17.20 3.01
C VAL C 425 -4.48 -16.30 1.83
N LYS C 426 -5.37 -16.82 1.00
CA LYS C 426 -5.95 -16.03 -0.09
C LYS C 426 -6.60 -14.77 0.47
N ALA C 427 -7.43 -14.96 1.49
CA ALA C 427 -8.07 -13.87 2.21
C ALA C 427 -7.10 -12.84 2.77
N TYR C 428 -5.95 -13.29 3.29
CA TYR C 428 -5.01 -12.38 3.92
C TYR C 428 -4.46 -11.35 2.92
N THR C 429 -4.50 -11.70 1.63
CA THR C 429 -4.08 -10.80 0.56
C THR C 429 -5.24 -10.21 -0.21
N GLY C 430 -6.46 -10.62 0.09
CA GLY C 430 -7.61 -10.15 -0.68
C GLY C 430 -7.84 -10.98 -1.91
N SER C 431 -6.85 -11.78 -2.31
CA SER C 431 -7.02 -12.70 -3.43
C SER C 431 -8.10 -13.79 -3.19
N ILE C 432 -9.34 -13.39 -3.03
CA ILE C 432 -10.40 -14.36 -2.69
C ILE C 432 -11.75 -13.90 -3.21
N ASP C 433 -12.62 -14.84 -3.53
CA ASP C 433 -13.99 -14.51 -3.90
C ASP C 433 -14.75 -14.06 -2.68
N ARG C 434 -15.85 -13.38 -2.91
CA ARG C 434 -16.62 -12.76 -1.84
C ARG C 434 -18.07 -12.44 -2.27
N ALA C 435 -18.91 -12.16 -1.27
CA ALA C 435 -20.36 -11.99 -1.46
C ALA C 435 -20.73 -10.56 -1.83
N PHE C 436 -21.56 -10.43 -2.87
CA PHE C 436 -22.07 -9.16 -3.35
C PHE C 436 -23.60 -9.23 -3.43
N ASP C 437 -24.30 -8.16 -3.12
CA ASP C 437 -25.75 -8.21 -3.12
C ASP C 437 -26.29 -8.48 -4.53
N PHE C 438 -25.73 -7.85 -5.56
CA PHE C 438 -26.20 -8.09 -6.95
C PHE C 438 -25.92 -9.44 -7.64
N ILE C 439 -25.14 -10.33 -7.06
CA ILE C 439 -24.79 -11.61 -7.68
C ILE C 439 -25.66 -12.75 -7.11
N LEU C 440 -25.97 -13.78 -7.92
CA LEU C 440 -26.93 -14.89 -7.61
C LEU C 440 -28.30 -14.27 -7.48
#